data_6ZS4
# 
_entry.id   6ZS4 
# 
_audit_conform.dict_name       mmcif_pdbx.dic 
_audit_conform.dict_version    5.384 
_audit_conform.dict_location   http://mmcif.pdb.org/dictionaries/ascii/mmcif_pdbx.dic 
# 
loop_
_database_2.database_id 
_database_2.database_code 
_database_2.pdbx_database_accession 
_database_2.pdbx_DOI 
PDB   6ZS4         pdb_00006zs4 10.2210/pdb6zs4/pdb 
WWPDB D_1292108287 ?            ?                   
# 
loop_
_pdbx_audit_revision_history.ordinal 
_pdbx_audit_revision_history.data_content_type 
_pdbx_audit_revision_history.major_revision 
_pdbx_audit_revision_history.minor_revision 
_pdbx_audit_revision_history.revision_date 
1 'Structure model' 1 0 2020-10-07 
2 'Structure model' 1 1 2021-05-05 
3 'Structure model' 1 2 2024-01-31 
# 
_pdbx_audit_revision_details.ordinal             1 
_pdbx_audit_revision_details.revision_ordinal    1 
_pdbx_audit_revision_details.data_content_type   'Structure model' 
_pdbx_audit_revision_details.provider            repository 
_pdbx_audit_revision_details.type                'Initial release' 
_pdbx_audit_revision_details.description         ? 
_pdbx_audit_revision_details.details             ? 
# 
loop_
_pdbx_audit_revision_group.ordinal 
_pdbx_audit_revision_group.revision_ordinal 
_pdbx_audit_revision_group.data_content_type 
_pdbx_audit_revision_group.group 
1 2 'Structure model' 'Database references'    
2 3 'Structure model' 'Data collection'        
3 3 'Structure model' 'Database references'    
4 3 'Structure model' 'Refinement description' 
# 
loop_
_pdbx_audit_revision_category.ordinal 
_pdbx_audit_revision_category.revision_ordinal 
_pdbx_audit_revision_category.data_content_type 
_pdbx_audit_revision_category.category 
1 2 'Structure model' citation                      
2 2 'Structure model' citation_author               
3 3 'Structure model' chem_comp_atom                
4 3 'Structure model' chem_comp_bond                
5 3 'Structure model' database_2                    
6 3 'Structure model' pdbx_initial_refinement_model 
# 
loop_
_pdbx_audit_revision_item.ordinal 
_pdbx_audit_revision_item.revision_ordinal 
_pdbx_audit_revision_item.data_content_type 
_pdbx_audit_revision_item.item 
1  2 'Structure model' '_citation.country'                   
2  2 'Structure model' '_citation.journal_abbrev'            
3  2 'Structure model' '_citation.journal_id_ASTM'           
4  2 'Structure model' '_citation.journal_id_CSD'            
5  2 'Structure model' '_citation.journal_id_ISSN'           
6  2 'Structure model' '_citation.journal_volume'            
7  2 'Structure model' '_citation.page_first'                
8  2 'Structure model' '_citation.page_last'                 
9  2 'Structure model' '_citation.pdbx_database_id_DOI'      
10 2 'Structure model' '_citation.pdbx_database_id_PubMed'   
11 2 'Structure model' '_citation.title'                     
12 2 'Structure model' '_citation.year'                      
13 3 'Structure model' '_database_2.pdbx_DOI'                
14 3 'Structure model' '_database_2.pdbx_database_accession' 
# 
_pdbx_database_status.status_code                     REL 
_pdbx_database_status.status_code_sf                  REL 
_pdbx_database_status.status_code_mr                  ? 
_pdbx_database_status.entry_id                        6ZS4 
_pdbx_database_status.recvd_initial_deposition_date   2020-07-15 
_pdbx_database_status.SG_entry                        Y 
_pdbx_database_status.deposit_site                    PDBE 
_pdbx_database_status.process_site                    PDBE 
_pdbx_database_status.status_code_cs                  ? 
_pdbx_database_status.status_code_nmr_data            ? 
_pdbx_database_status.methods_development_category    ? 
_pdbx_database_status.pdb_format_compatible           Y 
# 
loop_
_audit_author.name 
_audit_author.pdbx_ordinal 
_audit_author.identifier_ORCID 
'Preuss, F.'                           1 ? 
'Joerger, A.C.'                        2 ? 
'Kraemer, A.'                          3 ? 
'Wanior, M.'                           4 ? 
'Knapp, S.'                            5 ? 
'Structural Genomics Consortium (SGC)' 6 ? 
# 
_citation.abstract                  ? 
_citation.abstract_id_CAS           ? 
_citation.book_id_ISBN              ? 
_citation.book_publisher            ? 
_citation.book_publisher_city       ? 
_citation.book_title                ? 
_citation.coordinate_linkage        ? 
_citation.country                   US 
_citation.database_id_Medline       ? 
_citation.details                   ? 
_citation.id                        primary 
_citation.journal_abbrev            J.Med.Chem. 
_citation.journal_id_ASTM           JMCMAR 
_citation.journal_id_CSD            0151 
_citation.journal_id_ISSN           0022-2623 
_citation.journal_full              ? 
_citation.journal_issue             ? 
_citation.journal_volume            63 
_citation.language                  ? 
_citation.page_first                14680 
_citation.page_last                 14699 
_citation.title                     'Pan-SMARCA/PB1 Bromodomain Inhibitors and Their Role in Regulating Adipogenesis.' 
_citation.year                      2020 
_citation.database_id_CSD           ? 
_citation.pdbx_database_id_DOI      10.1021/acs.jmedchem.0c01242 
_citation.pdbx_database_id_PubMed   33216538 
_citation.unpublished_flag          ? 
# 
loop_
_citation_author.citation_id 
_citation_author.name 
_citation_author.ordinal 
_citation_author.identifier_ORCID 
primary 'Wanior, M.'      1  0000-0001-9569-4487 
primary 'Preuss, F.'      2  ?                   
primary 'Ni, X.'          3  ?                   
primary 'Kramer, A.'      4  ?                   
primary 'Mathea, S.'      5  0000-0001-8500-4569 
primary 'Gobel, T.'       6  ?                   
primary 'Heidenreich, D.' 7  ?                   
primary 'Simonyi, S.'     8  ?                   
primary 'Kahnt, A.S.'     9  ?                   
primary 'Joerger, A.C.'   10 0000-0002-1232-0138 
primary 'Knapp, S.'       11 0000-0001-5995-6494 
# 
loop_
_entity.id 
_entity.type 
_entity.src_method 
_entity.pdbx_description 
_entity.formula_weight 
_entity.pdbx_number_of_molecules 
_entity.pdbx_ec 
_entity.pdbx_mutation 
_entity.pdbx_fragment 
_entity.details 
1 polymer     man 'Protein polybromo-1'                                                              14648.000 1  ? ? ? ? 
2 non-polymer syn 'tert-butyl 4-[3-amino-6-(2-hydroxyphenyl)pyridazin-4-yl]piperazine-1-carboxylate' 371.434   1  ? ? ? ? 
3 non-polymer syn 1,2-ETHANEDIOL                                                                     62.068    1  ? ? ? ? 
4 water       nat water                                                                              18.015    82 ? ? ? ? 
# 
_entity_name_com.entity_id   1 
_entity_name_com.name        'hPB1,BRG1-associated factor 180,BAF180,Polybromo-1D' 
# 
_entity_poly.entity_id                      1 
_entity_poly.type                           'polypeptide(L)' 
_entity_poly.nstd_linkage                   no 
_entity_poly.nstd_monomer                   no 
_entity_poly.pdbx_seq_one_letter_code       
;SMSGISPKKSKYMTPMQQKLNEVYEAVKNYTDKRGRRLSAIFLRLPSRSELPDYYLTIKKPMDMEKIRSHMMANKYQDID
SMVEDFVMMFNNACTYNEPESLIYKDALVLHKVLLETRRDLEGD
;
_entity_poly.pdbx_seq_one_letter_code_can   
;SMSGISPKKSKYMTPMQQKLNEVYEAVKNYTDKRGRRLSAIFLRLPSRSELPDYYLTIKKPMDMEKIRSHMMANKYQDID
SMVEDFVMMFNNACTYNEPESLIYKDALVLHKVLLETRRDLEGD
;
_entity_poly.pdbx_strand_id                 A 
_entity_poly.pdbx_target_identifier         ? 
# 
loop_
_pdbx_entity_nonpoly.entity_id 
_pdbx_entity_nonpoly.name 
_pdbx_entity_nonpoly.comp_id 
2 'tert-butyl 4-[3-amino-6-(2-hydroxyphenyl)pyridazin-4-yl]piperazine-1-carboxylate' QP8 
3 1,2-ETHANEDIOL                                                                     EDO 
4 water                                                                              HOH 
# 
loop_
_entity_poly_seq.entity_id 
_entity_poly_seq.num 
_entity_poly_seq.mon_id 
_entity_poly_seq.hetero 
1 1   SER n 
1 2   MET n 
1 3   SER n 
1 4   GLY n 
1 5   ILE n 
1 6   SER n 
1 7   PRO n 
1 8   LYS n 
1 9   LYS n 
1 10  SER n 
1 11  LYS n 
1 12  TYR n 
1 13  MET n 
1 14  THR n 
1 15  PRO n 
1 16  MET n 
1 17  GLN n 
1 18  GLN n 
1 19  LYS n 
1 20  LEU n 
1 21  ASN n 
1 22  GLU n 
1 23  VAL n 
1 24  TYR n 
1 25  GLU n 
1 26  ALA n 
1 27  VAL n 
1 28  LYS n 
1 29  ASN n 
1 30  TYR n 
1 31  THR n 
1 32  ASP n 
1 33  LYS n 
1 34  ARG n 
1 35  GLY n 
1 36  ARG n 
1 37  ARG n 
1 38  LEU n 
1 39  SER n 
1 40  ALA n 
1 41  ILE n 
1 42  PHE n 
1 43  LEU n 
1 44  ARG n 
1 45  LEU n 
1 46  PRO n 
1 47  SER n 
1 48  ARG n 
1 49  SER n 
1 50  GLU n 
1 51  LEU n 
1 52  PRO n 
1 53  ASP n 
1 54  TYR n 
1 55  TYR n 
1 56  LEU n 
1 57  THR n 
1 58  ILE n 
1 59  LYS n 
1 60  LYS n 
1 61  PRO n 
1 62  MET n 
1 63  ASP n 
1 64  MET n 
1 65  GLU n 
1 66  LYS n 
1 67  ILE n 
1 68  ARG n 
1 69  SER n 
1 70  HIS n 
1 71  MET n 
1 72  MET n 
1 73  ALA n 
1 74  ASN n 
1 75  LYS n 
1 76  TYR n 
1 77  GLN n 
1 78  ASP n 
1 79  ILE n 
1 80  ASP n 
1 81  SER n 
1 82  MET n 
1 83  VAL n 
1 84  GLU n 
1 85  ASP n 
1 86  PHE n 
1 87  VAL n 
1 88  MET n 
1 89  MET n 
1 90  PHE n 
1 91  ASN n 
1 92  ASN n 
1 93  ALA n 
1 94  CYS n 
1 95  THR n 
1 96  TYR n 
1 97  ASN n 
1 98  GLU n 
1 99  PRO n 
1 100 GLU n 
1 101 SER n 
1 102 LEU n 
1 103 ILE n 
1 104 TYR n 
1 105 LYS n 
1 106 ASP n 
1 107 ALA n 
1 108 LEU n 
1 109 VAL n 
1 110 LEU n 
1 111 HIS n 
1 112 LYS n 
1 113 VAL n 
1 114 LEU n 
1 115 LEU n 
1 116 GLU n 
1 117 THR n 
1 118 ARG n 
1 119 ARG n 
1 120 ASP n 
1 121 LEU n 
1 122 GLU n 
1 123 GLY n 
1 124 ASP n 
# 
_entity_src_gen.entity_id                          1 
_entity_src_gen.pdbx_src_id                        1 
_entity_src_gen.pdbx_alt_source_flag               sample 
_entity_src_gen.pdbx_seq_type                      'Biological sequence' 
_entity_src_gen.pdbx_beg_seq_num                   1 
_entity_src_gen.pdbx_end_seq_num                   124 
_entity_src_gen.gene_src_common_name               Human 
_entity_src_gen.gene_src_genus                     ? 
_entity_src_gen.pdbx_gene_src_gene                 'PBRM1, BAF180, PB1' 
_entity_src_gen.gene_src_species                   ? 
_entity_src_gen.gene_src_strain                    ? 
_entity_src_gen.gene_src_tissue                    ? 
_entity_src_gen.gene_src_tissue_fraction           ? 
_entity_src_gen.gene_src_details                   ? 
_entity_src_gen.pdbx_gene_src_fragment             ? 
_entity_src_gen.pdbx_gene_src_scientific_name      'Homo sapiens' 
_entity_src_gen.pdbx_gene_src_ncbi_taxonomy_id     9606 
_entity_src_gen.pdbx_gene_src_variant              ? 
_entity_src_gen.pdbx_gene_src_cell_line            ? 
_entity_src_gen.pdbx_gene_src_atcc                 ? 
_entity_src_gen.pdbx_gene_src_organ                ? 
_entity_src_gen.pdbx_gene_src_organelle            ? 
_entity_src_gen.pdbx_gene_src_cell                 ? 
_entity_src_gen.pdbx_gene_src_cellular_location    ? 
_entity_src_gen.host_org_common_name               ? 
_entity_src_gen.pdbx_host_org_scientific_name      'Escherichia coli' 
_entity_src_gen.pdbx_host_org_ncbi_taxonomy_id     562 
_entity_src_gen.host_org_genus                     ? 
_entity_src_gen.pdbx_host_org_gene                 ? 
_entity_src_gen.pdbx_host_org_organ                ? 
_entity_src_gen.host_org_species                   ? 
_entity_src_gen.pdbx_host_org_tissue               ? 
_entity_src_gen.pdbx_host_org_tissue_fraction      ? 
_entity_src_gen.pdbx_host_org_strain               ? 
_entity_src_gen.pdbx_host_org_variant              ? 
_entity_src_gen.pdbx_host_org_cell_line            ? 
_entity_src_gen.pdbx_host_org_atcc                 ? 
_entity_src_gen.pdbx_host_org_culture_collection   ? 
_entity_src_gen.pdbx_host_org_cell                 ? 
_entity_src_gen.pdbx_host_org_organelle            ? 
_entity_src_gen.pdbx_host_org_cellular_location    ? 
_entity_src_gen.pdbx_host_org_vector_type          ? 
_entity_src_gen.pdbx_host_org_vector               ? 
_entity_src_gen.host_org_details                   ? 
_entity_src_gen.expression_system_id               ? 
_entity_src_gen.plasmid_name                       ? 
_entity_src_gen.plasmid_details                    ? 
_entity_src_gen.pdbx_description                   ? 
# 
loop_
_chem_comp.id 
_chem_comp.type 
_chem_comp.mon_nstd_flag 
_chem_comp.name 
_chem_comp.pdbx_synonyms 
_chem_comp.formula 
_chem_comp.formula_weight 
ALA 'L-peptide linking' y ALANINE                                                                            ? 'C3 H7 N O2'     
89.093  
ARG 'L-peptide linking' y ARGININE                                                                           ? 'C6 H15 N4 O2 1' 
175.209 
ASN 'L-peptide linking' y ASPARAGINE                                                                         ? 'C4 H8 N2 O3'    
132.118 
ASP 'L-peptide linking' y 'ASPARTIC ACID'                                                                    ? 'C4 H7 N O4'     
133.103 
CYS 'L-peptide linking' y CYSTEINE                                                                           ? 'C3 H7 N O2 S'   
121.158 
EDO non-polymer         . 1,2-ETHANEDIOL                                                                     'ETHYLENE GLYCOL' 
'C2 H6 O2'       62.068  
GLN 'L-peptide linking' y GLUTAMINE                                                                          ? 'C5 H10 N2 O3'   
146.144 
GLU 'L-peptide linking' y 'GLUTAMIC ACID'                                                                    ? 'C5 H9 N O4'     
147.129 
GLY 'peptide linking'   y GLYCINE                                                                            ? 'C2 H5 N O2'     
75.067  
HIS 'L-peptide linking' y HISTIDINE                                                                          ? 'C6 H10 N3 O2 1' 
156.162 
HOH non-polymer         . WATER                                                                              ? 'H2 O'           
18.015  
ILE 'L-peptide linking' y ISOLEUCINE                                                                         ? 'C6 H13 N O2'    
131.173 
LEU 'L-peptide linking' y LEUCINE                                                                            ? 'C6 H13 N O2'    
131.173 
LYS 'L-peptide linking' y LYSINE                                                                             ? 'C6 H15 N2 O2 1' 
147.195 
MET 'L-peptide linking' y METHIONINE                                                                         ? 'C5 H11 N O2 S'  
149.211 
PHE 'L-peptide linking' y PHENYLALANINE                                                                      ? 'C9 H11 N O2'    
165.189 
PRO 'L-peptide linking' y PROLINE                                                                            ? 'C5 H9 N O2'     
115.130 
QP8 non-polymer         . 'tert-butyl 4-[3-amino-6-(2-hydroxyphenyl)pyridazin-4-yl]piperazine-1-carboxylate' 
'~{tert}-butyl 4-[3-azanyl-6-(2-hydroxyphenyl)pyridazin-4-yl]piperazine-1-carboxylate' 'C19 H25 N5 O3'  371.434 
SER 'L-peptide linking' y SERINE                                                                             ? 'C3 H7 N O3'     
105.093 
THR 'L-peptide linking' y THREONINE                                                                          ? 'C4 H9 N O3'     
119.119 
TYR 'L-peptide linking' y TYROSINE                                                                           ? 'C9 H11 N O3'    
181.189 
VAL 'L-peptide linking' y VALINE                                                                             ? 'C5 H11 N O2'    
117.146 
# 
loop_
_pdbx_poly_seq_scheme.asym_id 
_pdbx_poly_seq_scheme.entity_id 
_pdbx_poly_seq_scheme.seq_id 
_pdbx_poly_seq_scheme.mon_id 
_pdbx_poly_seq_scheme.ndb_seq_num 
_pdbx_poly_seq_scheme.pdb_seq_num 
_pdbx_poly_seq_scheme.auth_seq_num 
_pdbx_poly_seq_scheme.pdb_mon_id 
_pdbx_poly_seq_scheme.auth_mon_id 
_pdbx_poly_seq_scheme.pdb_strand_id 
_pdbx_poly_seq_scheme.pdb_ins_code 
_pdbx_poly_seq_scheme.hetero 
A 1 1   SER 1   643 ?   ?   ?   A . n 
A 1 2   MET 2   644 ?   ?   ?   A . n 
A 1 3   SER 3   645 ?   ?   ?   A . n 
A 1 4   GLY 4   646 ?   ?   ?   A . n 
A 1 5   ILE 5   647 ?   ?   ?   A . n 
A 1 6   SER 6   648 ?   ?   ?   A . n 
A 1 7   PRO 7   649 ?   ?   ?   A . n 
A 1 8   LYS 8   650 ?   ?   ?   A . n 
A 1 9   LYS 9   651 ?   ?   ?   A . n 
A 1 10  SER 10  652 ?   ?   ?   A . n 
A 1 11  LYS 11  653 ?   ?   ?   A . n 
A 1 12  TYR 12  654 ?   ?   ?   A . n 
A 1 13  MET 13  655 655 MET MET A . n 
A 1 14  THR 14  656 656 THR THR A . n 
A 1 15  PRO 15  657 657 PRO PRO A . n 
A 1 16  MET 16  658 658 MET MET A . n 
A 1 17  GLN 17  659 659 GLN GLN A . n 
A 1 18  GLN 18  660 660 GLN GLN A . n 
A 1 19  LYS 19  661 661 LYS LYS A . n 
A 1 20  LEU 20  662 662 LEU LEU A . n 
A 1 21  ASN 21  663 663 ASN ASN A . n 
A 1 22  GLU 22  664 664 GLU GLU A . n 
A 1 23  VAL 23  665 665 VAL VAL A . n 
A 1 24  TYR 24  666 666 TYR TYR A . n 
A 1 25  GLU 25  667 667 GLU GLU A . n 
A 1 26  ALA 26  668 668 ALA ALA A . n 
A 1 27  VAL 27  669 669 VAL VAL A . n 
A 1 28  LYS 28  670 670 LYS LYS A . n 
A 1 29  ASN 29  671 671 ASN ASN A . n 
A 1 30  TYR 30  672 672 TYR TYR A . n 
A 1 31  THR 31  673 673 THR THR A . n 
A 1 32  ASP 32  674 674 ASP ASP A . n 
A 1 33  LYS 33  675 675 LYS LYS A . n 
A 1 34  ARG 34  676 676 ARG ARG A . n 
A 1 35  GLY 35  677 677 GLY GLY A . n 
A 1 36  ARG 36  678 678 ARG ARG A . n 
A 1 37  ARG 37  679 679 ARG ARG A . n 
A 1 38  LEU 38  680 680 LEU LEU A . n 
A 1 39  SER 39  681 681 SER SER A . n 
A 1 40  ALA 40  682 682 ALA ALA A . n 
A 1 41  ILE 41  683 683 ILE ILE A . n 
A 1 42  PHE 42  684 684 PHE PHE A . n 
A 1 43  LEU 43  685 685 LEU LEU A . n 
A 1 44  ARG 44  686 686 ARG ARG A . n 
A 1 45  LEU 45  687 687 LEU LEU A . n 
A 1 46  PRO 46  688 688 PRO PRO A . n 
A 1 47  SER 47  689 689 SER SER A . n 
A 1 48  ARG 48  690 690 ARG ARG A . n 
A 1 49  SER 49  691 691 SER SER A . n 
A 1 50  GLU 50  692 692 GLU GLU A . n 
A 1 51  LEU 51  693 693 LEU LEU A . n 
A 1 52  PRO 52  694 694 PRO PRO A . n 
A 1 53  ASP 53  695 695 ASP ASP A . n 
A 1 54  TYR 54  696 696 TYR TYR A . n 
A 1 55  TYR 55  697 697 TYR TYR A . n 
A 1 56  LEU 56  698 698 LEU LEU A . n 
A 1 57  THR 57  699 699 THR THR A . n 
A 1 58  ILE 58  700 700 ILE ILE A . n 
A 1 59  LYS 59  701 701 LYS LYS A . n 
A 1 60  LYS 60  702 702 LYS LYS A . n 
A 1 61  PRO 61  703 703 PRO PRO A . n 
A 1 62  MET 62  704 704 MET MET A . n 
A 1 63  ASP 63  705 705 ASP ASP A . n 
A 1 64  MET 64  706 706 MET MET A . n 
A 1 65  GLU 65  707 707 GLU GLU A . n 
A 1 66  LYS 66  708 708 LYS LYS A . n 
A 1 67  ILE 67  709 709 ILE ILE A . n 
A 1 68  ARG 68  710 710 ARG ARG A . n 
A 1 69  SER 69  711 711 SER SER A . n 
A 1 70  HIS 70  712 712 HIS HIS A . n 
A 1 71  MET 71  713 713 MET MET A . n 
A 1 72  MET 72  714 714 MET MET A . n 
A 1 73  ALA 73  715 715 ALA ALA A . n 
A 1 74  ASN 74  716 716 ASN ASN A . n 
A 1 75  LYS 75  717 717 LYS LYS A . n 
A 1 76  TYR 76  718 718 TYR TYR A . n 
A 1 77  GLN 77  719 719 GLN GLN A . n 
A 1 78  ASP 78  720 720 ASP ASP A . n 
A 1 79  ILE 79  721 721 ILE ILE A . n 
A 1 80  ASP 80  722 722 ASP ASP A . n 
A 1 81  SER 81  723 723 SER SER A . n 
A 1 82  MET 82  724 724 MET MET A . n 
A 1 83  VAL 83  725 725 VAL VAL A . n 
A 1 84  GLU 84  726 726 GLU GLU A . n 
A 1 85  ASP 85  727 727 ASP ASP A . n 
A 1 86  PHE 86  728 728 PHE PHE A . n 
A 1 87  VAL 87  729 729 VAL VAL A . n 
A 1 88  MET 88  730 730 MET MET A . n 
A 1 89  MET 89  731 731 MET MET A . n 
A 1 90  PHE 90  732 732 PHE PHE A . n 
A 1 91  ASN 91  733 733 ASN ASN A . n 
A 1 92  ASN 92  734 734 ASN ASN A . n 
A 1 93  ALA 93  735 735 ALA ALA A . n 
A 1 94  CYS 94  736 736 CYS CYS A . n 
A 1 95  THR 95  737 737 THR THR A . n 
A 1 96  TYR 96  738 738 TYR TYR A . n 
A 1 97  ASN 97  739 739 ASN ASN A . n 
A 1 98  GLU 98  740 740 GLU GLU A . n 
A 1 99  PRO 99  741 741 PRO PRO A . n 
A 1 100 GLU 100 742 742 GLU GLU A . n 
A 1 101 SER 101 743 743 SER SER A . n 
A 1 102 LEU 102 744 744 LEU LEU A . n 
A 1 103 ILE 103 745 745 ILE ILE A . n 
A 1 104 TYR 104 746 746 TYR TYR A . n 
A 1 105 LYS 105 747 747 LYS LYS A . n 
A 1 106 ASP 106 748 748 ASP ASP A . n 
A 1 107 ALA 107 749 749 ALA ALA A . n 
A 1 108 LEU 108 750 750 LEU LEU A . n 
A 1 109 VAL 109 751 751 VAL VAL A . n 
A 1 110 LEU 110 752 752 LEU LEU A . n 
A 1 111 HIS 111 753 753 HIS HIS A . n 
A 1 112 LYS 112 754 754 LYS LYS A . n 
A 1 113 VAL 113 755 755 VAL VAL A . n 
A 1 114 LEU 114 756 756 LEU LEU A . n 
A 1 115 LEU 115 757 757 LEU LEU A . n 
A 1 116 GLU 116 758 758 GLU GLU A . n 
A 1 117 THR 117 759 759 THR THR A . n 
A 1 118 ARG 118 760 760 ARG ARG A . n 
A 1 119 ARG 119 761 761 ARG ARG A . n 
A 1 120 ASP 120 762 762 ASP ASP A . n 
A 1 121 LEU 121 763 763 LEU LEU A . n 
A 1 122 GLU 122 764 764 GLU GLU A . n 
A 1 123 GLY 123 765 ?   ?   ?   A . n 
A 1 124 ASP 124 766 ?   ?   ?   A . n 
# 
loop_
_pdbx_nonpoly_scheme.asym_id 
_pdbx_nonpoly_scheme.entity_id 
_pdbx_nonpoly_scheme.mon_id 
_pdbx_nonpoly_scheme.ndb_seq_num 
_pdbx_nonpoly_scheme.pdb_seq_num 
_pdbx_nonpoly_scheme.auth_seq_num 
_pdbx_nonpoly_scheme.pdb_mon_id 
_pdbx_nonpoly_scheme.auth_mon_id 
_pdbx_nonpoly_scheme.pdb_strand_id 
_pdbx_nonpoly_scheme.pdb_ins_code 
B 2 QP8 1  801 1   QP8 XXX A . 
C 3 EDO 1  802 1   EDO EDO A . 
D 4 HOH 1  901 3   HOH HOH A . 
D 4 HOH 2  902 83  HOH HOH A . 
D 4 HOH 3  903 90  HOH HOH A . 
D 4 HOH 4  904 109 HOH HOH A . 
D 4 HOH 5  905 25  HOH HOH A . 
D 4 HOH 6  906 53  HOH HOH A . 
D 4 HOH 7  907 87  HOH HOH A . 
D 4 HOH 8  908 31  HOH HOH A . 
D 4 HOH 9  909 79  HOH HOH A . 
D 4 HOH 10 910 110 HOH HOH A . 
D 4 HOH 11 911 40  HOH HOH A . 
D 4 HOH 12 912 108 HOH HOH A . 
D 4 HOH 13 913 20  HOH HOH A . 
D 4 HOH 14 914 114 HOH HOH A . 
D 4 HOH 15 915 29  HOH HOH A . 
D 4 HOH 16 916 36  HOH HOH A . 
D 4 HOH 17 917 38  HOH HOH A . 
D 4 HOH 18 918 66  HOH HOH A . 
D 4 HOH 19 919 75  HOH HOH A . 
D 4 HOH 20 920 56  HOH HOH A . 
D 4 HOH 21 921 43  HOH HOH A . 
D 4 HOH 22 922 26  HOH HOH A . 
D 4 HOH 23 923 10  HOH HOH A . 
D 4 HOH 24 924 7   HOH HOH A . 
D 4 HOH 25 925 5   HOH HOH A . 
D 4 HOH 26 926 78  HOH HOH A . 
D 4 HOH 27 927 34  HOH HOH A . 
D 4 HOH 28 928 42  HOH HOH A . 
D 4 HOH 29 929 1   HOH HOH A . 
D 4 HOH 30 930 21  HOH HOH A . 
D 4 HOH 31 931 57  HOH HOH A . 
D 4 HOH 32 932 30  HOH HOH A . 
D 4 HOH 33 933 15  HOH HOH A . 
D 4 HOH 34 934 17  HOH HOH A . 
D 4 HOH 35 935 104 HOH HOH A . 
D 4 HOH 36 936 106 HOH HOH A . 
D 4 HOH 37 937 115 HOH HOH A . 
D 4 HOH 38 938 95  HOH HOH A . 
D 4 HOH 39 939 35  HOH HOH A . 
D 4 HOH 40 940 23  HOH HOH A . 
D 4 HOH 41 941 111 HOH HOH A . 
D 4 HOH 42 942 50  HOH HOH A . 
D 4 HOH 43 943 82  HOH HOH A . 
D 4 HOH 44 944 2   HOH HOH A . 
D 4 HOH 45 945 45  HOH HOH A . 
D 4 HOH 46 946 6   HOH HOH A . 
D 4 HOH 47 947 70  HOH HOH A . 
D 4 HOH 48 948 89  HOH HOH A . 
D 4 HOH 49 949 116 HOH HOH A . 
D 4 HOH 50 950 105 HOH HOH A . 
D 4 HOH 51 951 92  HOH HOH A . 
D 4 HOH 52 952 88  HOH HOH A . 
D 4 HOH 53 953 22  HOH HOH A . 
D 4 HOH 54 954 58  HOH HOH A . 
D 4 HOH 55 955 19  HOH HOH A . 
D 4 HOH 56 956 14  HOH HOH A . 
D 4 HOH 57 957 13  HOH HOH A . 
D 4 HOH 58 958 4   HOH HOH A . 
D 4 HOH 59 959 11  HOH HOH A . 
D 4 HOH 60 960 100 HOH HOH A . 
D 4 HOH 61 961 33  HOH HOH A . 
D 4 HOH 62 962 9   HOH HOH A . 
D 4 HOH 63 963 41  HOH HOH A . 
D 4 HOH 64 964 55  HOH HOH A . 
D 4 HOH 65 965 91  HOH HOH A . 
D 4 HOH 66 966 94  HOH HOH A . 
D 4 HOH 67 967 81  HOH HOH A . 
D 4 HOH 68 968 101 HOH HOH A . 
D 4 HOH 69 969 112 HOH HOH A . 
D 4 HOH 70 970 49  HOH HOH A . 
D 4 HOH 71 971 47  HOH HOH A . 
D 4 HOH 72 972 102 HOH HOH A . 
D 4 HOH 73 973 103 HOH HOH A . 
D 4 HOH 74 974 69  HOH HOH A . 
D 4 HOH 75 975 77  HOH HOH A . 
D 4 HOH 76 976 113 HOH HOH A . 
D 4 HOH 77 977 107 HOH HOH A . 
D 4 HOH 78 978 65  HOH HOH A . 
D 4 HOH 79 979 73  HOH HOH A . 
D 4 HOH 80 980 86  HOH HOH A . 
D 4 HOH 81 981 67  HOH HOH A . 
D 4 HOH 82 982 71  HOH HOH A . 
# 
loop_
_pdbx_unobs_or_zero_occ_atoms.id 
_pdbx_unobs_or_zero_occ_atoms.PDB_model_num 
_pdbx_unobs_or_zero_occ_atoms.polymer_flag 
_pdbx_unobs_or_zero_occ_atoms.occupancy_flag 
_pdbx_unobs_or_zero_occ_atoms.auth_asym_id 
_pdbx_unobs_or_zero_occ_atoms.auth_comp_id 
_pdbx_unobs_or_zero_occ_atoms.auth_seq_id 
_pdbx_unobs_or_zero_occ_atoms.PDB_ins_code 
_pdbx_unobs_or_zero_occ_atoms.auth_atom_id 
_pdbx_unobs_or_zero_occ_atoms.label_alt_id 
_pdbx_unobs_or_zero_occ_atoms.label_asym_id 
_pdbx_unobs_or_zero_occ_atoms.label_comp_id 
_pdbx_unobs_or_zero_occ_atoms.label_seq_id 
_pdbx_unobs_or_zero_occ_atoms.label_atom_id 
1  1 Y 1 A MET 655 ? CG  ? A MET 13  CG  
2  1 Y 1 A MET 655 ? SD  ? A MET 13  SD  
3  1 Y 1 A MET 655 ? CE  ? A MET 13  CE  
4  1 Y 1 A GLN 659 ? CG  ? A GLN 17  CG  
5  1 Y 1 A GLN 659 ? CD  ? A GLN 17  CD  
6  1 Y 1 A GLN 659 ? OE1 ? A GLN 17  OE1 
7  1 Y 1 A GLN 659 ? NE2 ? A GLN 17  NE2 
8  1 Y 1 A GLN 660 ? CG  ? A GLN 18  CG  
9  1 Y 1 A GLN 660 ? CD  ? A GLN 18  CD  
10 1 Y 1 A GLN 660 ? OE1 ? A GLN 18  OE1 
11 1 Y 1 A GLN 660 ? NE2 ? A GLN 18  NE2 
12 1 Y 1 A LYS 661 ? CG  ? A LYS 19  CG  
13 1 Y 1 A LYS 661 ? CD  ? A LYS 19  CD  
14 1 Y 1 A LYS 661 ? CE  ? A LYS 19  CE  
15 1 Y 1 A LYS 661 ? NZ  ? A LYS 19  NZ  
16 1 Y 1 A LYS 702 ? CG  ? A LYS 60  CG  
17 1 Y 1 A LYS 702 ? CD  ? A LYS 60  CD  
18 1 Y 1 A LYS 702 ? CE  ? A LYS 60  CE  
19 1 Y 1 A LYS 702 ? NZ  ? A LYS 60  NZ  
20 1 Y 1 A LYS 708 ? CD  ? A LYS 66  CD  
21 1 Y 1 A LYS 708 ? CE  ? A LYS 66  CE  
22 1 Y 1 A LYS 708 ? NZ  ? A LYS 66  NZ  
23 1 Y 1 A LYS 717 ? CG  ? A LYS 75  CG  
24 1 Y 1 A LYS 717 ? CD  ? A LYS 75  CD  
25 1 Y 1 A LYS 717 ? CE  ? A LYS 75  CE  
26 1 Y 1 A LYS 717 ? NZ  ? A LYS 75  NZ  
27 1 Y 1 A GLN 719 ? CG  ? A GLN 77  CG  
28 1 Y 1 A GLN 719 ? CD  ? A GLN 77  CD  
29 1 Y 1 A GLN 719 ? OE1 ? A GLN 77  OE1 
30 1 Y 1 A GLN 719 ? NE2 ? A GLN 77  NE2 
31 1 Y 1 A ARG 761 ? CG  ? A ARG 119 CG  
32 1 Y 1 A ARG 761 ? CD  ? A ARG 119 CD  
33 1 Y 1 A ARG 761 ? NE  ? A ARG 119 NE  
34 1 Y 1 A ARG 761 ? CZ  ? A ARG 119 CZ  
35 1 Y 1 A ARG 761 ? NH1 ? A ARG 119 NH1 
36 1 Y 1 A ARG 761 ? NH2 ? A ARG 119 NH2 
# 
loop_
_software.citation_id 
_software.classification 
_software.compiler_name 
_software.compiler_version 
_software.contact_author 
_software.contact_author_email 
_software.date 
_software.description 
_software.dependencies 
_software.hardware 
_software.language 
_software.location 
_software.mods 
_software.name 
_software.os 
_software.os_version 
_software.type 
_software.version 
_software.pdbx_ordinal 
? refinement       ? ? ? ? ? ? ? ? ? ? ? PHENIX  ? ? ? 1.10.1_2155 1 
? 'data reduction' ? ? ? ? ? ? ? ? ? ? ? XDS     ? ? ? .           2 
? 'data scaling'   ? ? ? ? ? ? ? ? ? ? ? Aimless ? ? ? .           3 
? phasing          ? ? ? ? ? ? ? ? ? ? ? PHASER  ? ? ? .           4 
# 
_cell.angle_alpha                  90.000 
_cell.angle_alpha_esd              ? 
_cell.angle_beta                   96.410 
_cell.angle_beta_esd               ? 
_cell.angle_gamma                  90.000 
_cell.angle_gamma_esd              ? 
_cell.entry_id                     6ZS4 
_cell.details                      ? 
_cell.formula_units_Z              ? 
_cell.length_a                     126.270 
_cell.length_a_esd                 ? 
_cell.length_b                     29.740 
_cell.length_b_esd                 ? 
_cell.length_c                     36.610 
_cell.length_c_esd                 ? 
_cell.volume                       136620.961 
_cell.volume_esd                   ? 
_cell.Z_PDB                        4 
_cell.reciprocal_angle_alpha       ? 
_cell.reciprocal_angle_beta        ? 
_cell.reciprocal_angle_gamma       ? 
_cell.reciprocal_angle_alpha_esd   ? 
_cell.reciprocal_angle_beta_esd    ? 
_cell.reciprocal_angle_gamma_esd   ? 
_cell.reciprocal_length_a          ? 
_cell.reciprocal_length_b          ? 
_cell.reciprocal_length_c          ? 
_cell.reciprocal_length_a_esd      ? 
_cell.reciprocal_length_b_esd      ? 
_cell.reciprocal_length_c_esd      ? 
_cell.pdbx_unique_axis             ? 
# 
_symmetry.entry_id                         6ZS4 
_symmetry.cell_setting                     ? 
_symmetry.Int_Tables_number                5 
_symmetry.space_group_name_Hall            'C 2y' 
_symmetry.space_group_name_H-M             'C 1 2 1' 
_symmetry.pdbx_full_space_group_name_H-M   ? 
# 
_exptl.absorpt_coefficient_mu     ? 
_exptl.absorpt_correction_T_max   ? 
_exptl.absorpt_correction_T_min   ? 
_exptl.absorpt_correction_type    ? 
_exptl.absorpt_process_details    ? 
_exptl.entry_id                   6ZS4 
_exptl.crystals_number            1 
_exptl.details                    ? 
_exptl.method                     'X-RAY DIFFRACTION' 
_exptl.method_details             ? 
# 
_exptl_crystal.colour                      ? 
_exptl_crystal.density_diffrn              ? 
_exptl_crystal.density_Matthews            2.59 
_exptl_crystal.density_method              ? 
_exptl_crystal.density_percent_sol         52.54 
_exptl_crystal.description                 ? 
_exptl_crystal.F_000                       ? 
_exptl_crystal.id                          1 
_exptl_crystal.preparation                 ? 
_exptl_crystal.size_max                    ? 
_exptl_crystal.size_mid                    ? 
_exptl_crystal.size_min                    ? 
_exptl_crystal.size_rad                    ? 
_exptl_crystal.colour_lustre               ? 
_exptl_crystal.colour_modifier             ? 
_exptl_crystal.colour_primary              ? 
_exptl_crystal.density_meas                ? 
_exptl_crystal.density_meas_esd            ? 
_exptl_crystal.density_meas_gt             ? 
_exptl_crystal.density_meas_lt             ? 
_exptl_crystal.density_meas_temp           ? 
_exptl_crystal.density_meas_temp_esd       ? 
_exptl_crystal.density_meas_temp_gt        ? 
_exptl_crystal.density_meas_temp_lt        ? 
_exptl_crystal.pdbx_crystal_image_url      ? 
_exptl_crystal.pdbx_crystal_image_format   ? 
_exptl_crystal.pdbx_mosaicity              ? 
_exptl_crystal.pdbx_mosaicity_esd          ? 
# 
_exptl_crystal_grow.apparatus       ? 
_exptl_crystal_grow.atmosphere      ? 
_exptl_crystal_grow.crystal_id      1 
_exptl_crystal_grow.details         ? 
_exptl_crystal_grow.method          'VAPOR DIFFUSION, SITTING DROP' 
_exptl_crystal_grow.method_ref      ? 
_exptl_crystal_grow.pH              ? 
_exptl_crystal_grow.pressure        ? 
_exptl_crystal_grow.pressure_esd    ? 
_exptl_crystal_grow.seeding         ? 
_exptl_crystal_grow.seeding_ref     ? 
_exptl_crystal_grow.temp            277 
_exptl_crystal_grow.temp_details    ? 
_exptl_crystal_grow.temp_esd        ? 
_exptl_crystal_grow.time            ? 
_exptl_crystal_grow.pdbx_details    '30% PEG 5000 MME, 0.2 M (NH4)2SO4, 0.1 M MES pH 5.8' 
_exptl_crystal_grow.pdbx_pH_range   ? 
# 
_diffrn.ambient_environment              ? 
_diffrn.ambient_temp                     100 
_diffrn.ambient_temp_details             ? 
_diffrn.ambient_temp_esd                 ? 
_diffrn.crystal_id                       1 
_diffrn.crystal_support                  ? 
_diffrn.crystal_treatment                ? 
_diffrn.details                          ? 
_diffrn.id                               1 
_diffrn.ambient_pressure                 ? 
_diffrn.ambient_pressure_esd             ? 
_diffrn.ambient_pressure_gt              ? 
_diffrn.ambient_pressure_lt              ? 
_diffrn.ambient_temp_gt                  ? 
_diffrn.ambient_temp_lt                  ? 
_diffrn.pdbx_serial_crystal_experiment   N 
# 
_diffrn_detector.details                      ? 
_diffrn_detector.detector                     PIXEL 
_diffrn_detector.diffrn_id                    1 
_diffrn_detector.type                         'DECTRIS PILATUS3 2M' 
_diffrn_detector.area_resol_mean              ? 
_diffrn_detector.dtime                        ? 
_diffrn_detector.pdbx_frames_total            ? 
_diffrn_detector.pdbx_collection_time_total   ? 
_diffrn_detector.pdbx_collection_date         2017-05-26 
_diffrn_detector.pdbx_frequency               ? 
# 
_diffrn_radiation.collimation                      ? 
_diffrn_radiation.diffrn_id                        1 
_diffrn_radiation.filter_edge                      ? 
_diffrn_radiation.inhomogeneity                    ? 
_diffrn_radiation.monochromator                    ? 
_diffrn_radiation.polarisn_norm                    ? 
_diffrn_radiation.polarisn_ratio                   ? 
_diffrn_radiation.probe                            ? 
_diffrn_radiation.type                             ? 
_diffrn_radiation.xray_symbol                      ? 
_diffrn_radiation.wavelength_id                    1 
_diffrn_radiation.pdbx_monochromatic_or_laue_m_l   M 
_diffrn_radiation.pdbx_wavelength_list             ? 
_diffrn_radiation.pdbx_wavelength                  ? 
_diffrn_radiation.pdbx_diffrn_protocol             'SINGLE WAVELENGTH' 
_diffrn_radiation.pdbx_analyzer                    ? 
_diffrn_radiation.pdbx_scattering_type             x-ray 
# 
_diffrn_radiation_wavelength.id           1 
_diffrn_radiation_wavelength.wavelength   0.91842 
_diffrn_radiation_wavelength.wt           1.0 
# 
_diffrn_source.current                     ? 
_diffrn_source.details                     ? 
_diffrn_source.diffrn_id                   1 
_diffrn_source.power                       ? 
_diffrn_source.size                        ? 
_diffrn_source.source                      SYNCHROTRON 
_diffrn_source.target                      ? 
_diffrn_source.type                        'BESSY BEAMLINE 14.2' 
_diffrn_source.voltage                     ? 
_diffrn_source.take-off_angle              ? 
_diffrn_source.pdbx_wavelength_list        0.91842 
_diffrn_source.pdbx_wavelength             ? 
_diffrn_source.pdbx_synchrotron_beamline   14.2 
_diffrn_source.pdbx_synchrotron_site       BESSY 
# 
_reflns.B_iso_Wilson_estimate            19.4431060534 
_reflns.entry_id                         6ZS4 
_reflns.data_reduction_details           ? 
_reflns.data_reduction_method            ? 
_reflns.d_resolution_high                2.0 
_reflns.d_resolution_low                 36.4 
_reflns.details                          ? 
_reflns.limit_h_max                      ? 
_reflns.limit_h_min                      ? 
_reflns.limit_k_max                      ? 
_reflns.limit_k_min                      ? 
_reflns.limit_l_max                      ? 
_reflns.limit_l_min                      ? 
_reflns.number_all                       ? 
_reflns.number_obs                       9289 
_reflns.observed_criterion               ? 
_reflns.observed_criterion_F_max         ? 
_reflns.observed_criterion_F_min         ? 
_reflns.observed_criterion_I_max         ? 
_reflns.observed_criterion_I_min         ? 
_reflns.observed_criterion_sigma_F       ? 
_reflns.observed_criterion_sigma_I       ? 
_reflns.percent_possible_obs             99 
_reflns.R_free_details                   ? 
_reflns.Rmerge_F_all                     ? 
_reflns.Rmerge_F_obs                     ? 
_reflns.Friedel_coverage                 ? 
_reflns.number_gt                        ? 
_reflns.threshold_expression             ? 
_reflns.pdbx_redundancy                  4.0 
_reflns.pdbx_Rmerge_I_obs                0.098 
_reflns.pdbx_Rmerge_I_all                ? 
_reflns.pdbx_Rsym_value                  ? 
_reflns.pdbx_netI_over_av_sigmaI         ? 
_reflns.pdbx_netI_over_sigmaI            7.5 
_reflns.pdbx_res_netI_over_av_sigmaI_2   ? 
_reflns.pdbx_res_netI_over_sigmaI_2      ? 
_reflns.pdbx_chi_squared                 ? 
_reflns.pdbx_scaling_rejects             ? 
_reflns.pdbx_d_res_high_opt              ? 
_reflns.pdbx_d_res_low_opt               ? 
_reflns.pdbx_d_res_opt_method            ? 
_reflns.phase_calculation_details        ? 
_reflns.pdbx_Rrim_I_all                  ? 
_reflns.pdbx_Rpim_I_all                  ? 
_reflns.pdbx_d_opt                       ? 
_reflns.pdbx_number_measured_all         ? 
_reflns.pdbx_diffrn_id                   1 
_reflns.pdbx_ordinal                     1 
_reflns.pdbx_CC_half                     0.992 
_reflns.pdbx_CC_star                     ? 
_reflns.pdbx_R_split                     ? 
# 
_reflns_shell.d_res_high                  2.0 
_reflns_shell.d_res_low                   2.05 
_reflns_shell.meanI_over_sigI_all         ? 
_reflns_shell.meanI_over_sigI_obs         3.0 
_reflns_shell.number_measured_all         ? 
_reflns_shell.number_measured_obs         ? 
_reflns_shell.number_possible             ? 
_reflns_shell.number_unique_all           ? 
_reflns_shell.number_unique_obs           690 
_reflns_shell.percent_possible_all        ? 
_reflns_shell.percent_possible_obs        ? 
_reflns_shell.Rmerge_F_all                ? 
_reflns_shell.Rmerge_F_obs                ? 
_reflns_shell.Rmerge_I_all                ? 
_reflns_shell.Rmerge_I_obs                0.36 
_reflns_shell.meanI_over_sigI_gt          ? 
_reflns_shell.meanI_over_uI_all           ? 
_reflns_shell.meanI_over_uI_gt            ? 
_reflns_shell.number_measured_gt          ? 
_reflns_shell.number_unique_gt            ? 
_reflns_shell.percent_possible_gt         ? 
_reflns_shell.Rmerge_F_gt                 ? 
_reflns_shell.Rmerge_I_gt                 ? 
_reflns_shell.pdbx_redundancy             ? 
_reflns_shell.pdbx_Rsym_value             ? 
_reflns_shell.pdbx_chi_squared            ? 
_reflns_shell.pdbx_netI_over_sigmaI_all   ? 
_reflns_shell.pdbx_netI_over_sigmaI_obs   ? 
_reflns_shell.pdbx_Rrim_I_all             ? 
_reflns_shell.pdbx_Rpim_I_all             ? 
_reflns_shell.pdbx_rejects                ? 
_reflns_shell.pdbx_ordinal                1 
_reflns_shell.pdbx_diffrn_id              1 
_reflns_shell.pdbx_CC_half                0.944 
_reflns_shell.pdbx_CC_star                ? 
_reflns_shell.pdbx_R_split                ? 
# 
_refine.aniso_B[1][1]                            ? 
_refine.aniso_B[1][2]                            ? 
_refine.aniso_B[1][3]                            ? 
_refine.aniso_B[2][2]                            ? 
_refine.aniso_B[2][3]                            ? 
_refine.aniso_B[3][3]                            ? 
_refine.B_iso_max                                ? 
_refine.B_iso_mean                               28.2787160071 
_refine.B_iso_min                                ? 
_refine.correlation_coeff_Fo_to_Fc               ? 
_refine.correlation_coeff_Fo_to_Fc_free          ? 
_refine.details                                  ? 
_refine.diff_density_max                         ? 
_refine.diff_density_max_esd                     ? 
_refine.diff_density_min                         ? 
_refine.diff_density_min_esd                     ? 
_refine.diff_density_rms                         ? 
_refine.diff_density_rms_esd                     ? 
_refine.entry_id                                 6ZS4 
_refine.pdbx_refine_id                           'X-RAY DIFFRACTION' 
_refine.ls_abs_structure_details                 ? 
_refine.ls_abs_structure_Flack                   ? 
_refine.ls_abs_structure_Flack_esd               ? 
_refine.ls_abs_structure_Rogers                  ? 
_refine.ls_abs_structure_Rogers_esd              ? 
_refine.ls_d_res_high                            2.0 
_refine.ls_d_res_low                             36.4 
_refine.ls_extinction_coef                       ? 
_refine.ls_extinction_coef_esd                   ? 
_refine.ls_extinction_expression                 ? 
_refine.ls_extinction_method                     ? 
_refine.ls_goodness_of_fit_all                   ? 
_refine.ls_goodness_of_fit_all_esd               ? 
_refine.ls_goodness_of_fit_obs                   ? 
_refine.ls_goodness_of_fit_obs_esd               ? 
_refine.ls_hydrogen_treatment                    ? 
_refine.ls_matrix_type                           ? 
_refine.ls_number_constraints                    ? 
_refine.ls_number_parameters                     ? 
_refine.ls_number_reflns_all                     ? 
_refine.ls_number_reflns_obs                     9276 
_refine.ls_number_reflns_R_free                  445 
_refine.ls_number_reflns_R_work                  8831 
_refine.ls_number_restraints                     ? 
_refine.ls_percent_reflns_obs                    98.6808510638 
_refine.ls_percent_reflns_R_free                 4.79732643381 
_refine.ls_R_factor_all                          ? 
_refine.ls_R_factor_obs                          0.190112310974 
_refine.ls_R_factor_R_free                       0.230457891476 
_refine.ls_R_factor_R_free_error                 ? 
_refine.ls_R_factor_R_free_error_details         ? 
_refine.ls_R_factor_R_work                       0.188110312286 
_refine.ls_R_Fsqd_factor_obs                     ? 
_refine.ls_R_I_factor_obs                        ? 
_refine.ls_redundancy_reflns_all                 ? 
_refine.ls_redundancy_reflns_obs                 ? 
_refine.ls_restrained_S_all                      ? 
_refine.ls_restrained_S_obs                      ? 
_refine.ls_shift_over_esd_max                    ? 
_refine.ls_shift_over_esd_mean                   ? 
_refine.ls_structure_factor_coef                 ? 
_refine.ls_weighting_details                     ? 
_refine.ls_weighting_scheme                      ? 
_refine.ls_wR_factor_all                         ? 
_refine.ls_wR_factor_obs                         ? 
_refine.ls_wR_factor_R_free                      ? 
_refine.ls_wR_factor_R_work                      ? 
_refine.occupancy_max                            ? 
_refine.occupancy_min                            ? 
_refine.solvent_model_details                    'FLAT BULK SOLVENT MODEL' 
_refine.solvent_model_param_bsol                 ? 
_refine.solvent_model_param_ksol                 ? 
_refine.pdbx_R_complete                          ? 
_refine.ls_R_factor_gt                           ? 
_refine.ls_goodness_of_fit_gt                    ? 
_refine.ls_goodness_of_fit_ref                   ? 
_refine.ls_shift_over_su_max                     ? 
_refine.ls_shift_over_su_max_lt                  ? 
_refine.ls_shift_over_su_mean                    ? 
_refine.ls_shift_over_su_mean_lt                 ? 
_refine.pdbx_ls_sigma_I                          ? 
_refine.pdbx_ls_sigma_F                          1.3373977252 
_refine.pdbx_ls_sigma_Fsqd                       ? 
_refine.pdbx_data_cutoff_high_absF               ? 
_refine.pdbx_data_cutoff_high_rms_absF           ? 
_refine.pdbx_data_cutoff_low_absF                ? 
_refine.pdbx_isotropic_thermal_model             ? 
_refine.pdbx_ls_cross_valid_method               'FREE R-VALUE' 
_refine.pdbx_method_to_determine_struct          'MOLECULAR REPLACEMENT' 
_refine.pdbx_starting_model                      5FH7 
_refine.pdbx_stereochemistry_target_values       'GeoStd + Monomer Library + CDL v1.2' 
_refine.pdbx_R_Free_selection_details            ? 
_refine.pdbx_stereochem_target_val_spec_case     ? 
_refine.pdbx_overall_ESU_R                       ? 
_refine.pdbx_overall_ESU_R_Free                  ? 
_refine.pdbx_solvent_vdw_probe_radii             1.11 
_refine.pdbx_solvent_ion_probe_radii             ? 
_refine.pdbx_solvent_shrinkage_radii             0.9 
_refine.pdbx_real_space_R                        ? 
_refine.pdbx_density_correlation                 ? 
_refine.pdbx_pd_number_of_powder_patterns        ? 
_refine.pdbx_pd_number_of_points                 ? 
_refine.pdbx_pd_meas_number_of_points            ? 
_refine.pdbx_pd_proc_ls_prof_R_factor            ? 
_refine.pdbx_pd_proc_ls_prof_wR_factor           ? 
_refine.pdbx_pd_Marquardt_correlation_coeff      ? 
_refine.pdbx_pd_Fsqrd_R_factor                   ? 
_refine.pdbx_pd_ls_matrix_band_width             ? 
_refine.pdbx_overall_phase_error                 26.3296095809 
_refine.pdbx_overall_SU_R_free_Cruickshank_DPI   ? 
_refine.pdbx_overall_SU_R_free_Blow_DPI          ? 
_refine.pdbx_overall_SU_R_Blow_DPI               ? 
_refine.pdbx_TLS_residual_ADP_flag               ? 
_refine.pdbx_diffrn_id                           1 
_refine.overall_SU_B                             ? 
_refine.overall_SU_ML                            0.24561713279 
_refine.overall_SU_R_Cruickshank_DPI             ? 
_refine.overall_SU_R_free                        ? 
_refine.overall_FOM_free_R_set                   ? 
_refine.overall_FOM_work_R_set                   ? 
_refine.pdbx_average_fsc_overall                 ? 
_refine.pdbx_average_fsc_work                    ? 
_refine.pdbx_average_fsc_free                    ? 
# 
_refine_hist.pdbx_refine_id                   'X-RAY DIFFRACTION' 
_refine_hist.cycle_id                         LAST 
_refine_hist.details                          ? 
_refine_hist.d_res_high                       2.0 
_refine_hist.d_res_low                        36.4 
_refine_hist.number_atoms_solvent             82 
_refine_hist.number_atoms_total               994 
_refine_hist.number_reflns_all                ? 
_refine_hist.number_reflns_obs                ? 
_refine_hist.number_reflns_R_free             ? 
_refine_hist.number_reflns_R_work             ? 
_refine_hist.R_factor_all                     ? 
_refine_hist.R_factor_obs                     ? 
_refine_hist.R_factor_R_free                  ? 
_refine_hist.R_factor_R_work                  ? 
_refine_hist.pdbx_number_residues_total       ? 
_refine_hist.pdbx_B_iso_mean_ligand           ? 
_refine_hist.pdbx_B_iso_mean_solvent          ? 
_refine_hist.pdbx_number_atoms_protein        881 
_refine_hist.pdbx_number_atoms_nucleic_acid   0 
_refine_hist.pdbx_number_atoms_ligand         31 
_refine_hist.pdbx_number_atoms_lipid          ? 
_refine_hist.pdbx_number_atoms_carb           ? 
_refine_hist.pdbx_pseudo_atom_details         ? 
# 
loop_
_refine_ls_restr.pdbx_refine_id 
_refine_ls_restr.criterion 
_refine_ls_restr.dev_ideal 
_refine_ls_restr.dev_ideal_target 
_refine_ls_restr.number 
_refine_ls_restr.rejects 
_refine_ls_restr.type 
_refine_ls_restr.weight 
_refine_ls_restr.pdbx_restraint_function 
'X-RAY DIFFRACTION' ? 0.0071913403475  ? 938  ? f_bond_d           ? ? 
'X-RAY DIFFRACTION' ? 0.778563840037   ? 1270 ? f_angle_d          ? ? 
'X-RAY DIFFRACTION' ? 0.0420417499055  ? 139  ? f_chiral_restr     ? ? 
'X-RAY DIFFRACTION' ? 0.00609937575965 ? 177  ? f_plane_restr      ? ? 
'X-RAY DIFFRACTION' ? 13.3243902127    ? 592  ? f_dihedral_angle_d ? ? 
# 
loop_
_refine_ls_shell.pdbx_refine_id 
_refine_ls_shell.d_res_high 
_refine_ls_shell.d_res_low 
_refine_ls_shell.number_reflns_all 
_refine_ls_shell.number_reflns_obs 
_refine_ls_shell.number_reflns_R_free 
_refine_ls_shell.number_reflns_R_work 
_refine_ls_shell.percent_reflns_obs 
_refine_ls_shell.percent_reflns_R_free 
_refine_ls_shell.R_factor_all 
_refine_ls_shell.R_factor_obs 
_refine_ls_shell.R_factor_R_free 
_refine_ls_shell.R_factor_R_free_error 
_refine_ls_shell.R_factor_R_work 
_refine_ls_shell.redundancy_reflns_all 
_refine_ls_shell.redundancy_reflns_obs 
_refine_ls_shell.wR_factor_all 
_refine_ls_shell.wR_factor_obs 
_refine_ls_shell.wR_factor_R_free 
_refine_ls_shell.wR_factor_R_work 
_refine_ls_shell.pdbx_R_complete 
_refine_ls_shell.pdbx_total_number_of_bins_used 
_refine_ls_shell.pdbx_phase_error 
_refine_ls_shell.pdbx_fsc_work 
_refine_ls_shell.pdbx_fsc_free 
'X-RAY DIFFRACTION' 2.0    2.2894  . . 168 2882 98.2286634461 . . . 0.280710233554 . 0.209434640001 . . . . . . . . . . . 
'X-RAY DIFFRACTION' 2.2894 2.8842  . . 140 2924 99.2549400713 . . . 0.235511699531 . 0.211928005563 . . . . . . . . . . . 
'X-RAY DIFFRACTION' 2.8842 36.3871 . . 137 3025 98.566084788  . . . 0.208755603101 . 0.169976906984 . . . . . . . . . . . 
# 
_struct.entry_id                     6ZS4 
_struct.title                        
;Crystal structure of the fifth bromodomain of human protein polybromo-1 in complex with tert-butyl 4-[3-amino-6-(2-hydroxyphenyl)pyridazin-4-yl]piperazine-1-carboxylate
;
_struct.pdbx_model_details           ? 
_struct.pdbx_formula_weight          ? 
_struct.pdbx_formula_weight_method   ? 
_struct.pdbx_model_type_details      ? 
_struct.pdbx_CASP_flag               N 
# 
_struct_keywords.entry_id        6ZS4 
_struct_keywords.text            
'BROMODOMAIN, COMPLEX, SMALL MOLECULE, STRUCTURAL GENOMICS CONSORTIUM, SGC, TRANSCRIPTION, GENE REGULATION' 
_struct_keywords.pdbx_keywords   'GENE REGULATION' 
# 
loop_
_struct_asym.id 
_struct_asym.pdbx_blank_PDB_chainid_flag 
_struct_asym.pdbx_modified 
_struct_asym.entity_id 
_struct_asym.details 
A N N 1 ? 
B N N 2 ? 
C N N 3 ? 
D N N 4 ? 
# 
_struct_ref.id                         1 
_struct_ref.db_name                    UNP 
_struct_ref.db_code                    PB1_HUMAN 
_struct_ref.pdbx_db_accession          Q86U86 
_struct_ref.pdbx_db_isoform            ? 
_struct_ref.entity_id                  1 
_struct_ref.pdbx_seq_one_letter_code   
;SGISPKKSKYMTPMQQKLNEVYEAVKNYTDKRGRRLSAIFLRLPSRSELPDYYLTIKKPMDMEKIRSHMMANKYQDIDSM
VEDFVMMFNNACTYNEPESLIYKDALVLHKVLLETRRDLEGD
;
_struct_ref.pdbx_align_begin           645 
# 
_struct_ref_seq.align_id                      1 
_struct_ref_seq.ref_id                        1 
_struct_ref_seq.pdbx_PDB_id_code              6ZS4 
_struct_ref_seq.pdbx_strand_id                A 
_struct_ref_seq.seq_align_beg                 3 
_struct_ref_seq.pdbx_seq_align_beg_ins_code   ? 
_struct_ref_seq.seq_align_end                 124 
_struct_ref_seq.pdbx_seq_align_end_ins_code   ? 
_struct_ref_seq.pdbx_db_accession             Q86U86 
_struct_ref_seq.db_align_beg                  645 
_struct_ref_seq.pdbx_db_align_beg_ins_code    ? 
_struct_ref_seq.db_align_end                  766 
_struct_ref_seq.pdbx_db_align_end_ins_code    ? 
_struct_ref_seq.pdbx_auth_seq_align_beg       645 
_struct_ref_seq.pdbx_auth_seq_align_end       766 
# 
loop_
_struct_ref_seq_dif.align_id 
_struct_ref_seq_dif.pdbx_pdb_id_code 
_struct_ref_seq_dif.mon_id 
_struct_ref_seq_dif.pdbx_pdb_strand_id 
_struct_ref_seq_dif.seq_num 
_struct_ref_seq_dif.pdbx_pdb_ins_code 
_struct_ref_seq_dif.pdbx_seq_db_name 
_struct_ref_seq_dif.pdbx_seq_db_accession_code 
_struct_ref_seq_dif.db_mon_id 
_struct_ref_seq_dif.pdbx_seq_db_seq_num 
_struct_ref_seq_dif.details 
_struct_ref_seq_dif.pdbx_auth_seq_num 
_struct_ref_seq_dif.pdbx_ordinal 
1 6ZS4 SER A 1 ? UNP Q86U86 ? ? 'expression tag' 643 1 
1 6ZS4 MET A 2 ? UNP Q86U86 ? ? 'expression tag' 644 2 
# 
_pdbx_struct_assembly.id                   1 
_pdbx_struct_assembly.details              author_defined_assembly 
_pdbx_struct_assembly.method_details       ? 
_pdbx_struct_assembly.oligomeric_details   monomeric 
_pdbx_struct_assembly.oligomeric_count     1 
# 
_pdbx_struct_assembly_gen.assembly_id       1 
_pdbx_struct_assembly_gen.oper_expression   1 
_pdbx_struct_assembly_gen.asym_id_list      A,B,C,D 
# 
_pdbx_struct_assembly_auth_evidence.id                     1 
_pdbx_struct_assembly_auth_evidence.assembly_id            1 
_pdbx_struct_assembly_auth_evidence.experimental_support   'gel filtration' 
_pdbx_struct_assembly_auth_evidence.details                ? 
# 
_pdbx_struct_oper_list.id                   1 
_pdbx_struct_oper_list.type                 'identity operation' 
_pdbx_struct_oper_list.name                 1_555 
_pdbx_struct_oper_list.symmetry_operation   x,y,z 
_pdbx_struct_oper_list.matrix[1][1]         1.0000000000 
_pdbx_struct_oper_list.matrix[1][2]         0.0000000000 
_pdbx_struct_oper_list.matrix[1][3]         0.0000000000 
_pdbx_struct_oper_list.vector[1]            0.0000000000 
_pdbx_struct_oper_list.matrix[2][1]         0.0000000000 
_pdbx_struct_oper_list.matrix[2][2]         1.0000000000 
_pdbx_struct_oper_list.matrix[2][3]         0.0000000000 
_pdbx_struct_oper_list.vector[2]            0.0000000000 
_pdbx_struct_oper_list.matrix[3][1]         0.0000000000 
_pdbx_struct_oper_list.matrix[3][2]         0.0000000000 
_pdbx_struct_oper_list.matrix[3][3]         1.0000000000 
_pdbx_struct_oper_list.vector[3]            0.0000000000 
# 
loop_
_struct_conf.conf_type_id 
_struct_conf.id 
_struct_conf.pdbx_PDB_helix_id 
_struct_conf.beg_label_comp_id 
_struct_conf.beg_label_asym_id 
_struct_conf.beg_label_seq_id 
_struct_conf.pdbx_beg_PDB_ins_code 
_struct_conf.end_label_comp_id 
_struct_conf.end_label_asym_id 
_struct_conf.end_label_seq_id 
_struct_conf.pdbx_end_PDB_ins_code 
_struct_conf.beg_auth_comp_id 
_struct_conf.beg_auth_asym_id 
_struct_conf.beg_auth_seq_id 
_struct_conf.end_auth_comp_id 
_struct_conf.end_auth_asym_id 
_struct_conf.end_auth_seq_id 
_struct_conf.pdbx_PDB_helix_class 
_struct_conf.details 
_struct_conf.pdbx_PDB_helix_length 
HELX_P HELX_P1 AA1 THR A 14  ? TYR A 30  ? THR A 656 TYR A 672 1 ? 17 
HELX_P HELX_P2 AA2 ARG A 37  ? LEU A 43  ? ARG A 679 LEU A 685 5 ? 7  
HELX_P HELX_P3 AA3 LEU A 51  ? ILE A 58  ? LEU A 693 ILE A 700 1 ? 8  
HELX_P HELX_P4 AA4 ASP A 63  ? ALA A 73  ? ASP A 705 ALA A 715 1 ? 11 
HELX_P HELX_P5 AA5 ASP A 78  ? ASN A 97  ? ASP A 720 ASN A 739 1 ? 20 
HELX_P HELX_P6 AA6 SER A 101 ? LEU A 121 ? SER A 743 LEU A 763 1 ? 21 
# 
_struct_conf_type.id          HELX_P 
_struct_conf_type.criteria    ? 
_struct_conf_type.reference   ? 
# 
loop_
_struct_site.id 
_struct_site.pdbx_evidence_code 
_struct_site.pdbx_auth_asym_id 
_struct_site.pdbx_auth_comp_id 
_struct_site.pdbx_auth_seq_id 
_struct_site.pdbx_auth_ins_code 
_struct_site.pdbx_num_residues 
_struct_site.details 
AC1 Software A QP8 801 ? 10 'binding site for residue QP8 A 801' 
AC2 Software A EDO 802 ? 3  'binding site for residue EDO A 802' 
# 
loop_
_struct_site_gen.id 
_struct_site_gen.site_id 
_struct_site_gen.pdbx_num_res 
_struct_site_gen.label_comp_id 
_struct_site_gen.label_asym_id 
_struct_site_gen.label_seq_id 
_struct_site_gen.pdbx_auth_ins_code 
_struct_site_gen.auth_comp_id 
_struct_site_gen.auth_asym_id 
_struct_site_gen.auth_seq_id 
_struct_site_gen.label_atom_id 
_struct_site_gen.label_alt_id 
_struct_site_gen.symmetry 
_struct_site_gen.details 
1  AC1 10 ILE A 41  ? ILE A 683 . ? 1_555 ? 
2  AC1 10 PHE A 42  ? PHE A 684 . ? 1_555 ? 
3  AC1 10 LEU A 51  ? LEU A 693 . ? 1_555 ? 
4  AC1 10 TYR A 54  ? TYR A 696 . ? 1_555 ? 
5  AC1 10 MET A 62  ? MET A 704 . ? 1_555 ? 
6  AC1 10 ALA A 93  ? ALA A 735 . ? 1_555 ? 
7  AC1 10 TYR A 96  ? TYR A 738 . ? 1_555 ? 
8  AC1 10 ASN A 97  ? ASN A 739 . ? 1_555 ? 
9  AC1 10 ILE A 103 ? ILE A 745 . ? 1_555 ? 
10 AC1 10 LYS A 105 ? LYS A 747 . ? 4_546 ? 
11 AC2 3  LYS A 33  ? LYS A 675 . ? 1_555 ? 
12 AC2 3  ARG A 34  ? ARG A 676 . ? 1_555 ? 
13 AC2 3  LYS A 59  ? LYS A 701 . ? 4_546 ? 
# 
loop_
_pdbx_validate_torsion.id 
_pdbx_validate_torsion.PDB_model_num 
_pdbx_validate_torsion.auth_comp_id 
_pdbx_validate_torsion.auth_asym_id 
_pdbx_validate_torsion.auth_seq_id 
_pdbx_validate_torsion.PDB_ins_code 
_pdbx_validate_torsion.label_alt_id 
_pdbx_validate_torsion.phi 
_pdbx_validate_torsion.psi 
1 1 ASN A 716 ? ? 53.88  15.29 
2 1 LYS A 717 ? ? -66.02 2.81  
# 
_pdbx_SG_project.id                    1 
_pdbx_SG_project.project_name          ? 
_pdbx_SG_project.full_name_of_center   'Structural Genomics Consortium' 
_pdbx_SG_project.initial_of_center     SGC 
# 
loop_
_space_group_symop.id 
_space_group_symop.operation_xyz 
1 x,y,z           
2 -x,y,-z         
3 x+1/2,y+1/2,z   
4 -x+1/2,y+1/2,-z 
# 
_pdbx_entry_details.entry_id                 6ZS4 
_pdbx_entry_details.has_ligand_of_interest   Y 
_pdbx_entry_details.compound_details         ? 
_pdbx_entry_details.source_details           ? 
_pdbx_entry_details.nonpolymer_details       ? 
_pdbx_entry_details.sequence_details         ? 
# 
loop_
_pdbx_unobs_or_zero_occ_residues.id 
_pdbx_unobs_or_zero_occ_residues.PDB_model_num 
_pdbx_unobs_or_zero_occ_residues.polymer_flag 
_pdbx_unobs_or_zero_occ_residues.occupancy_flag 
_pdbx_unobs_or_zero_occ_residues.auth_asym_id 
_pdbx_unobs_or_zero_occ_residues.auth_comp_id 
_pdbx_unobs_or_zero_occ_residues.auth_seq_id 
_pdbx_unobs_or_zero_occ_residues.PDB_ins_code 
_pdbx_unobs_or_zero_occ_residues.label_asym_id 
_pdbx_unobs_or_zero_occ_residues.label_comp_id 
_pdbx_unobs_or_zero_occ_residues.label_seq_id 
1  1 Y 1 A SER 643 ? A SER 1   
2  1 Y 1 A MET 644 ? A MET 2   
3  1 Y 1 A SER 645 ? A SER 3   
4  1 Y 1 A GLY 646 ? A GLY 4   
5  1 Y 1 A ILE 647 ? A ILE 5   
6  1 Y 1 A SER 648 ? A SER 6   
7  1 Y 1 A PRO 649 ? A PRO 7   
8  1 Y 1 A LYS 650 ? A LYS 8   
9  1 Y 1 A LYS 651 ? A LYS 9   
10 1 Y 1 A SER 652 ? A SER 10  
11 1 Y 1 A LYS 653 ? A LYS 11  
12 1 Y 1 A TYR 654 ? A TYR 12  
13 1 Y 1 A GLY 765 ? A GLY 123 
14 1 Y 1 A ASP 766 ? A ASP 124 
# 
loop_
_chem_comp_atom.comp_id 
_chem_comp_atom.atom_id 
_chem_comp_atom.type_symbol 
_chem_comp_atom.pdbx_aromatic_flag 
_chem_comp_atom.pdbx_stereo_config 
_chem_comp_atom.pdbx_ordinal 
ALA N    N N N 1   
ALA CA   C N S 2   
ALA C    C N N 3   
ALA O    O N N 4   
ALA CB   C N N 5   
ALA OXT  O N N 6   
ALA H    H N N 7   
ALA H2   H N N 8   
ALA HA   H N N 9   
ALA HB1  H N N 10  
ALA HB2  H N N 11  
ALA HB3  H N N 12  
ALA HXT  H N N 13  
ARG N    N N N 14  
ARG CA   C N S 15  
ARG C    C N N 16  
ARG O    O N N 17  
ARG CB   C N N 18  
ARG CG   C N N 19  
ARG CD   C N N 20  
ARG NE   N N N 21  
ARG CZ   C N N 22  
ARG NH1  N N N 23  
ARG NH2  N N N 24  
ARG OXT  O N N 25  
ARG H    H N N 26  
ARG H2   H N N 27  
ARG HA   H N N 28  
ARG HB2  H N N 29  
ARG HB3  H N N 30  
ARG HG2  H N N 31  
ARG HG3  H N N 32  
ARG HD2  H N N 33  
ARG HD3  H N N 34  
ARG HE   H N N 35  
ARG HH11 H N N 36  
ARG HH12 H N N 37  
ARG HH21 H N N 38  
ARG HH22 H N N 39  
ARG HXT  H N N 40  
ASN N    N N N 41  
ASN CA   C N S 42  
ASN C    C N N 43  
ASN O    O N N 44  
ASN CB   C N N 45  
ASN CG   C N N 46  
ASN OD1  O N N 47  
ASN ND2  N N N 48  
ASN OXT  O N N 49  
ASN H    H N N 50  
ASN H2   H N N 51  
ASN HA   H N N 52  
ASN HB2  H N N 53  
ASN HB3  H N N 54  
ASN HD21 H N N 55  
ASN HD22 H N N 56  
ASN HXT  H N N 57  
ASP N    N N N 58  
ASP CA   C N S 59  
ASP C    C N N 60  
ASP O    O N N 61  
ASP CB   C N N 62  
ASP CG   C N N 63  
ASP OD1  O N N 64  
ASP OD2  O N N 65  
ASP OXT  O N N 66  
ASP H    H N N 67  
ASP H2   H N N 68  
ASP HA   H N N 69  
ASP HB2  H N N 70  
ASP HB3  H N N 71  
ASP HD2  H N N 72  
ASP HXT  H N N 73  
CYS N    N N N 74  
CYS CA   C N R 75  
CYS C    C N N 76  
CYS O    O N N 77  
CYS CB   C N N 78  
CYS SG   S N N 79  
CYS OXT  O N N 80  
CYS H    H N N 81  
CYS H2   H N N 82  
CYS HA   H N N 83  
CYS HB2  H N N 84  
CYS HB3  H N N 85  
CYS HG   H N N 86  
CYS HXT  H N N 87  
EDO C1   C N N 88  
EDO O1   O N N 89  
EDO C2   C N N 90  
EDO O2   O N N 91  
EDO H11  H N N 92  
EDO H12  H N N 93  
EDO HO1  H N N 94  
EDO H21  H N N 95  
EDO H22  H N N 96  
EDO HO2  H N N 97  
GLN N    N N N 98  
GLN CA   C N S 99  
GLN C    C N N 100 
GLN O    O N N 101 
GLN CB   C N N 102 
GLN CG   C N N 103 
GLN CD   C N N 104 
GLN OE1  O N N 105 
GLN NE2  N N N 106 
GLN OXT  O N N 107 
GLN H    H N N 108 
GLN H2   H N N 109 
GLN HA   H N N 110 
GLN HB2  H N N 111 
GLN HB3  H N N 112 
GLN HG2  H N N 113 
GLN HG3  H N N 114 
GLN HE21 H N N 115 
GLN HE22 H N N 116 
GLN HXT  H N N 117 
GLU N    N N N 118 
GLU CA   C N S 119 
GLU C    C N N 120 
GLU O    O N N 121 
GLU CB   C N N 122 
GLU CG   C N N 123 
GLU CD   C N N 124 
GLU OE1  O N N 125 
GLU OE2  O N N 126 
GLU OXT  O N N 127 
GLU H    H N N 128 
GLU H2   H N N 129 
GLU HA   H N N 130 
GLU HB2  H N N 131 
GLU HB3  H N N 132 
GLU HG2  H N N 133 
GLU HG3  H N N 134 
GLU HE2  H N N 135 
GLU HXT  H N N 136 
GLY N    N N N 137 
GLY CA   C N N 138 
GLY C    C N N 139 
GLY O    O N N 140 
GLY OXT  O N N 141 
GLY H    H N N 142 
GLY H2   H N N 143 
GLY HA2  H N N 144 
GLY HA3  H N N 145 
GLY HXT  H N N 146 
HIS N    N N N 147 
HIS CA   C N S 148 
HIS C    C N N 149 
HIS O    O N N 150 
HIS CB   C N N 151 
HIS CG   C Y N 152 
HIS ND1  N Y N 153 
HIS CD2  C Y N 154 
HIS CE1  C Y N 155 
HIS NE2  N Y N 156 
HIS OXT  O N N 157 
HIS H    H N N 158 
HIS H2   H N N 159 
HIS HA   H N N 160 
HIS HB2  H N N 161 
HIS HB3  H N N 162 
HIS HD1  H N N 163 
HIS HD2  H N N 164 
HIS HE1  H N N 165 
HIS HE2  H N N 166 
HIS HXT  H N N 167 
HOH O    O N N 168 
HOH H1   H N N 169 
HOH H2   H N N 170 
ILE N    N N N 171 
ILE CA   C N S 172 
ILE C    C N N 173 
ILE O    O N N 174 
ILE CB   C N S 175 
ILE CG1  C N N 176 
ILE CG2  C N N 177 
ILE CD1  C N N 178 
ILE OXT  O N N 179 
ILE H    H N N 180 
ILE H2   H N N 181 
ILE HA   H N N 182 
ILE HB   H N N 183 
ILE HG12 H N N 184 
ILE HG13 H N N 185 
ILE HG21 H N N 186 
ILE HG22 H N N 187 
ILE HG23 H N N 188 
ILE HD11 H N N 189 
ILE HD12 H N N 190 
ILE HD13 H N N 191 
ILE HXT  H N N 192 
LEU N    N N N 193 
LEU CA   C N S 194 
LEU C    C N N 195 
LEU O    O N N 196 
LEU CB   C N N 197 
LEU CG   C N N 198 
LEU CD1  C N N 199 
LEU CD2  C N N 200 
LEU OXT  O N N 201 
LEU H    H N N 202 
LEU H2   H N N 203 
LEU HA   H N N 204 
LEU HB2  H N N 205 
LEU HB3  H N N 206 
LEU HG   H N N 207 
LEU HD11 H N N 208 
LEU HD12 H N N 209 
LEU HD13 H N N 210 
LEU HD21 H N N 211 
LEU HD22 H N N 212 
LEU HD23 H N N 213 
LEU HXT  H N N 214 
LYS N    N N N 215 
LYS CA   C N S 216 
LYS C    C N N 217 
LYS O    O N N 218 
LYS CB   C N N 219 
LYS CG   C N N 220 
LYS CD   C N N 221 
LYS CE   C N N 222 
LYS NZ   N N N 223 
LYS OXT  O N N 224 
LYS H    H N N 225 
LYS H2   H N N 226 
LYS HA   H N N 227 
LYS HB2  H N N 228 
LYS HB3  H N N 229 
LYS HG2  H N N 230 
LYS HG3  H N N 231 
LYS HD2  H N N 232 
LYS HD3  H N N 233 
LYS HE2  H N N 234 
LYS HE3  H N N 235 
LYS HZ1  H N N 236 
LYS HZ2  H N N 237 
LYS HZ3  H N N 238 
LYS HXT  H N N 239 
MET N    N N N 240 
MET CA   C N S 241 
MET C    C N N 242 
MET O    O N N 243 
MET CB   C N N 244 
MET CG   C N N 245 
MET SD   S N N 246 
MET CE   C N N 247 
MET OXT  O N N 248 
MET H    H N N 249 
MET H2   H N N 250 
MET HA   H N N 251 
MET HB2  H N N 252 
MET HB3  H N N 253 
MET HG2  H N N 254 
MET HG3  H N N 255 
MET HE1  H N N 256 
MET HE2  H N N 257 
MET HE3  H N N 258 
MET HXT  H N N 259 
PHE N    N N N 260 
PHE CA   C N S 261 
PHE C    C N N 262 
PHE O    O N N 263 
PHE CB   C N N 264 
PHE CG   C Y N 265 
PHE CD1  C Y N 266 
PHE CD2  C Y N 267 
PHE CE1  C Y N 268 
PHE CE2  C Y N 269 
PHE CZ   C Y N 270 
PHE OXT  O N N 271 
PHE H    H N N 272 
PHE H2   H N N 273 
PHE HA   H N N 274 
PHE HB2  H N N 275 
PHE HB3  H N N 276 
PHE HD1  H N N 277 
PHE HD2  H N N 278 
PHE HE1  H N N 279 
PHE HE2  H N N 280 
PHE HZ   H N N 281 
PHE HXT  H N N 282 
PRO N    N N N 283 
PRO CA   C N S 284 
PRO C    C N N 285 
PRO O    O N N 286 
PRO CB   C N N 287 
PRO CG   C N N 288 
PRO CD   C N N 289 
PRO OXT  O N N 290 
PRO H    H N N 291 
PRO HA   H N N 292 
PRO HB2  H N N 293 
PRO HB3  H N N 294 
PRO HG2  H N N 295 
PRO HG3  H N N 296 
PRO HD2  H N N 297 
PRO HD3  H N N 298 
PRO HXT  H N N 299 
QP8 C4   C Y N 300 
QP8 C5   C Y N 301 
QP8 C6   C Y N 302 
QP8 N1   N Y N 303 
QP8 C7   C Y N 304 
QP8 C8   C Y N 305 
QP8 N2   N N N 306 
QP8 C9   C Y N 307 
QP8 C10  C N N 308 
QP8 C11  C N N 309 
QP8 C12  C N N 310 
QP8 N3   N N N 311 
QP8 C13  C N N 312 
QP8 C14  C N N 313 
QP8 C15  C N N 314 
QP8 N4   N N N 315 
QP8 O    O N N 316 
QP8 O1   O N N 317 
QP8 C18  C N N 318 
QP8 C17  C N N 319 
QP8 C16  C N N 320 
QP8 N    N Y N 321 
QP8 C3   C Y N 322 
QP8 C2   C Y N 323 
QP8 O2   O N N 324 
QP8 C1   C Y N 325 
QP8 C    C Y N 326 
QP8 H1   H N N 327 
QP8 H2   H N N 328 
QP8 H3   H N N 329 
QP8 H4   H N N 330 
QP8 H5   H N N 331 
QP8 H6   H N N 332 
QP8 H7   H N N 333 
QP8 H8   H N N 334 
QP8 H9   H N N 335 
QP8 H10  H N N 336 
QP8 H11  H N N 337 
QP8 H12  H N N 338 
QP8 H13  H N N 339 
QP8 H14  H N N 340 
QP8 H15  H N N 341 
QP8 H16  H N N 342 
QP8 H17  H N N 343 
QP8 H18  H N N 344 
QP8 H19  H N N 345 
QP8 H20  H N N 346 
QP8 H21  H N N 347 
QP8 H22  H N N 348 
QP8 H23  H N N 349 
QP8 H24  H N N 350 
QP8 H25  H N N 351 
SER N    N N N 352 
SER CA   C N S 353 
SER C    C N N 354 
SER O    O N N 355 
SER CB   C N N 356 
SER OG   O N N 357 
SER OXT  O N N 358 
SER H    H N N 359 
SER H2   H N N 360 
SER HA   H N N 361 
SER HB2  H N N 362 
SER HB3  H N N 363 
SER HG   H N N 364 
SER HXT  H N N 365 
THR N    N N N 366 
THR CA   C N S 367 
THR C    C N N 368 
THR O    O N N 369 
THR CB   C N R 370 
THR OG1  O N N 371 
THR CG2  C N N 372 
THR OXT  O N N 373 
THR H    H N N 374 
THR H2   H N N 375 
THR HA   H N N 376 
THR HB   H N N 377 
THR HG1  H N N 378 
THR HG21 H N N 379 
THR HG22 H N N 380 
THR HG23 H N N 381 
THR HXT  H N N 382 
TYR N    N N N 383 
TYR CA   C N S 384 
TYR C    C N N 385 
TYR O    O N N 386 
TYR CB   C N N 387 
TYR CG   C Y N 388 
TYR CD1  C Y N 389 
TYR CD2  C Y N 390 
TYR CE1  C Y N 391 
TYR CE2  C Y N 392 
TYR CZ   C Y N 393 
TYR OH   O N N 394 
TYR OXT  O N N 395 
TYR H    H N N 396 
TYR H2   H N N 397 
TYR HA   H N N 398 
TYR HB2  H N N 399 
TYR HB3  H N N 400 
TYR HD1  H N N 401 
TYR HD2  H N N 402 
TYR HE1  H N N 403 
TYR HE2  H N N 404 
TYR HH   H N N 405 
TYR HXT  H N N 406 
VAL N    N N N 407 
VAL CA   C N S 408 
VAL C    C N N 409 
VAL O    O N N 410 
VAL CB   C N N 411 
VAL CG1  C N N 412 
VAL CG2  C N N 413 
VAL OXT  O N N 414 
VAL H    H N N 415 
VAL H2   H N N 416 
VAL HA   H N N 417 
VAL HB   H N N 418 
VAL HG11 H N N 419 
VAL HG12 H N N 420 
VAL HG13 H N N 421 
VAL HG21 H N N 422 
VAL HG22 H N N 423 
VAL HG23 H N N 424 
VAL HXT  H N N 425 
# 
loop_
_chem_comp_bond.comp_id 
_chem_comp_bond.atom_id_1 
_chem_comp_bond.atom_id_2 
_chem_comp_bond.value_order 
_chem_comp_bond.pdbx_aromatic_flag 
_chem_comp_bond.pdbx_stereo_config 
_chem_comp_bond.pdbx_ordinal 
ALA N   CA   sing N N 1   
ALA N   H    sing N N 2   
ALA N   H2   sing N N 3   
ALA CA  C    sing N N 4   
ALA CA  CB   sing N N 5   
ALA CA  HA   sing N N 6   
ALA C   O    doub N N 7   
ALA C   OXT  sing N N 8   
ALA CB  HB1  sing N N 9   
ALA CB  HB2  sing N N 10  
ALA CB  HB3  sing N N 11  
ALA OXT HXT  sing N N 12  
ARG N   CA   sing N N 13  
ARG N   H    sing N N 14  
ARG N   H2   sing N N 15  
ARG CA  C    sing N N 16  
ARG CA  CB   sing N N 17  
ARG CA  HA   sing N N 18  
ARG C   O    doub N N 19  
ARG C   OXT  sing N N 20  
ARG CB  CG   sing N N 21  
ARG CB  HB2  sing N N 22  
ARG CB  HB3  sing N N 23  
ARG CG  CD   sing N N 24  
ARG CG  HG2  sing N N 25  
ARG CG  HG3  sing N N 26  
ARG CD  NE   sing N N 27  
ARG CD  HD2  sing N N 28  
ARG CD  HD3  sing N N 29  
ARG NE  CZ   sing N N 30  
ARG NE  HE   sing N N 31  
ARG CZ  NH1  sing N N 32  
ARG CZ  NH2  doub N N 33  
ARG NH1 HH11 sing N N 34  
ARG NH1 HH12 sing N N 35  
ARG NH2 HH21 sing N N 36  
ARG NH2 HH22 sing N N 37  
ARG OXT HXT  sing N N 38  
ASN N   CA   sing N N 39  
ASN N   H    sing N N 40  
ASN N   H2   sing N N 41  
ASN CA  C    sing N N 42  
ASN CA  CB   sing N N 43  
ASN CA  HA   sing N N 44  
ASN C   O    doub N N 45  
ASN C   OXT  sing N N 46  
ASN CB  CG   sing N N 47  
ASN CB  HB2  sing N N 48  
ASN CB  HB3  sing N N 49  
ASN CG  OD1  doub N N 50  
ASN CG  ND2  sing N N 51  
ASN ND2 HD21 sing N N 52  
ASN ND2 HD22 sing N N 53  
ASN OXT HXT  sing N N 54  
ASP N   CA   sing N N 55  
ASP N   H    sing N N 56  
ASP N   H2   sing N N 57  
ASP CA  C    sing N N 58  
ASP CA  CB   sing N N 59  
ASP CA  HA   sing N N 60  
ASP C   O    doub N N 61  
ASP C   OXT  sing N N 62  
ASP CB  CG   sing N N 63  
ASP CB  HB2  sing N N 64  
ASP CB  HB3  sing N N 65  
ASP CG  OD1  doub N N 66  
ASP CG  OD2  sing N N 67  
ASP OD2 HD2  sing N N 68  
ASP OXT HXT  sing N N 69  
CYS N   CA   sing N N 70  
CYS N   H    sing N N 71  
CYS N   H2   sing N N 72  
CYS CA  C    sing N N 73  
CYS CA  CB   sing N N 74  
CYS CA  HA   sing N N 75  
CYS C   O    doub N N 76  
CYS C   OXT  sing N N 77  
CYS CB  SG   sing N N 78  
CYS CB  HB2  sing N N 79  
CYS CB  HB3  sing N N 80  
CYS SG  HG   sing N N 81  
CYS OXT HXT  sing N N 82  
EDO C1  O1   sing N N 83  
EDO C1  C2   sing N N 84  
EDO C1  H11  sing N N 85  
EDO C1  H12  sing N N 86  
EDO O1  HO1  sing N N 87  
EDO C2  O2   sing N N 88  
EDO C2  H21  sing N N 89  
EDO C2  H22  sing N N 90  
EDO O2  HO2  sing N N 91  
GLN N   CA   sing N N 92  
GLN N   H    sing N N 93  
GLN N   H2   sing N N 94  
GLN CA  C    sing N N 95  
GLN CA  CB   sing N N 96  
GLN CA  HA   sing N N 97  
GLN C   O    doub N N 98  
GLN C   OXT  sing N N 99  
GLN CB  CG   sing N N 100 
GLN CB  HB2  sing N N 101 
GLN CB  HB3  sing N N 102 
GLN CG  CD   sing N N 103 
GLN CG  HG2  sing N N 104 
GLN CG  HG3  sing N N 105 
GLN CD  OE1  doub N N 106 
GLN CD  NE2  sing N N 107 
GLN NE2 HE21 sing N N 108 
GLN NE2 HE22 sing N N 109 
GLN OXT HXT  sing N N 110 
GLU N   CA   sing N N 111 
GLU N   H    sing N N 112 
GLU N   H2   sing N N 113 
GLU CA  C    sing N N 114 
GLU CA  CB   sing N N 115 
GLU CA  HA   sing N N 116 
GLU C   O    doub N N 117 
GLU C   OXT  sing N N 118 
GLU CB  CG   sing N N 119 
GLU CB  HB2  sing N N 120 
GLU CB  HB3  sing N N 121 
GLU CG  CD   sing N N 122 
GLU CG  HG2  sing N N 123 
GLU CG  HG3  sing N N 124 
GLU CD  OE1  doub N N 125 
GLU CD  OE2  sing N N 126 
GLU OE2 HE2  sing N N 127 
GLU OXT HXT  sing N N 128 
GLY N   CA   sing N N 129 
GLY N   H    sing N N 130 
GLY N   H2   sing N N 131 
GLY CA  C    sing N N 132 
GLY CA  HA2  sing N N 133 
GLY CA  HA3  sing N N 134 
GLY C   O    doub N N 135 
GLY C   OXT  sing N N 136 
GLY OXT HXT  sing N N 137 
HIS N   CA   sing N N 138 
HIS N   H    sing N N 139 
HIS N   H2   sing N N 140 
HIS CA  C    sing N N 141 
HIS CA  CB   sing N N 142 
HIS CA  HA   sing N N 143 
HIS C   O    doub N N 144 
HIS C   OXT  sing N N 145 
HIS CB  CG   sing N N 146 
HIS CB  HB2  sing N N 147 
HIS CB  HB3  sing N N 148 
HIS CG  ND1  sing Y N 149 
HIS CG  CD2  doub Y N 150 
HIS ND1 CE1  doub Y N 151 
HIS ND1 HD1  sing N N 152 
HIS CD2 NE2  sing Y N 153 
HIS CD2 HD2  sing N N 154 
HIS CE1 NE2  sing Y N 155 
HIS CE1 HE1  sing N N 156 
HIS NE2 HE2  sing N N 157 
HIS OXT HXT  sing N N 158 
HOH O   H1   sing N N 159 
HOH O   H2   sing N N 160 
ILE N   CA   sing N N 161 
ILE N   H    sing N N 162 
ILE N   H2   sing N N 163 
ILE CA  C    sing N N 164 
ILE CA  CB   sing N N 165 
ILE CA  HA   sing N N 166 
ILE C   O    doub N N 167 
ILE C   OXT  sing N N 168 
ILE CB  CG1  sing N N 169 
ILE CB  CG2  sing N N 170 
ILE CB  HB   sing N N 171 
ILE CG1 CD1  sing N N 172 
ILE CG1 HG12 sing N N 173 
ILE CG1 HG13 sing N N 174 
ILE CG2 HG21 sing N N 175 
ILE CG2 HG22 sing N N 176 
ILE CG2 HG23 sing N N 177 
ILE CD1 HD11 sing N N 178 
ILE CD1 HD12 sing N N 179 
ILE CD1 HD13 sing N N 180 
ILE OXT HXT  sing N N 181 
LEU N   CA   sing N N 182 
LEU N   H    sing N N 183 
LEU N   H2   sing N N 184 
LEU CA  C    sing N N 185 
LEU CA  CB   sing N N 186 
LEU CA  HA   sing N N 187 
LEU C   O    doub N N 188 
LEU C   OXT  sing N N 189 
LEU CB  CG   sing N N 190 
LEU CB  HB2  sing N N 191 
LEU CB  HB3  sing N N 192 
LEU CG  CD1  sing N N 193 
LEU CG  CD2  sing N N 194 
LEU CG  HG   sing N N 195 
LEU CD1 HD11 sing N N 196 
LEU CD1 HD12 sing N N 197 
LEU CD1 HD13 sing N N 198 
LEU CD2 HD21 sing N N 199 
LEU CD2 HD22 sing N N 200 
LEU CD2 HD23 sing N N 201 
LEU OXT HXT  sing N N 202 
LYS N   CA   sing N N 203 
LYS N   H    sing N N 204 
LYS N   H2   sing N N 205 
LYS CA  C    sing N N 206 
LYS CA  CB   sing N N 207 
LYS CA  HA   sing N N 208 
LYS C   O    doub N N 209 
LYS C   OXT  sing N N 210 
LYS CB  CG   sing N N 211 
LYS CB  HB2  sing N N 212 
LYS CB  HB3  sing N N 213 
LYS CG  CD   sing N N 214 
LYS CG  HG2  sing N N 215 
LYS CG  HG3  sing N N 216 
LYS CD  CE   sing N N 217 
LYS CD  HD2  sing N N 218 
LYS CD  HD3  sing N N 219 
LYS CE  NZ   sing N N 220 
LYS CE  HE2  sing N N 221 
LYS CE  HE3  sing N N 222 
LYS NZ  HZ1  sing N N 223 
LYS NZ  HZ2  sing N N 224 
LYS NZ  HZ3  sing N N 225 
LYS OXT HXT  sing N N 226 
MET N   CA   sing N N 227 
MET N   H    sing N N 228 
MET N   H2   sing N N 229 
MET CA  C    sing N N 230 
MET CA  CB   sing N N 231 
MET CA  HA   sing N N 232 
MET C   O    doub N N 233 
MET C   OXT  sing N N 234 
MET CB  CG   sing N N 235 
MET CB  HB2  sing N N 236 
MET CB  HB3  sing N N 237 
MET CG  SD   sing N N 238 
MET CG  HG2  sing N N 239 
MET CG  HG3  sing N N 240 
MET SD  CE   sing N N 241 
MET CE  HE1  sing N N 242 
MET CE  HE2  sing N N 243 
MET CE  HE3  sing N N 244 
MET OXT HXT  sing N N 245 
PHE N   CA   sing N N 246 
PHE N   H    sing N N 247 
PHE N   H2   sing N N 248 
PHE CA  C    sing N N 249 
PHE CA  CB   sing N N 250 
PHE CA  HA   sing N N 251 
PHE C   O    doub N N 252 
PHE C   OXT  sing N N 253 
PHE CB  CG   sing N N 254 
PHE CB  HB2  sing N N 255 
PHE CB  HB3  sing N N 256 
PHE CG  CD1  doub Y N 257 
PHE CG  CD2  sing Y N 258 
PHE CD1 CE1  sing Y N 259 
PHE CD1 HD1  sing N N 260 
PHE CD2 CE2  doub Y N 261 
PHE CD2 HD2  sing N N 262 
PHE CE1 CZ   doub Y N 263 
PHE CE1 HE1  sing N N 264 
PHE CE2 CZ   sing Y N 265 
PHE CE2 HE2  sing N N 266 
PHE CZ  HZ   sing N N 267 
PHE OXT HXT  sing N N 268 
PRO N   CA   sing N N 269 
PRO N   CD   sing N N 270 
PRO N   H    sing N N 271 
PRO CA  C    sing N N 272 
PRO CA  CB   sing N N 273 
PRO CA  HA   sing N N 274 
PRO C   O    doub N N 275 
PRO C   OXT  sing N N 276 
PRO CB  CG   sing N N 277 
PRO CB  HB2  sing N N 278 
PRO CB  HB3  sing N N 279 
PRO CG  CD   sing N N 280 
PRO CG  HG2  sing N N 281 
PRO CG  HG3  sing N N 282 
PRO CD  HD2  sing N N 283 
PRO CD  HD3  sing N N 284 
PRO OXT HXT  sing N N 285 
QP8 C5  C    doub Y N 286 
QP8 C5  C4   sing Y N 287 
QP8 C   C1   sing Y N 288 
QP8 C4  C3   doub Y N 289 
QP8 C1  C2   doub Y N 290 
QP8 C3  C2   sing Y N 291 
QP8 C3  C6   sing N N 292 
QP8 C2  O2   sing N N 293 
QP8 C6  N    doub Y N 294 
QP8 C6  C9   sing Y N 295 
QP8 N   N1   sing Y N 296 
QP8 C9  C8   doub Y N 297 
QP8 N1  C7   doub Y N 298 
QP8 C8  C7   sing Y N 299 
QP8 C8  N2   sing N N 300 
QP8 C10 C11  sing N N 301 
QP8 C10 N2   sing N N 302 
QP8 C7  N4   sing N N 303 
QP8 C11 N3   sing N N 304 
QP8 N2  C13  sing N N 305 
QP8 N3  C12  sing N N 306 
QP8 N3  C14  sing N N 307 
QP8 O   C14  doub N N 308 
QP8 C13 C12  sing N N 309 
QP8 C14 O1   sing N N 310 
QP8 O1  C15  sing N N 311 
QP8 C16 C15  sing N N 312 
QP8 C15 C18  sing N N 313 
QP8 C15 C17  sing N N 314 
QP8 C4  H1   sing N N 315 
QP8 C5  H2   sing N N 316 
QP8 C9  H3   sing N N 317 
QP8 C10 H4   sing N N 318 
QP8 C10 H5   sing N N 319 
QP8 C11 H6   sing N N 320 
QP8 C11 H7   sing N N 321 
QP8 C12 H8   sing N N 322 
QP8 C12 H9   sing N N 323 
QP8 C13 H10  sing N N 324 
QP8 C13 H11  sing N N 325 
QP8 N4  H12  sing N N 326 
QP8 N4  H13  sing N N 327 
QP8 C18 H14  sing N N 328 
QP8 C18 H15  sing N N 329 
QP8 C18 H16  sing N N 330 
QP8 C17 H17  sing N N 331 
QP8 C17 H18  sing N N 332 
QP8 C17 H19  sing N N 333 
QP8 C16 H20  sing N N 334 
QP8 C16 H21  sing N N 335 
QP8 C16 H22  sing N N 336 
QP8 O2  H23  sing N N 337 
QP8 C1  H24  sing N N 338 
QP8 C   H25  sing N N 339 
SER N   CA   sing N N 340 
SER N   H    sing N N 341 
SER N   H2   sing N N 342 
SER CA  C    sing N N 343 
SER CA  CB   sing N N 344 
SER CA  HA   sing N N 345 
SER C   O    doub N N 346 
SER C   OXT  sing N N 347 
SER CB  OG   sing N N 348 
SER CB  HB2  sing N N 349 
SER CB  HB3  sing N N 350 
SER OG  HG   sing N N 351 
SER OXT HXT  sing N N 352 
THR N   CA   sing N N 353 
THR N   H    sing N N 354 
THR N   H2   sing N N 355 
THR CA  C    sing N N 356 
THR CA  CB   sing N N 357 
THR CA  HA   sing N N 358 
THR C   O    doub N N 359 
THR C   OXT  sing N N 360 
THR CB  OG1  sing N N 361 
THR CB  CG2  sing N N 362 
THR CB  HB   sing N N 363 
THR OG1 HG1  sing N N 364 
THR CG2 HG21 sing N N 365 
THR CG2 HG22 sing N N 366 
THR CG2 HG23 sing N N 367 
THR OXT HXT  sing N N 368 
TYR N   CA   sing N N 369 
TYR N   H    sing N N 370 
TYR N   H2   sing N N 371 
TYR CA  C    sing N N 372 
TYR CA  CB   sing N N 373 
TYR CA  HA   sing N N 374 
TYR C   O    doub N N 375 
TYR C   OXT  sing N N 376 
TYR CB  CG   sing N N 377 
TYR CB  HB2  sing N N 378 
TYR CB  HB3  sing N N 379 
TYR CG  CD1  doub Y N 380 
TYR CG  CD2  sing Y N 381 
TYR CD1 CE1  sing Y N 382 
TYR CD1 HD1  sing N N 383 
TYR CD2 CE2  doub Y N 384 
TYR CD2 HD2  sing N N 385 
TYR CE1 CZ   doub Y N 386 
TYR CE1 HE1  sing N N 387 
TYR CE2 CZ   sing Y N 388 
TYR CE2 HE2  sing N N 389 
TYR CZ  OH   sing N N 390 
TYR OH  HH   sing N N 391 
TYR OXT HXT  sing N N 392 
VAL N   CA   sing N N 393 
VAL N   H    sing N N 394 
VAL N   H2   sing N N 395 
VAL CA  C    sing N N 396 
VAL CA  CB   sing N N 397 
VAL CA  HA   sing N N 398 
VAL C   O    doub N N 399 
VAL C   OXT  sing N N 400 
VAL CB  CG1  sing N N 401 
VAL CB  CG2  sing N N 402 
VAL CB  HB   sing N N 403 
VAL CG1 HG11 sing N N 404 
VAL CG1 HG12 sing N N 405 
VAL CG1 HG13 sing N N 406 
VAL CG2 HG21 sing N N 407 
VAL CG2 HG22 sing N N 408 
VAL CG2 HG23 sing N N 409 
VAL OXT HXT  sing N N 410 
# 
_pdbx_entity_instance_feature.ordinal        1 
_pdbx_entity_instance_feature.comp_id        QP8 
_pdbx_entity_instance_feature.asym_id        ? 
_pdbx_entity_instance_feature.seq_num        ? 
_pdbx_entity_instance_feature.auth_comp_id   QP8 
_pdbx_entity_instance_feature.auth_asym_id   ? 
_pdbx_entity_instance_feature.auth_seq_num   ? 
_pdbx_entity_instance_feature.feature_type   'SUBJECT OF INVESTIGATION' 
_pdbx_entity_instance_feature.details        ? 
# 
_pdbx_initial_refinement_model.id               1 
_pdbx_initial_refinement_model.entity_id_list   ? 
_pdbx_initial_refinement_model.type             'experimental model' 
_pdbx_initial_refinement_model.source_name      PDB 
_pdbx_initial_refinement_model.accession_code   5FH7 
_pdbx_initial_refinement_model.details          ? 
# 
_space_group.name_H-M_alt     'C 1 2 1' 
_space_group.name_Hall        'C 2y' 
_space_group.IT_number        5 
_space_group.crystal_system   monoclinic 
_space_group.id               1 
# 
_atom_sites.entry_id                    6ZS4 
_atom_sites.Cartn_transf_matrix[1][1]   ? 
_atom_sites.Cartn_transf_matrix[1][2]   ? 
_atom_sites.Cartn_transf_matrix[1][3]   ? 
_atom_sites.Cartn_transf_matrix[2][1]   ? 
_atom_sites.Cartn_transf_matrix[2][2]   ? 
_atom_sites.Cartn_transf_matrix[2][3]   ? 
_atom_sites.Cartn_transf_matrix[3][1]   ? 
_atom_sites.Cartn_transf_matrix[3][2]   ? 
_atom_sites.Cartn_transf_matrix[3][3]   ? 
_atom_sites.Cartn_transf_vector[1]      ? 
_atom_sites.Cartn_transf_vector[2]      ? 
_atom_sites.Cartn_transf_vector[3]      ? 
_atom_sites.fract_transf_matrix[1][1]   -0.00049981 
_atom_sites.fract_transf_matrix[1][2]   -0.00115224 
_atom_sites.fract_transf_matrix[1][3]   0.00787026 
_atom_sites.fract_transf_matrix[2][1]   0.03126812 
_atom_sites.fract_transf_matrix[2][2]   -0.01236587 
_atom_sites.fract_transf_matrix[2][3]   0.00017529 
_atom_sites.fract_transf_matrix[3][1]   0.00970674 
_atom_sites.fract_transf_matrix[3][2]   0.02464824 
_atom_sites.fract_transf_matrix[3][3]   0.00733338 
_atom_sites.fract_transf_vector[1]      0.153394 
_atom_sites.fract_transf_vector[2]      -0.006542 
_atom_sites.fract_transf_vector[3]      0.422760 
_atom_sites.solution_primary            ? 
_atom_sites.solution_secondary          ? 
_atom_sites.solution_hydrogens          ? 
_atom_sites.special_details             ? 
# 
loop_
_atom_type.symbol 
_atom_type.scat_dispersion_real 
_atom_type.scat_dispersion_imag 
_atom_type.scat_Cromer_Mann_a1 
_atom_type.scat_Cromer_Mann_a2 
_atom_type.scat_Cromer_Mann_b1 
_atom_type.scat_Cromer_Mann_b2 
_atom_type.scat_Cromer_Mann_c 
_atom_type.scat_source 
_atom_type.scat_dispersion_source 
C ? ? 3.54356 2.42580 25.62398 1.50364  0.0 
;2-Gaussian fit: Grosse-Kunstleve RW, Sauter NK, Adams PD: Newsletter of the IUCr Commission on Crystallographic Computing 2004, 3, 22-31.
;
? 
N ? ? 4.01032 2.96436 19.97189 1.75589  0.0 
;2-Gaussian fit: Grosse-Kunstleve RW, Sauter NK, Adams PD: Newsletter of the IUCr Commission on Crystallographic Computing 2004, 3, 22-31.
;
? 
O ? ? 4.49882 3.47563 15.80542 1.70748  0.0 
;2-Gaussian fit: Grosse-Kunstleve RW, Sauter NK, Adams PD: Newsletter of the IUCr Commission on Crystallographic Computing 2004, 3, 22-31.
;
? 
S ? ? 9.55732 6.39887 1.23737  29.19336 0.0 
;2-Gaussian fit: Grosse-Kunstleve RW, Sauter NK, Adams PD: Newsletter of the IUCr Commission on Crystallographic Computing 2004, 3, 22-31.
;
? 
# 
loop_
_atom_site.group_PDB 
_atom_site.id 
_atom_site.type_symbol 
_atom_site.label_atom_id 
_atom_site.label_alt_id 
_atom_site.label_comp_id 
_atom_site.label_asym_id 
_atom_site.label_entity_id 
_atom_site.label_seq_id 
_atom_site.pdbx_PDB_ins_code 
_atom_site.Cartn_x 
_atom_site.Cartn_y 
_atom_site.Cartn_z 
_atom_site.occupancy 
_atom_site.B_iso_or_equiv 
_atom_site.pdbx_formal_charge 
_atom_site.auth_seq_id 
_atom_site.auth_comp_id 
_atom_site.auth_asym_id 
_atom_site.auth_atom_id 
_atom_site.pdbx_PDB_model_num 
ATOM   1    N N   . MET A 1 13  ? -0.41829  -6.44260  -22.65065 1.000 49.95732 ? 655 MET A N   1 
ATOM   2    C CA  . MET A 1 13  ? 0.40144   -6.07759  -21.49724 1.000 54.93699 ? 655 MET A CA  1 
ATOM   3    C C   . MET A 1 13  ? 1.56077   -7.05293  -21.26696 1.000 53.33406 ? 655 MET A C   1 
ATOM   4    O O   . MET A 1 13  ? 1.38563   -8.26667  -21.30100 1.000 60.80581 ? 655 MET A O   1 
ATOM   5    C CB  . MET A 1 13  ? -0.46738  -5.99221  -20.24090 1.000 52.55446 ? 655 MET A CB  1 
ATOM   6    N N   . THR A 1 14  ? 2.74551   -6.49240  -21.02490 1.000 54.15942 ? 656 THR A N   1 
ATOM   7    C CA  . THR A 1 14  ? 3.94887   -7.27000  -20.76226 1.000 57.32703 ? 656 THR A CA  1 
ATOM   8    C C   . THR A 1 14  ? 3.74094   -8.15998  -19.53487 1.000 54.67174 ? 656 THR A C   1 
ATOM   9    O O   . THR A 1 14  ? 2.87268   -7.88659  -18.70331 1.000 59.78922 ? 656 THR A O   1 
ATOM   10   C CB  . THR A 1 14  ? 5.12147   -6.30752  -20.54477 1.000 56.37792 ? 656 THR A CB  1 
ATOM   11   O OG1 . THR A 1 14  ? 5.15711   -5.38151  -21.62914 1.000 69.67171 ? 656 THR A OG1 1 
ATOM   12   C CG2 . THR A 1 14  ? 6.46818   -7.01383  -20.48611 1.000 63.63324 ? 656 THR A CG2 1 
ATOM   13   N N   . PRO A 1 15  ? 4.50224   -9.25042  -19.40751 1.000 54.41007 ? 657 PRO A N   1 
ATOM   14   C CA  . PRO A 1 15  ? 4.53010   -9.95929  -18.11624 1.000 58.03455 ? 657 PRO A CA  1 
ATOM   15   C C   . PRO A 1 15  ? 4.87926   -9.06774  -16.93233 1.000 56.06262 ? 657 PRO A C   1 
ATOM   16   O O   . PRO A 1 15  ? 4.35827   -9.28574  -15.83139 1.000 62.59581 ? 657 PRO A O   1 
ATOM   17   C CB  . PRO A 1 15  ? 5.59073   -11.04539 -18.34230 1.000 52.15249 ? 657 PRO A CB  1 
ATOM   18   C CG  . PRO A 1 15  ? 5.45075   -11.37373 -19.78951 1.000 53.69413 ? 657 PRO A CG  1 
ATOM   19   C CD  . PRO A 1 15  ? 5.06486   -10.08107 -20.48919 1.000 60.11099 ? 657 PRO A CD  1 
ATOM   20   N N   . MET A 1 16  ? 5.73738   -8.06413  -17.12134 1.000 55.99524 ? 658 MET A N   1 
ATOM   21   C CA  . MET A 1 16  ? 6.02635   -7.12709  -16.04073 1.000 55.33890 ? 658 MET A CA  1 
ATOM   22   C C   . MET A 1 16  ? 4.77441   -6.35383  -15.63755 1.000 52.96368 ? 658 MET A C   1 
ATOM   23   O O   . MET A 1 16  ? 4.42640   -6.28926  -14.45291 1.000 48.09842 ? 658 MET A O   1 
ATOM   24   C CB  . MET A 1 16  ? 7.14950   -6.17597  -16.45857 1.000 59.76805 ? 658 MET A CB  1 
ATOM   25   C CG  . MET A 1 16  ? 7.58481   -5.17925  -15.38055 1.000 56.53647 ? 658 MET A CG  1 
ATOM   26   S SD  . MET A 1 16  ? 7.82384   -5.93080  -13.75606 1.000 61.50449 ? 658 MET A SD  1 
ATOM   27   C CE  . MET A 1 16  ? 9.13823   -7.11241  -14.07820 1.000 58.83012 ? 658 MET A CE  1 
ATOM   28   N N   . GLN A 1 17  ? 4.07549   -5.76679  -16.61430 1.000 51.00459 ? 659 GLN A N   1 
ATOM   29   C CA  . GLN A 1 17  ? 2.84624   -5.04338  -16.30556 1.000 43.34465 ? 659 GLN A CA  1 
ATOM   30   C C   . GLN A 1 17  ? 1.78258   -5.96590  -15.71631 1.000 51.34526 ? 659 GLN A C   1 
ATOM   31   O O   . GLN A 1 17  ? 1.00132   -5.54277  -14.85563 1.000 51.17092 ? 659 GLN A O   1 
ATOM   32   C CB  . GLN A 1 17  ? 2.31845   -4.34595  -17.55712 1.000 43.49566 ? 659 GLN A CB  1 
ATOM   33   N N   . GLN A 1 18  ? 1.74492   -7.22800  -16.14433 1.000 51.31573 ? 660 GLN A N   1 
ATOM   34   C CA  . GLN A 1 18  ? 0.78345   -8.16485  -15.56904 1.000 51.78426 ? 660 GLN A CA  1 
ATOM   35   C C   . GLN A 1 18  ? 1.10752   -8.45850  -14.10993 1.000 51.60789 ? 660 GLN A C   1 
ATOM   36   O O   . GLN A 1 18  ? 0.20035   -8.62944  -13.28556 1.000 44.92654 ? 660 GLN A O   1 
ATOM   37   C CB  . GLN A 1 18  ? 0.75618   -9.46180  -16.37647 1.000 47.19596 ? 660 GLN A CB  1 
ATOM   38   N N   . LYS A 1 19  ? 2.39676   -8.53194  -13.77217 1.000 52.36521 ? 661 LYS A N   1 
ATOM   39   C CA  . LYS A 1 19  ? 2.76536   -8.81314  -12.39242 1.000 41.02523 ? 661 LYS A CA  1 
ATOM   40   C C   . LYS A 1 19  ? 2.51612   -7.60282  -11.50239 1.000 38.06414 ? 661 LYS A C   1 
ATOM   41   O O   . LYS A 1 19  ? 2.12958   -7.76211  -10.33953 1.000 38.59436 ? 661 LYS A O   1 
ATOM   42   C CB  . LYS A 1 19  ? 4.22328   -9.26558  -12.32360 1.000 38.46723 ? 661 LYS A CB  1 
ATOM   43   N N   . LEU A 1 20  ? 2.69896   -6.39315  -12.03987 1.000 43.00792 ? 662 LEU A N   1 
ATOM   44   C CA  . LEU A 1 20  ? 2.43813   -5.17683  -11.27371 1.000 38.28304 ? 662 LEU A CA  1 
ATOM   45   C C   . LEU A 1 20  ? 0.96034   -5.04930  -10.94153 1.000 46.90614 ? 662 LEU A C   1 
ATOM   46   O O   . LEU A 1 20  ? 0.58919   -4.80046  -9.78637  1.000 36.60741 ? 662 LEU A O   1 
ATOM   47   C CB  . LEU A 1 20  ? 2.89918   -3.95245  -12.05769 1.000 35.81685 ? 662 LEU A CB  1 
ATOM   48   C CG  . LEU A 1 20  ? 4.39175   -3.65890  -12.16179 1.000 44.14943 ? 662 LEU A CG  1 
ATOM   49   C CD1 . LEU A 1 20  ? 4.61290   -2.58805  -13.21109 1.000 43.61190 ? 662 LEU A CD1 1 
ATOM   50   C CD2 . LEU A 1 20  ? 4.95316   -3.20459  -10.82093 1.000 38.47484 ? 662 LEU A CD2 1 
ATOM   51   N N   . ASN A 1 21  ? 0.10370   -5.19964  -11.95658 1.000 41.79965 ? 663 ASN A N   1 
ATOM   52   C CA  . ASN A 1 21  ? -1.33538  -5.14043  -11.74104 1.000 39.45605 ? 663 ASN A CA  1 
ATOM   53   C C   . ASN A 1 21  ? -1.78748  -6.21817  -10.76024 1.000 34.69302 ? 663 ASN A C   1 
ATOM   54   O O   . ASN A 1 21  ? -2.66000  -5.97955  -9.91850  1.000 33.06075 ? 663 ASN A O   1 
ATOM   55   C CB  . ASN A 1 21  ? -2.05587  -5.27561  -13.08591 1.000 40.90212 ? 663 ASN A CB  1 
ATOM   56   C CG  . ASN A 1 21  ? -3.52764  -4.91922  -13.00318 1.000 41.99447 ? 663 ASN A CG  1 
ATOM   57   O OD1 . ASN A 1 21  ? -3.90545  -3.74941  -13.12470 1.000 44.99729 ? 663 ASN A OD1 1 
ATOM   58   N ND2 . ASN A 1 21  ? -4.36758  -5.92774  -12.79254 1.000 36.95112 ? 663 ASN A ND2 1 
ATOM   59   N N   . GLU A 1 22  ? -1.18211  -7.40087  -10.83156 1.000 33.24488 ? 664 GLU A N   1 
ATOM   60   C CA  . GLU A 1 22  ? -1.57232  -8.48660  -9.94246  1.000 28.79981 ? 664 GLU A CA  1 
ATOM   61   C C   . GLU A 1 22  ? -1.18900  -8.18969  -8.49203  1.000 35.16037 ? 664 GLU A C   1 
ATOM   62   O O   . GLU A 1 22  ? -1.98466  -8.41518  -7.56866  1.000 29.81813 ? 664 GLU A O   1 
ATOM   63   C CB  . GLU A 1 22  ? -0.93086  -9.78371  -10.43023 1.000 39.13445 ? 664 GLU A CB  1 
ATOM   64   C CG  . GLU A 1 22  ? -1.35766  -11.02859 -9.68824  1.000 43.17649 ? 664 GLU A CG  1 
ATOM   65   C CD  . GLU A 1 22  ? -0.90455  -12.30690 -10.37949 1.000 54.23379 ? 664 GLU A CD  1 
ATOM   66   O OE1 . GLU A 1 22  ? -0.48125  -12.24944 -11.56138 1.000 46.41852 ? 664 GLU A OE1 1 
ATOM   67   O OE2 . GLU A 1 22  ? -0.97021  -13.37459 -9.73139  1.000 66.55850 ? 664 GLU A OE2 1 
ATOM   68   N N   . VAL A 1 23  ? 0.02708   -7.69573  -8.26702  1.000 34.91183 ? 665 VAL A N   1 
ATOM   69   C CA  . VAL A 1 23  ? 0.42157   -7.31092  -6.91544  1.000 35.79743 ? 665 VAL A CA  1 
ATOM   70   C C   . VAL A 1 23  ? -0.51724  -6.23645  -6.37627  1.000 29.18489 ? 665 VAL A C   1 
ATOM   71   O O   . VAL A 1 23  ? -1.06035  -6.36481  -5.27262  1.000 28.56483 ? 665 VAL A O   1 
ATOM   72   C CB  . VAL A 1 23  ? 1.88974   -6.85093  -6.89175  1.000 26.17500 ? 665 VAL A CB  1 
ATOM   73   C CG1 . VAL A 1 23  ? 2.18326   -6.12246  -5.59448  1.000 27.33534 ? 665 VAL A CG1 1 
ATOM   74   C CG2 . VAL A 1 23  ? 2.81642   -8.05270  -7.04740  1.000 29.52930 ? 665 VAL A CG2 1 
ATOM   75   N N   . TYR A 1 24  ? -0.73268  -5.16520  -7.15166  1.000 27.42733 ? 666 TYR A N   1 
ATOM   76   C CA  . TYR A 1 24  ? -1.62551  -4.09990  -6.69759  1.000 25.75669 ? 666 TYR A CA  1 
ATOM   77   C C   . TYR A 1 24  ? -3.01548  -4.64003  -6.37058  1.000 29.79112 ? 666 TYR A C   1 
ATOM   78   O O   . TYR A 1 24  ? -3.60403  -4.28179  -5.34318  1.000 23.86424 ? 666 TYR A O   1 
ATOM   79   C CB  . TYR A 1 24  ? -1.71369  -2.98326  -7.74875  1.000 25.51291 ? 666 TYR A CB  1 
ATOM   80   C CG  . TYR A 1 24  ? -2.63001  -1.84659  -7.33935  1.000 26.88886 ? 666 TYR A CG  1 
ATOM   81   C CD1 . TYR A 1 24  ? -2.15837  -0.78564  -6.56169  1.000 31.92754 ? 666 TYR A CD1 1 
ATOM   82   C CD2 . TYR A 1 24  ? -3.96554  -1.83426  -7.71419  1.000 24.69565 ? 666 TYR A CD2 1 
ATOM   83   C CE1 . TYR A 1 24  ? -2.99838  0.24998   -6.17630  1.000 22.18884 ? 666 TYR A CE1 1 
ATOM   84   C CE2 . TYR A 1 24  ? -4.81209  -0.81047  -7.32898  1.000 28.44406 ? 666 TYR A CE2 1 
ATOM   85   C CZ  . TYR A 1 24  ? -4.32267  0.22638   -6.55830  1.000 30.54137 ? 666 TYR A CZ  1 
ATOM   86   O OH  . TYR A 1 24  ? -5.16630  1.24234   -6.17393  1.000 32.22573 ? 666 TYR A OH  1 
ATOM   87   N N   . GLU A 1 25  ? -3.55368  -5.51947  -7.21763  1.000 29.32598 ? 667 GLU A N   1 
ATOM   88   C CA  . GLU A 1 25  ? -4.91097  -5.99842  -6.98105  1.000 25.14018 ? 667 GLU A CA  1 
ATOM   89   C C   . GLU A 1 25  ? -4.97817  -6.91517  -5.76453  1.000 19.51599 ? 667 GLU A C   1 
ATOM   90   O O   . GLU A 1 25  ? -5.98250  -6.91672  -5.04778  1.000 23.60193 ? 667 GLU A O   1 
ATOM   91   C CB  . GLU A 1 25  ? -5.43853  -6.71495  -8.22345  1.000 33.73827 ? 667 GLU A CB  1 
ATOM   92   C CG  . GLU A 1 25  ? -5.65746  -5.82110  -9.42717  1.000 32.53831 ? 667 GLU A CG  1 
ATOM   93   C CD  . GLU A 1 25  ? -7.03602  -5.18245  -9.44378  1.000 54.55425 ? 667 GLU A CD  1 
ATOM   94   O OE1 . GLU A 1 25  ? -7.12074  -3.94620  -9.25640  1.000 54.15614 ? 667 GLU A OE1 1 
ATOM   95   O OE2 . GLU A 1 25  ? -8.03411  -5.91922  -9.64480  1.000 60.11453 ? 667 GLU A OE2 1 
ATOM   96   N N   . ALA A 1 26  ? -3.92754  -7.69490  -5.51691  1.000 24.92864 ? 668 ALA A N   1 
ATOM   97   C CA  . ALA A 1 26  ? -3.87341  -8.52521  -4.31701  1.000 24.86940 ? 668 ALA A CA  1 
ATOM   98   C C   . ALA A 1 26  ? -4.03546  -7.68558  -3.05007  1.000 18.22127 ? 668 ALA A C   1 
ATOM   99   O O   . ALA A 1 26  ? -4.79722  -8.03732  -2.13961  1.000 17.94219 ? 668 ALA A O   1 
ATOM   100  C CB  . ALA A 1 26  ? -2.55207  -9.28843  -4.28467  1.000 22.73875 ? 668 ALA A CB  1 
ATOM   101  N N   . VAL A 1 27  ? -3.30827  -6.57602  -2.96652  1.000 18.74905 ? 669 VAL A N   1 
ATOM   102  C CA  . VAL A 1 27  ? -3.43130  -5.70946  -1.80219  1.000 16.56996 ? 669 VAL A CA  1 
ATOM   103  C C   . VAL A 1 27  ? -4.80100  -5.04846  -1.77715  1.000 12.45030 ? 669 VAL A C   1 
ATOM   104  O O   . VAL A 1 27  ? -5.50438  -5.07931  -0.76157  1.000 17.06850 ? 669 VAL A O   1 
ATOM   105  C CB  . VAL A 1 27  ? -2.30777  -4.65734  -1.79640  1.000 12.48235 ? 669 VAL A CB  1 
ATOM   106  C CG1 . VAL A 1 27  ? -2.48229  -3.73469  -0.60017  1.000 20.51414 ? 669 VAL A CG1 1 
ATOM   107  C CG2 . VAL A 1 27  ? -0.93533  -5.33231  -1.78247  1.000 13.57901 ? 669 VAL A CG2 1 
ATOM   108  N N   . LYS A 1 28  ? -5.18399  -4.41427  -2.89055  1.000 16.88122 ? 670 LYS A N   1 
ATOM   109  C CA  . LYS A 1 28  ? -6.45181  -3.69633  -2.96382  1.000 14.98423 ? 670 LYS A CA  1 
ATOM   110  C C   . LYS A 1 28  ? -7.62841  -4.60054  -2.60642  1.000 20.29088 ? 670 LYS A C   1 
ATOM   111  O O   . LYS A 1 28  ? -8.54715  -4.18544  -1.88974  1.000 18.26226 ? 670 LYS A O   1 
ATOM   112  C CB  . LYS A 1 28  ? -6.62311  -3.11608  -4.37477  1.000 18.49744 ? 670 LYS A CB  1 
ATOM   113  C CG  . LYS A 1 28  ? -7.97838  -2.47677  -4.68119  1.000 24.38805 ? 670 LYS A CG  1 
ATOM   114  C CD  . LYS A 1 28  ? -8.08634  -1.11530  -4.01881  1.000 22.73734 ? 670 LYS A CD  1 
ATOM   115  C CE  . LYS A 1 28  ? -9.25195  -0.29452  -4.56698  1.000 29.76835 ? 670 LYS A CE  1 
ATOM   116  N NZ  . LYS A 1 28  ? -10.52680 -0.58944  -3.85343  1.000 23.09427 ? 670 LYS A NZ  1 
ATOM   117  N N   . ASN A 1 29  ? -7.61888  -5.84651  -3.08602  1.000 19.85703 ? 671 ASN A N   1 
ATOM   118  C CA  . ASN A 1 29  ? -8.82272  -6.67472  -3.01946  1.000 16.50912 ? 671 ASN A CA  1 
ATOM   119  C C   . ASN A 1 29  ? -8.89456  -7.55674  -1.77853  1.000 18.74438 ? 671 ASN A C   1 
ATOM   120  O O   . ASN A 1 29  ? -9.95363  -8.14181  -1.52031  1.000 21.09201 ? 671 ASN A O   1 
ATOM   121  C CB  . ASN A 1 29  ? -8.93699  -7.54768  -4.27673  1.000 22.16526 ? 671 ASN A CB  1 
ATOM   122  C CG  . ASN A 1 29  ? -9.17394  -6.72328  -5.53903  1.000 27.73684 ? 671 ASN A CG  1 
ATOM   123  O OD1 . ASN A 1 29  ? -9.70182  -5.60525  -5.47470  1.000 29.33800 ? 671 ASN A OD1 1 
ATOM   124  N ND2 . ASN A 1 29  ? -8.79046  -7.26938  -6.69027  1.000 25.50908 ? 671 ASN A ND2 1 
ATOM   125  N N   . TYR A 1 30  ? -7.81039  -7.66079  -1.00994  1.000 19.69970 ? 672 TYR A N   1 
ATOM   126  C CA  . TYR A 1 30  ? -7.78394  -8.55397  0.13963   1.000 18.14542 ? 672 TYR A CA  1 
ATOM   127  C C   . TYR A 1 30  ? -8.91158  -8.22273  1.10622   1.000 21.00160 ? 672 TYR A C   1 
ATOM   128  O O   . TYR A 1 30  ? -9.16015  -7.05367  1.40357   1.000 16.41602 ? 672 TYR A O   1 
ATOM   129  C CB  . TYR A 1 30  ? -6.43800  -8.44733  0.85160   1.000 19.74163 ? 672 TYR A CB  1 
ATOM   130  C CG  . TYR A 1 30  ? -6.35073  -9.29344  2.10406   1.000 21.05779 ? 672 TYR A CG  1 
ATOM   131  C CD1 . TYR A 1 30  ? -5.95058  -10.62006 2.03704   1.000 16.06422 ? 672 TYR A CD1 1 
ATOM   132  C CD2 . TYR A 1 30  ? -6.68240  -8.77251  3.34492   1.000 12.54576 ? 672 TYR A CD2 1 
ATOM   133  C CE1 . TYR A 1 30  ? -5.87796  -11.39256 3.18204   1.000 20.84073 ? 672 TYR A CE1 1 
ATOM   134  C CE2 . TYR A 1 30  ? -6.60833  -9.52954  4.49122   1.000 15.12814 ? 672 TYR A CE2 1 
ATOM   135  C CZ  . TYR A 1 30  ? -6.20896  -10.84159 4.40412   1.000 19.93478 ? 672 TYR A CZ  1 
ATOM   136  O OH  . TYR A 1 30  ? -6.14029  -11.60012 5.54657   1.000 23.94013 ? 672 TYR A OH  1 
ATOM   137  N N   . THR A 1 31  ? -9.62391  -9.24969  1.56854   1.000 17.58521 ? 673 THR A N   1 
ATOM   138  C CA  . THR A 1 31  ? -10.55389 -9.10098  2.67707   1.000 13.97532 ? 673 THR A CA  1 
ATOM   139  C C   . THR A 1 31  ? -10.16032 -10.04781 3.80332   1.000 18.33254 ? 673 THR A C   1 
ATOM   140  O O   . THR A 1 31  ? -9.58773  -11.11676 3.56067   1.000 20.91120 ? 673 THR A O   1 
ATOM   141  C CB  . THR A 1 31  ? -12.00000 -9.38452  2.26078   1.000 19.70649 ? 673 THR A CB  1 
ATOM   142  O OG1 . THR A 1 31  ? -12.08894 -10.73260 1.77074   1.000 20.83653 ? 673 THR A OG1 1 
ATOM   143  C CG2 . THR A 1 31  ? -12.45780 -8.41247  1.18813   1.000 17.83057 ? 673 THR A CG2 1 
ATOM   144  N N   . ASP A 1 32  ? -10.50899 -9.67318  5.03516   1.000 16.46766 ? 674 ASP A N   1 
ATOM   145  C CA  . ASP A 1 32  ? -10.24818 -10.53365 6.18193   1.000 20.30980 ? 674 ASP A CA  1 
ATOM   146  C C   . ASP A 1 32  ? -11.31550 -11.63139 6.28323   1.000 21.51538 ? 674 ASP A C   1 
ATOM   147  O O   . ASP A 1 32  ? -12.18065 -11.77834 5.41360   1.000 15.58618 ? 674 ASP A O   1 
ATOM   148  C CB  . ASP A 1 32  ? -10.13757 -9.70532  7.46279   1.000 19.55379 ? 674 ASP A CB  1 
ATOM   149  C CG  . ASP A 1 32  ? -11.44969 -9.06043  7.90636   1.000 19.87670 ? 674 ASP A CG  1 
ATOM   150  O OD1 . ASP A 1 32  ? -12.55669 -9.36706  7.37580   1.000 19.22387 ? 674 ASP A OD1 1 
ATOM   151  O OD2 . ASP A 1 32  ? -11.35492 -8.22700  8.84350   1.000 17.26264 ? 674 ASP A OD2 1 
ATOM   152  N N   . LYS A 1 33  ? -11.27406 -12.38919 7.38375   1.000 21.95871 ? 675 LYS A N   1 
ATOM   153  C CA  . LYS A 1 33  ? -12.11539 -13.56995 7.54162   1.000 24.00022 ? 675 LYS A CA  1 
ATOM   154  C C   . LYS A 1 33  ? -13.57080 -13.21427 7.75118   1.000 23.90111 ? 675 LYS A C   1 
ATOM   155  O O   . LYS A 1 33  ? -14.42033 -14.10900 7.73084   1.000 21.76246 ? 675 LYS A O   1 
ATOM   156  C CB  . LYS A 1 33  ? -11.62503 -14.43559 8.70469   1.000 20.06429 ? 675 LYS A CB  1 
ATOM   157  C CG  . LYS A 1 33  ? -12.08365 -13.97223 10.07407  1.000 28.39148 ? 675 LYS A CG  1 
ATOM   158  C CD  . LYS A 1 33  ? -11.42765 -14.80784 11.15179  1.000 31.03913 ? 675 LYS A CD  1 
ATOM   159  C CE  . LYS A 1 33  ? -11.23307 -14.01411 12.42633  1.000 47.44019 ? 675 LYS A CE  1 
ATOM   160  N NZ  . LYS A 1 33  ? -10.18103 -14.61240 13.29954  1.000 55.60002 ? 675 LYS A NZ  1 
ATOM   161  N N   . ARG A 1 34  ? -13.88221 -11.93881 7.93943   1.000 19.03623 ? 676 ARG A N   1 
ATOM   162  C CA  . ARG A 1 34  ? -15.26570 -11.50836 7.98244   1.000 14.56202 ? 676 ARG A CA  1 
ATOM   163  C C   . ARG A 1 34  ? -15.65078 -10.70206 6.75229   1.000 13.61012 ? 676 ARG A C   1 
ATOM   164  O O   . ARG A 1 34  ? -16.69481 -10.04720 6.75769   1.000 19.58317 ? 676 ARG A O   1 
ATOM   165  C CB  . ARG A 1 34  ? -15.53566 -10.71743 9.25926   1.000 21.56314 ? 676 ARG A CB  1 
ATOM   166  C CG  . ARG A 1 34  ? -15.08084 -11.43699 10.51878  1.000 25.32499 ? 676 ARG A CG  1 
ATOM   167  C CD  . ARG A 1 34  ? -15.17051 -10.51005 11.71564  1.000 39.79956 ? 676 ARG A CD  1 
ATOM   168  N NE  . ARG A 1 34  ? -14.48235 -11.01935 12.90057  1.000 42.31534 ? 676 ARG A NE  1 
ATOM   169  C CZ  . ARG A 1 34  ? -15.09100 -11.66354 13.88682  1.000 39.34599 ? 676 ARG A CZ  1 
ATOM   170  N NH1 . ARG A 1 34  ? -16.39556 -11.87748 13.82269  1.000 40.67610 ? 676 ARG A NH1 1 
ATOM   171  N NH2 . ARG A 1 34  ? -14.40354 -12.08094 14.93948  1.000 39.32005 ? 676 ARG A NH2 1 
ATOM   172  N N   . GLY A 1 35  ? -14.83640 -10.74873 5.69311   1.000 13.64638 ? 677 GLY A N   1 
ATOM   173  C CA  . GLY A 1 35  ? -15.13913 -10.04652 4.45991   1.000 13.30822 ? 677 GLY A CA  1 
ATOM   174  C C   . GLY A 1 35  ? -14.74871 -8.57190  4.41091   1.000 21.86965 ? 677 GLY A C   1 
ATOM   175  O O   . GLY A 1 35  ? -15.10389 -7.88035  3.44289   1.000 16.07951 ? 677 GLY A O   1 
ATOM   176  N N   . ARG A 1 36  ? -14.01341 -8.06608  5.39453   1.000 13.17086 ? 678 ARG A N   1 
ATOM   177  C CA  . ARG A 1 36  ? -13.72395 -6.62826  5.40659   1.000 17.91132 ? 678 ARG A CA  1 
ATOM   178  C C   . ARG A 1 36  ? -12.52437 -6.30997  4.51773   1.000 12.62486 ? 678 ARG A C   1 
ATOM   179  O O   . ARG A 1 36  ? -11.47620 -6.95691  4.61724   1.000 14.78897 ? 678 ARG A O   1 
ATOM   180  C CB  . ARG A 1 36  ? -13.47612 -6.12709  6.83161   1.000 14.29690 ? 678 ARG A CB  1 
ATOM   181  C CG  . ARG A 1 36  ? -13.19076 -4.61402  6.90566   1.000 16.01429 ? 678 ARG A CG  1 
ATOM   182  C CD  . ARG A 1 36  ? -13.07851 -4.14811  8.34566   1.000 16.26615 ? 678 ARG A CD  1 
ATOM   183  N NE  . ARG A 1 36  ? -12.00694 -4.81644  9.07334   1.000 16.02753 ? 678 ARG A NE  1 
ATOM   184  C CZ  . ARG A 1 36  ? -10.76884 -4.34106  9.18596   1.000 19.33507 ? 678 ARG A CZ  1 
ATOM   185  N NH1 . ARG A 1 36  ? -10.44155 -3.19838  8.60753   1.000 16.11010 ? 678 ARG A NH1 1 
ATOM   186  N NH2 . ARG A 1 36  ? -9.85202  -5.01138  9.87165   1.000 21.40964 ? 678 ARG A NH2 1 
ATOM   187  N N   . ARG A 1 37  ? -12.67864 -5.30677  3.65072   1.000 18.63837 ? 679 ARG A N   1 
ATOM   188  C CA  . ARG A 1 37  ? -11.61043 -4.90441  2.72567   1.000 15.99547 ? 679 ARG A CA  1 
ATOM   189  C C   . ARG A 1 37  ? -10.64487 -3.95054  3.42554   1.000 17.83598 ? 679 ARG A C   1 
ATOM   190  O O   . ARG A 1 37  ? -10.92379 -2.76527  3.58055   1.000 17.24771 ? 679 ARG A O   1 
ATOM   191  C CB  . ARG A 1 37  ? -12.18402 -4.26565  1.47197   1.000 15.20701 ? 679 ARG A CB  1 
ATOM   192  C CG  . ARG A 1 37  ? -11.11545 -4.03494  0.42718   1.000 25.47980 ? 679 ARG A CG  1 
ATOM   193  C CD  . ARG A 1 37  ? -11.67601 -3.58640  -0.90621  1.000 26.89557 ? 679 ARG A CD  1 
ATOM   194  N NE  . ARG A 1 37  ? -12.85479 -4.34538  -1.28124  1.000 38.51109 ? 679 ARG A NE  1 
ATOM   195  C CZ  . ARG A 1 37  ? -13.30183 -4.43821  -2.52624  1.000 49.58136 ? 679 ARG A CZ  1 
ATOM   196  N NH1 . ARG A 1 37  ? -12.64676 -3.82531  -3.51100  1.000 48.04050 ? 679 ARG A NH1 1 
ATOM   197  N NH2 . ARG A 1 37  ? -14.38928 -5.15545  -2.78598  1.000 48.34489 ? 679 ARG A NH2 1 
ATOM   198  N N   . LEU A 1 38  ? -9.48360  -4.47735  3.81014   1.000 19.33852 ? 680 LEU A N   1 
ATOM   199  C CA  . LEU A 1 38  ? -8.52850  -3.73763  4.62863   1.000 14.74484 ? 680 LEU A CA  1 
ATOM   200  C C   . LEU A 1 38  ? -7.96792  -2.51807  3.91506   1.000 17.14589 ? 680 LEU A C   1 
ATOM   201  O O   . LEU A 1 38  ? -7.57709  -1.54629  4.57030   1.000 15.22138 ? 680 LEU A O   1 
ATOM   202  C CB  . LEU A 1 38  ? -7.38571  -4.66842  5.03309   1.000 13.70792 ? 680 LEU A CB  1 
ATOM   203  C CG  . LEU A 1 38  ? -7.48735  -5.39735  6.38240   1.000 26.99691 ? 680 LEU A CG  1 
ATOM   204  C CD1 . LEU A 1 38  ? -8.89215  -5.92192  6.64624   1.000 18.90915 ? 680 LEU A CD1 1 
ATOM   205  C CD2 . LEU A 1 38  ? -6.47812  -6.54203  6.45871   1.000 18.52073 ? 680 LEU A CD2 1 
ATOM   206  N N   . SER A 1 39  ? -7.89357  -2.55043  2.58549   1.000 15.54728 ? 681 SER A N   1 
ATOM   207  C CA  . SER A 1 39  ? -7.24464  -1.46867  1.85995   1.000 15.90764 ? 681 SER A CA  1 
ATOM   208  C C   . SER A 1 39  ? -7.99377  -0.14170  1.94439   1.000 16.75002 ? 681 SER A C   1 
ATOM   209  O O   . SER A 1 39  ? -7.39690  0.89483   1.62643   1.000 14.92591 ? 681 SER A O   1 
ATOM   210  C CB  . SER A 1 39  ? -7.06619  -1.86699  0.39557   1.000 12.49116 ? 681 SER A CB  1 
ATOM   211  O OG  . SER A 1 39  ? -8.31960  -2.01497  -0.23454  1.000 14.51368 ? 681 SER A OG  1 
ATOM   212  N N   . ALA A 1 40  ? -9.26045  -0.14483  2.38242   1.000 15.63485 ? 682 ALA A N   1 
ATOM   213  C CA  . ALA A 1 40  ? -10.09894 1.04592   2.25936   1.000 16.54727 ? 682 ALA A CA  1 
ATOM   214  C C   . ALA A 1 40  ? -9.42877  2.28278   2.86968   1.000 18.62235 ? 682 ALA A C   1 
ATOM   215  O O   . ALA A 1 40  ? -9.45320  3.36407   2.27161   1.000 19.73330 ? 682 ALA A O   1 
ATOM   216  C CB  . ALA A 1 40  ? -11.46783 0.80145   2.90045   1.000 14.54381 ? 682 ALA A CB  1 
ATOM   217  N N   . ILE A 1 41  ? -8.81123  2.14177   4.04644   1.000 12.28041 ? 683 ILE A N   1 
ATOM   218  C CA  . ILE A 1 41  ? -8.20220  3.29809   4.69267   1.000 13.65147 ? 683 ILE A CA  1 
ATOM   219  C C   . ILE A 1 41  ? -6.98703  3.83024   3.92452   1.000 16.48496 ? 683 ILE A C   1 
ATOM   220  O O   . ILE A 1 41  ? -6.64020  5.01121   4.06894   1.000 20.04939 ? 683 ILE A O   1 
ATOM   221  C CB  . ILE A 1 41  ? -7.83616  2.95553   6.15532   1.000 18.64486 ? 683 ILE A CB  1 
ATOM   222  C CG1 . ILE A 1 41  ? -7.46925  4.23282   6.93646   1.000 15.17613 ? 683 ILE A CG1 1 
ATOM   223  C CG2 . ILE A 1 41  ? -6.70901  1.94766   6.21860   1.000 15.84312 ? 683 ILE A CG2 1 
ATOM   224  C CD1 . ILE A 1 41  ? -8.61281  5.23566   7.00100   1.000 16.86255 ? 683 ILE A CD1 1 
ATOM   225  N N   . PHE A 1 42  ? -6.34019  3.01240   3.08646   1.000 15.46301 ? 684 PHE A N   1 
ATOM   226  C CA  . PHE A 1 42  ? -5.07189  3.37420   2.45991   1.000 16.05126 ? 684 PHE A CA  1 
ATOM   227  C C   . PHE A 1 42  ? -5.21740  3.92020   1.04594   1.000 17.62653 ? 684 PHE A C   1 
ATOM   228  O O   . PHE A 1 42  ? -4.20652  4.30547   0.43726   1.000 15.55244 ? 684 PHE A O   1 
ATOM   229  C CB  . PHE A 1 42  ? -4.12395  2.16436   2.44472   1.000 13.38818 ? 684 PHE A CB  1 
ATOM   230  C CG  . PHE A 1 42  ? -3.87062  1.58459   3.81039   1.000 15.59140 ? 684 PHE A CG  1 
ATOM   231  C CD1 . PHE A 1 42  ? -3.19881  2.31791   4.77237   1.000 14.32043 ? 684 PHE A CD1 1 
ATOM   232  C CD2 . PHE A 1 42  ? -4.31882  0.32145   4.13636   1.000 12.87500 ? 684 PHE A CD2 1 
ATOM   233  C CE1 . PHE A 1 42  ? -2.97346  1.79052   6.03776   1.000 14.68293 ? 684 PHE A CE1 1 
ATOM   234  C CE2 . PHE A 1 42  ? -4.09140  -0.21366  5.38283   1.000 14.61671 ? 684 PHE A CE2 1 
ATOM   235  C CZ  . PHE A 1 42  ? -3.42181  0.53397   6.34704   1.000 15.51164 ? 684 PHE A CZ  1 
ATOM   236  N N   . LEU A 1 43  ? -6.44215  3.98907   0.51850   1.000 13.16961 ? 685 LEU A N   1 
ATOM   237  C CA  . LEU A 1 43  ? -6.64950  4.52306   -0.82679  1.000 15.68452 ? 685 LEU A CA  1 
ATOM   238  C C   . LEU A 1 43  ? -6.22215  5.98558   -0.93630  1.000 19.09187 ? 685 LEU A C   1 
ATOM   239  O O   . LEU A 1 43  ? -5.46546  6.35651   -1.84342  1.000 17.64093 ? 685 LEU A O   1 
ATOM   240  C CB  . LEU A 1 43  ? -8.11476  4.37525   -1.22658  1.000 14.42511 ? 685 LEU A CB  1 
ATOM   241  C CG  . LEU A 1 43  ? -8.64539  2.94316   -1.24437  1.000 19.20273 ? 685 LEU A CG  1 
ATOM   242  C CD1 . LEU A 1 43  ? -9.98870  2.88650   -1.99657  1.000 16.70854 ? 685 LEU A CD1 1 
ATOM   243  C CD2 . LEU A 1 43  ? -7.61591  2.01514   -1.87581  1.000 14.09106 ? 685 LEU A CD2 1 
ATOM   244  N N   . ARG A 1 44  ? -6.72379  6.84447   -0.04974  1.000 17.44499 ? 686 ARG A N   1 
ATOM   245  C CA  . ARG A 1 44  ? -6.51709  8.28213   -0.21390  1.000 16.84241 ? 686 ARG A CA  1 
ATOM   246  C C   . ARG A 1 44  ? -6.10747  8.88451   1.11776   1.000 16.41438 ? 686 ARG A C   1 
ATOM   247  O O   . ARG A 1 44  ? -6.91617  8.95211   2.05252   1.000 17.44398 ? 686 ARG A O   1 
ATOM   248  C CB  . ARG A 1 44  ? -7.76793  8.97780   -0.75733  1.000 18.13408 ? 686 ARG A CB  1 
ATOM   249  C CG  . ARG A 1 44  ? -7.49145  10.40435  -1.23116  1.000 28.96697 ? 686 ARG A CG  1 
ATOM   250  C CD  . ARG A 1 44  ? -8.75814  11.13960  -1.63734  1.000 30.18811 ? 686 ARG A CD  1 
ATOM   251  N NE  . ARG A 1 44  ? -9.36881  10.52134  -2.80833  1.000 43.82473 ? 686 ARG A NE  1 
ATOM   252  C CZ  . ARG A 1 44  ? -10.59544 10.79061  -3.24434  1.000 49.15434 ? 686 ARG A CZ  1 
ATOM   253  N NH1 . ARG A 1 44  ? -11.35142 11.67513  -2.60099  1.000 48.67092 ? 686 ARG A NH1 1 
ATOM   254  N NH2 . ARG A 1 44  ? -11.06698 10.16585  -4.31910  1.000 45.05153 ? 686 ARG A NH2 1 
ATOM   255  N N   . LEU A 1 45  ? -4.86089  9.32768   1.19676   1.000 16.68685 ? 687 LEU A N   1 
ATOM   256  C CA  . LEU A 1 45  ? -4.40704  10.04556  2.37323   1.000 13.59686 ? 687 LEU A CA  1 
ATOM   257  C C   . LEU A 1 45  ? -4.98273  11.45898  2.34697   1.000 19.53548 ? 687 LEU A C   1 
ATOM   258  O O   . LEU A 1 45  ? -4.96668  12.10146  1.29386   1.000 17.08465 ? 687 LEU A O   1 
ATOM   259  C CB  . LEU A 1 45  ? -2.88571  10.08906  2.40438   1.000 18.88973 ? 687 LEU A CB  1 
ATOM   260  C CG  . LEU A 1 45  ? -2.20319  10.83227  3.55850   1.000 15.42835 ? 687 LEU A CG  1 
ATOM   261  C CD1 . LEU A 1 45  ? -2.41170  10.08625  4.85638   1.000 15.59434 ? 687 LEU A CD1 1 
ATOM   262  C CD2 . LEU A 1 45  ? -0.71948  10.96673  3.23533   1.000 16.18687 ? 687 LEU A CD2 1 
ATOM   263  N N   . PRO A 1 46  ? -5.53668  11.95688  3.45449   1.000 16.11105 ? 688 PRO A N   1 
ATOM   264  C CA  . PRO A 1 46  ? -6.03461  13.34057  3.46408   1.000 21.64789 ? 688 PRO A CA  1 
ATOM   265  C C   . PRO A 1 46  ? -4.90216  14.31229  3.16739   1.000 19.26700 ? 688 PRO A C   1 
ATOM   266  O O   . PRO A 1 46  ? -3.73151  14.03225  3.44008   1.000 17.40236 ? 688 PRO A O   1 
ATOM   267  C CB  . PRO A 1 46  ? -6.56848  13.52225  4.89160   1.000 20.55827 ? 688 PRO A CB  1 
ATOM   268  C CG  . PRO A 1 46  ? -6.85035  12.09244  5.37625   1.000 21.00738 ? 688 PRO A CG  1 
ATOM   269  C CD  . PRO A 1 46  ? -5.77033  11.26706  4.73821   1.000 14.77496 ? 688 PRO A CD  1 
ATOM   270  N N   . SER A 1 47  ? -5.26595  15.45312  2.58340   1.000 20.85491 ? 689 SER A N   1 
ATOM   271  C CA  . SER A 1 47  ? -4.30159  16.49311  2.25473   1.000 21.19202 ? 689 SER A CA  1 
ATOM   272  C C   . SER A 1 47  ? -3.66764  17.05998  3.51713   1.000 19.58447 ? 689 SER A C   1 
ATOM   273  O O   . SER A 1 47  ? -4.17378  16.88815  4.62785   1.000 18.19034 ? 689 SER A O   1 
ATOM   274  C CB  . SER A 1 47  ? -4.98187  17.63402  1.50874   1.000 21.48718 ? 689 SER A CB  1 
ATOM   275  O OG  . SER A 1 47  ? -5.86035  18.29994  2.39651   1.000 23.06813 ? 689 SER A OG  1 
ATOM   276  N N   . ARG A 1 48  ? -2.56306  17.79269  3.32438   1.000 24.35550 ? 690 ARG A N   1 
ATOM   277  C CA  . ARG A 1 48  ? -1.88452  18.40789  4.45938   1.000 18.97942 ? 690 ARG A CA  1 
ATOM   278  C C   . ARG A 1 48  ? -2.76310  19.46590  5.11046   1.000 20.70778 ? 690 ARG A C   1 
ATOM   279  O O   . ARG A 1 48  ? -2.67109  19.68454  6.32396   1.000 21.74428 ? 690 ARG A O   1 
ATOM   280  C CB  . ARG A 1 48  ? -0.54460  19.00486  4.01865   1.000 23.85631 ? 690 ARG A CB  1 
ATOM   281  C CG  . ARG A 1 48  ? 0.31216   19.52809  5.18598   1.000 27.36420 ? 690 ARG A CG  1 
ATOM   282  C CD  . ARG A 1 48  ? 1.79144   19.60835  4.81570   1.000 30.34928 ? 690 ARG A CD  1 
ATOM   283  N NE  . ARG A 1 48  ? 2.58482   20.28092  5.83614   1.000 28.52231 ? 690 ARG A NE  1 
ATOM   284  C CZ  . ARG A 1 48  ? 3.89801   20.47065  5.75372   1.000 33.71150 ? 690 ARG A CZ  1 
ATOM   285  N NH1 . ARG A 1 48  ? 4.56107   20.02377  4.69624   1.000 25.14584 ? 690 ARG A NH1 1 
ATOM   286  N NH2 . ARG A 1 48  ? 4.54668   21.11625  6.72380   1.000 29.59897 ? 690 ARG A NH2 1 
ATOM   287  N N   . SER A 1 49  ? -3.63585  20.10308  4.32296   1.000 19.97791 ? 691 SER A N   1 
ATOM   288  C CA  . SER A 1 49  ? -4.61549  21.03052  4.87855   1.000 28.33055 ? 691 SER A CA  1 
ATOM   289  C C   . SER A 1 49  ? -5.53410  20.31993  5.85605   1.000 21.13906 ? 691 SER A C   1 
ATOM   290  O O   . SER A 1 49  ? -5.79845  20.81695  6.95540   1.000 22.49262 ? 691 SER A O   1 
ATOM   291  C CB  . SER A 1 49  ? -5.43682  21.66896  3.75390   1.000 30.61839 ? 691 SER A CB  1 
ATOM   292  O OG  . SER A 1 49  ? -4.61354  22.05978  2.67091   1.000 45.02994 ? 691 SER A OG  1 
ATOM   293  N N   . GLU A 1 50  ? -6.03977  19.14568  5.46558   1.000 19.19097 ? 692 GLU A N   1 
ATOM   294  C CA  . GLU A 1 50  ? -6.96263  18.43594  6.33334   1.000 20.17537 ? 692 GLU A CA  1 
ATOM   295  C C   . GLU A 1 50  ? -6.23318  17.79805  7.50896   1.000 16.88255 ? 692 GLU A C   1 
ATOM   296  O O   . GLU A 1 50  ? -6.77708  17.74122  8.61985   1.000 16.88310 ? 692 GLU A O   1 
ATOM   297  C CB  . GLU A 1 50  ? -7.74530  17.39010  5.50655   1.000 19.86308 ? 692 GLU A CB  1 
ATOM   298  C CG  . GLU A 1 50  ? -8.38985  17.99033  4.23079   1.000 23.14787 ? 692 GLU A CG  1 
ATOM   299  C CD  . GLU A 1 50  ? -8.86736  16.95134  3.19293   1.000 35.63155 ? 692 GLU A CD  1 
ATOM   300  O OE1 . GLU A 1 50  ? -8.08034  16.07022  2.76386   1.000 30.22668 ? 692 GLU A OE1 1 
ATOM   301  O OE2 . GLU A 1 50  ? -10.04961 17.02997  2.79458   1.000 38.03103 ? 692 GLU A OE2 1 
ATOM   302  N N   . LEU A 1 51  ? -4.99010  17.36077  7.30822   1.000 13.00067 ? 693 LEU A N   1 
ATOM   303  C CA  . LEU A 1 51  ? -4.30439  16.49889  8.27124   1.000 14.79109 ? 693 LEU A CA  1 
ATOM   304  C C   . LEU A 1 51  ? -2.85529  16.93380  8.41662   1.000 13.31378 ? 693 LEU A C   1 
ATOM   305  O O   . LEU A 1 51  ? -1.92656  16.20807  8.03848   1.000 17.64186 ? 693 LEU A O   1 
ATOM   306  C CB  . LEU A 1 51  ? -4.40522  15.03642  7.82101   1.000 16.58717 ? 693 LEU A CB  1 
ATOM   307  C CG  . LEU A 1 51  ? -4.02255  13.92903  8.79369   1.000 15.19012 ? 693 LEU A CG  1 
ATOM   308  C CD1 . LEU A 1 51  ? -5.01163  13.86061  9.91524   1.000 18.53677 ? 693 LEU A CD1 1 
ATOM   309  C CD2 . LEU A 1 51  ? -3.93976  12.58391  8.04067   1.000 15.83936 ? 693 LEU A CD2 1 
ATOM   310  N N   . PRO A 1 52  ? -2.61923  18.13233  8.96948   1.000 19.00810 ? 694 PRO A N   1 
ATOM   311  C CA  . PRO A 1 52  ? -1.23524  18.62415  9.02615   1.000 17.63428 ? 694 PRO A CA  1 
ATOM   312  C C   . PRO A 1 52  ? -0.30081  17.72142  9.80248   1.000 16.04009 ? 694 PRO A C   1 
ATOM   313  O O   . PRO A 1 52  ? 0.84545   17.53696  9.37553   1.000 16.10786 ? 694 PRO A O   1 
ATOM   314  C CB  . PRO A 1 52  ? -1.36439  20.01695  9.69113   1.000 16.37460 ? 694 PRO A CB  1 
ATOM   315  C CG  . PRO A 1 52  ? -2.72259  20.03888  10.32955  1.000 21.79085 ? 694 PRO A CG  1 
ATOM   316  C CD  . PRO A 1 52  ? -3.59054  19.11676  9.48186   1.000 13.27119 ? 694 PRO A CD  1 
ATOM   317  N N   . ASP A 1 53  ? -0.75088  17.15368  10.93172  1.000 15.36254 ? 695 ASP A N   1 
ATOM   318  C CA  . ASP A 1 53  ? 0.18152   16.47130  11.82832  1.000 21.50504 ? 695 ASP A CA  1 
ATOM   319  C C   . ASP A 1 53  ? 0.80544   15.24762  11.16367  1.000 20.55847 ? 695 ASP A C   1 
ATOM   320  O O   . ASP A 1 53  ? 1.96062   14.90609  11.45591  1.000 20.56607 ? 695 ASP A O   1 
ATOM   321  C CB  . ASP A 1 53  ? -0.50908  16.10901  13.15839  1.000 22.44488 ? 695 ASP A CB  1 
ATOM   322  C CG  . ASP A 1 53  ? -1.47952  14.92155  13.04295  1.000 27.24068 ? 695 ASP A CG  1 
ATOM   323  O OD1 . ASP A 1 53  ? -2.03823  14.67780  11.95707  1.000 23.69548 ? 695 ASP A OD1 1 
ATOM   324  O OD2 . ASP A 1 53  ? -1.69721  14.23368  14.05915  1.000 25.06700 ? 695 ASP A OD2 1 
ATOM   325  N N   . TYR A 1 54  ? 0.08424   14.61932  10.22887  1.000 22.19440 ? 696 TYR A N   1 
ATOM   326  C CA  . TYR A 1 54  ? 0.61150   13.44318  9.54168   1.000 15.84204 ? 696 TYR A CA  1 
ATOM   327  C C   . TYR A 1 54  ? 1.82582   13.78731  8.70925   1.000 18.65167 ? 696 TYR A C   1 
ATOM   328  O O   . TYR A 1 54  ? 2.77378   13.00280  8.63025   1.000 18.69019 ? 696 TYR A O   1 
ATOM   329  C CB  . TYR A 1 54  ? -0.45588  12.83423  8.64119   1.000 17.65693 ? 696 TYR A CB  1 
ATOM   330  C CG  . TYR A 1 54  ? -0.07615  11.50552  7.97626   1.000 18.31166 ? 696 TYR A CG  1 
ATOM   331  C CD1 . TYR A 1 54  ? 0.70817   11.46751  6.82544   1.000 12.80589 ? 696 TYR A CD1 1 
ATOM   332  C CD2 . TYR A 1 54  ? -0.54095  10.29734  8.48609   1.000 15.67691 ? 696 TYR A CD2 1 
ATOM   333  C CE1 . TYR A 1 54  ? 1.04468   10.24814  6.20647   1.000 13.85500 ? 696 TYR A CE1 1 
ATOM   334  C CE2 . TYR A 1 54  ? -0.20689  9.07250   7.87688   1.000 15.45824 ? 696 TYR A CE2 1 
ATOM   335  C CZ  . TYR A 1 54  ? 0.57696   9.04825   6.73481   1.000 14.78389 ? 696 TYR A CZ  1 
ATOM   336  O OH  . TYR A 1 54  ? 0.89670   7.81677   6.11664   1.000 12.62540 ? 696 TYR A OH  1 
ATOM   337  N N   . TYR A 1 55  ? 1.80747   14.94006  8.05011   1.000 20.49660 ? 697 TYR A N   1 
ATOM   338  C CA  . TYR A 1 55  ? 2.91591   15.28951  7.17336   1.000 22.50190 ? 697 TYR A CA  1 
ATOM   339  C C   . TYR A 1 55  ? 4.15040   15.74284  7.93312   1.000 23.86490 ? 697 TYR A C   1 
ATOM   340  O O   . TYR A 1 55  ? 5.19526   15.94395  7.31378   1.000 29.98313 ? 697 TYR A O   1 
ATOM   341  C CB  . TYR A 1 55  ? 2.47905   16.36163  6.18698   1.000 21.12729 ? 697 TYR A CB  1 
ATOM   342  C CG  . TYR A 1 55  ? 1.46271   15.85033  5.21773   1.000 19.54799 ? 697 TYR A CG  1 
ATOM   343  C CD1 . TYR A 1 55  ? 0.13352   15.68609  5.59275   1.000 22.23407 ? 697 TYR A CD1 1 
ATOM   344  C CD2 . TYR A 1 55  ? 1.83129   15.49906  3.93057   1.000 25.97130 ? 697 TYR A CD2 1 
ATOM   345  C CE1 . TYR A 1 55  ? -0.80682  15.18924  4.70136   1.000 19.67364 ? 697 TYR A CE1 1 
ATOM   346  C CE2 . TYR A 1 55  ? 0.89576   15.00719  3.02873   1.000 21.23851 ? 697 TYR A CE2 1 
ATOM   347  C CZ  . TYR A 1 55  ? -0.41715  14.86062  3.42076   1.000 19.11269 ? 697 TYR A CZ  1 
ATOM   348  O OH  . TYR A 1 55  ? -1.33294  14.37259  2.51914   1.000 17.84521 ? 697 TYR A OH  1 
ATOM   349  N N   . LEU A 1 56  ? 4.06313   15.89565  9.24783   1.000 25.80013 ? 698 LEU A N   1 
ATOM   350  C CA  . LEU A 1 56  ? 5.24886   16.10740  10.06087  1.000 23.79231 ? 698 LEU A CA  1 
ATOM   351  C C   . LEU A 1 56  ? 5.78143   14.81930  10.66604  1.000 28.22748 ? 698 LEU A C   1 
ATOM   352  O O   . LEU A 1 56  ? 6.99331   14.69809  10.86649  1.000 36.84808 ? 698 LEU A O   1 
ATOM   353  C CB  . LEU A 1 56  ? 4.95054   17.11198  11.17454  1.000 27.17798 ? 698 LEU A CB  1 
ATOM   354  C CG  . LEU A 1 56  ? 4.61654   18.52495  10.69473  1.000 26.87983 ? 698 LEU A CG  1 
ATOM   355  C CD1 . LEU A 1 56  ? 4.43599   19.45236  11.88519  1.000 28.56396 ? 698 LEU A CD1 1 
ATOM   356  C CD2 . LEU A 1 56  ? 5.68139   19.06004  9.74526   1.000 26.77474 ? 698 LEU A CD2 1 
ATOM   357  N N   . THR A 1 57  ? 4.90258   13.84951  10.94263  1.000 28.37556 ? 699 THR A N   1 
ATOM   358  C CA  . THR A 1 57  ? 5.34888   12.54321  11.41600  1.000 28.31793 ? 699 THR A CA  1 
ATOM   359  C C   . THR A 1 57  ? 6.02387   11.74171  10.30656  1.000 29.90654 ? 699 THR A C   1 
ATOM   360  O O   . THR A 1 57  ? 6.86679   10.88184  10.58823  1.000 25.17352 ? 699 THR A O   1 
ATOM   361  C CB  . THR A 1 57  ? 4.16174   11.74586  11.97240  1.000 33.10653 ? 699 THR A CB  1 
ATOM   362  O OG1 . THR A 1 57  ? 3.43322   12.53591  12.92169  1.000 35.86395 ? 699 THR A OG1 1 
ATOM   363  C CG2 . THR A 1 57  ? 4.64180   10.47373  12.65478  1.000 31.05110 ? 699 THR A CG2 1 
ATOM   364  N N   . ILE A 1 58  ? 5.68833   12.02961  9.05011   1.000 31.63560 ? 700 ILE A N   1 
ATOM   365  C CA  . ILE A 1 58  ? 5.92890   11.13963  7.92111   1.000 35.86330 ? 700 ILE A CA  1 
ATOM   366  C C   . ILE A 1 58  ? 6.75658   11.87204  6.87810   1.000 33.82608 ? 700 ILE A C   1 
ATOM   367  O O   . ILE A 1 58  ? 6.29094   12.85871  6.29203   1.000 36.09612 ? 700 ILE A O   1 
ATOM   368  C CB  . ILE A 1 58  ? 4.60870   10.64958  7.30211   1.000 20.55129 ? 700 ILE A CB  1 
ATOM   369  C CG1 . ILE A 1 58  ? 3.96310   9.62876   8.23085   1.000 27.25363 ? 700 ILE A CG1 1 
ATOM   370  C CG2 . ILE A 1 58  ? 4.84680   10.10728  5.90726   1.000 24.33809 ? 700 ILE A CG2 1 
ATOM   371  C CD1 . ILE A 1 58  ? 4.93807   8.58320   8.75198   1.000 22.10485 ? 700 ILE A CD1 1 
ATOM   372  N N   . LYS A 1 59  ? 7.95081   11.34665  6.59750   1.000 32.38975 ? 701 LYS A N   1 
ATOM   373  C CA  . LYS A 1 59  ? 8.84113   11.98753  5.63516   1.000 31.21836 ? 701 LYS A CA  1 
ATOM   374  C C   . LYS A 1 59  ? 8.20873   12.05250  4.24721   1.000 27.82057 ? 701 LYS A C   1 
ATOM   375  O O   . LYS A 1 59  ? 8.08562   13.13080  3.66338   1.000 29.72341 ? 701 LYS A O   1 
ATOM   376  C CB  . LYS A 1 59  ? 10.17960  11.24459  5.58949   1.000 34.15963 ? 701 LYS A CB  1 
ATOM   377  C CG  . LYS A 1 59  ? 11.31511  12.04837  4.97918   1.000 41.59301 ? 701 LYS A CG  1 
ATOM   378  C CD  . LYS A 1 59  ? 12.60809  11.26296  5.00733   1.000 46.61074 ? 701 LYS A CD  1 
ATOM   379  C CE  . LYS A 1 59  ? 13.77077  12.09644  4.51739   1.000 50.98520 ? 701 LYS A CE  1 
ATOM   380  N NZ  . LYS A 1 59  ? 14.98106  11.25216  4.33985   1.000 58.50393 ? 701 LYS A NZ  1 
ATOM   381  N N   . LYS A 1 60  ? 7.80302   10.90694  3.69720   1.000 25.63291 ? 702 LYS A N   1 
ATOM   382  C CA  . LYS A 1 60  ? 7.34078   10.82670  2.30970   1.000 17.47352 ? 702 LYS A CA  1 
ATOM   383  C C   . LYS A 1 60  ? 5.95660   10.18606  2.25304   1.000 31.62775 ? 702 LYS A C   1 
ATOM   384  O O   . LYS A 1 60  ? 5.83701   8.94690   2.31044   1.000 21.10025 ? 702 LYS A O   1 
ATOM   385  C CB  . LYS A 1 60  ? 8.32803   10.05155  1.44323   1.000 24.32429 ? 702 LYS A CB  1 
ATOM   386  N N   . PRO A 1 61  ? 4.89786   10.98479  2.11144   1.000 31.77485 ? 703 PRO A N   1 
ATOM   387  C CA  . PRO A 1 61  ? 3.53975   10.42886  2.12720   1.000 18.83390 ? 703 PRO A CA  1 
ATOM   388  C C   . PRO A 1 61  ? 3.31766   9.51788   0.94240   1.000 24.42237 ? 703 PRO A C   1 
ATOM   389  O O   . PRO A 1 61  ? 3.90960   9.69544   -0.12563  1.000 24.71733 ? 703 PRO A O   1 
ATOM   390  C CB  . PRO A 1 61  ? 2.63691   11.66693  2.03164   1.000 15.12643 ? 703 PRO A CB  1 
ATOM   391  C CG  . PRO A 1 61  ? 3.53227   12.83287  2.31975   1.000 25.36437 ? 703 PRO A CG  1 
ATOM   392  C CD  . PRO A 1 61  ? 4.89957   12.43612  1.89140   1.000 23.85494 ? 703 PRO A CD  1 
ATOM   393  N N   . MET A 1 62  ? 2.42366   8.55055   1.12907   1.000 20.95177 ? 704 MET A N   1 
ATOM   394  C CA  . MET A 1 62  ? 2.13433   7.61126   0.05781   1.000 14.83372 ? 704 MET A CA  1 
ATOM   395  C C   . MET A 1 62  ? 0.74221   7.02577   0.27620   1.000 15.14122 ? 704 MET A C   1 
ATOM   396  O O   . MET A 1 62  ? 0.35627   6.76831   1.41657   1.000 19.06958 ? 704 MET A O   1 
ATOM   397  C CB  . MET A 1 62  ? 3.20469   6.50686   0.02505   1.000 19.45957 ? 704 MET A CB  1 
ATOM   398  C CG  . MET A 1 62  ? 2.99639   5.46406   -1.06715  1.000 19.27133 ? 704 MET A CG  1 
ATOM   399  S SD  . MET A 1 62  ? 3.16667   6.12507   -2.73409  1.000 27.55382 ? 704 MET A SD  1 
ATOM   400  C CE  . MET A 1 62  ? 4.66730   7.09993   -2.56891  1.000 29.50042 ? 704 MET A CE  1 
ATOM   401  N N   . ASP A 1 63  ? -0.01723  6.83700   -0.80447  1.000 18.96682 ? 705 ASP A N   1 
ATOM   402  C CA  . ASP A 1 63  ? -1.27363  6.10273   -0.70051  1.000 15.76418 ? 705 ASP A CA  1 
ATOM   403  C C   . ASP A 1 63  ? -1.49489  5.29153   -1.96620  1.000 17.01116 ? 705 ASP A C   1 
ATOM   404  O O   . ASP A 1 63  ? -0.76289  5.41560   -2.95073  1.000 20.81486 ? 705 ASP A O   1 
ATOM   405  C CB  . ASP A 1 63  ? -2.47531  7.01782   -0.42644  1.000 13.65055 ? 705 ASP A CB  1 
ATOM   406  C CG  . ASP A 1 63  ? -2.67109  8.08623   -1.49533  1.000 22.79206 ? 705 ASP A CG  1 
ATOM   407  O OD1 . ASP A 1 63  ? -2.32404  7.85014   -2.66436  1.000 21.65211 ? 705 ASP A OD1 1 
ATOM   408  O OD2 . ASP A 1 63  ? -3.18902  9.17426   -1.15277  1.000 20.30184 ? 705 ASP A OD2 1 
ATOM   409  N N   . MET A 1 64  ? -2.53248  4.45355   -1.94193  1.000 21.64785 ? 706 MET A N   1 
ATOM   410  C CA  . MET A 1 64  ? -2.69099  3.50565   -3.03459  1.000 17.33507 ? 706 MET A CA  1 
ATOM   411  C C   . MET A 1 64  ? -3.10694  4.20518   -4.32853  1.000 21.84322 ? 706 MET A C   1 
ATOM   412  O O   . MET A 1 64  ? -2.70707  3.77131   -5.41734  1.000 26.72438 ? 706 MET A O   1 
ATOM   413  C CB  . MET A 1 64  ? -3.66679  2.42399   -2.60883  1.000 15.10703 ? 706 MET A CB  1 
ATOM   414  C CG  . MET A 1 64  ? -3.14503  1.64808   -1.41840  1.000 22.19974 ? 706 MET A CG  1 
ATOM   415  S SD  . MET A 1 64  ? -4.03520  0.11212   -1.06998  1.000 17.46858 ? 706 MET A SD  1 
ATOM   416  C CE  . MET A 1 64  ? -3.93433  -0.68441  -2.67487  1.000 22.58551 ? 706 MET A CE  1 
ATOM   417  N N   . GLU A 1 65  ? -3.85228  5.31515   -4.23577  1.000 19.27237 ? 707 GLU A N   1 
ATOM   418  C CA  . GLU A 1 65  ? -4.16879  6.08094   -5.44231  1.000 28.13590 ? 707 GLU A CA  1 
ATOM   419  C C   . GLU A 1 65  ? -2.90374  6.58119   -6.13080  1.000 33.23920 ? 707 GLU A C   1 
ATOM   420  O O   . GLU A 1 65  ? -2.80730  6.54402   -7.36383  1.000 34.81012 ? 707 GLU A O   1 
ATOM   421  C CB  . GLU A 1 65  ? -5.09744  7.25087   -5.11597  1.000 23.54434 ? 707 GLU A CB  1 
ATOM   422  C CG  . GLU A 1 65  ? -6.51954  6.82470   -4.84456  1.000 23.29994 ? 707 GLU A CG  1 
ATOM   423  C CD  . GLU A 1 65  ? -7.45837  7.98935   -4.59113  1.000 34.78296 ? 707 GLU A CD  1 
ATOM   424  O OE1 . GLU A 1 65  ? -6.98105  9.14840   -4.55304  1.000 39.78020 ? 707 GLU A OE1 1 
ATOM   425  O OE2 . GLU A 1 65  ? -8.67892  7.74501   -4.43716  1.000 34.57716 ? 707 GLU A OE2 1 
ATOM   426  N N   . LYS A 1 66  ? -1.91452  7.03847   -5.35362  1.000 26.86638 ? 708 LYS A N   1 
ATOM   427  C CA  . LYS A 1 66  ? -0.64169  7.43440   -5.95130  1.000 30.14802 ? 708 LYS A CA  1 
ATOM   428  C C   . LYS A 1 66  ? 0.07881   6.24105   -6.56886  1.000 33.90825 ? 708 LYS A C   1 
ATOM   429  O O   . LYS A 1 66  ? 0.65769   6.35693   -7.65732  1.000 33.62268 ? 708 LYS A O   1 
ATOM   430  C CB  . LYS A 1 66  ? 0.25372   8.10337   -4.91338  1.000 26.82946 ? 708 LYS A CB  1 
ATOM   431  C CG  . LYS A 1 66  ? 1.57184   8.61572   -5.47817  1.000 33.75253 ? 708 LYS A CG  1 
ATOM   432  N N   . ILE A 1 67  ? 0.08937   5.09752   -5.87450  1.000 26.64733 ? 709 ILE A N   1 
ATOM   433  C CA  . ILE A 1 67  ? 0.69470   3.89246   -6.44220  1.000 27.34822 ? 709 ILE A CA  1 
ATOM   434  C C   . ILE A 1 67  ? -0.03783  3.48359   -7.71094  1.000 35.31464 ? 709 ILE A C   1 
ATOM   435  O O   . ILE A 1 67  ? 0.58487   3.08002   -8.70377  1.000 35.95442 ? 709 ILE A O   1 
ATOM   436  C CB  . ILE A 1 67  ? 0.70552   2.74420   -5.41380  1.000 21.68663 ? 709 ILE A CB  1 
ATOM   437  C CG1 . ILE A 1 67  ? 1.58435   3.07880   -4.20152  1.000 25.45626 ? 709 ILE A CG1 1 
ATOM   438  C CG2 . ILE A 1 67  ? 1.16884   1.45444   -6.06787  1.000 25.41841 ? 709 ILE A CG2 1 
ATOM   439  C CD1 . ILE A 1 67  ? 1.55259   2.00512   -3.11811  1.000 19.60787 ? 709 ILE A CD1 1 
ATOM   440  N N   . ARG A 1 68  ? -1.37206  3.57776   -7.70028  1.000 25.78858 ? 710 ARG A N   1 
ATOM   441  C CA  . ARG A 1 68  ? -2.13606  3.23064   -8.89516  1.000 34.70973 ? 710 ARG A CA  1 
ATOM   442  C C   . ARG A 1 68  ? -1.78930  4.14143   -10.06576 1.000 37.61478 ? 710 ARG A C   1 
ATOM   443  O O   . ARG A 1 68  ? -1.64872  3.67016   -11.20055 1.000 47.50921 ? 710 ARG A O   1 
ATOM   444  C CB  . ARG A 1 68  ? -3.63592  3.28712   -8.61613  1.000 32.68712 ? 710 ARG A CB  1 
ATOM   445  C CG  . ARG A 1 68  ? -4.47903  2.65168   -9.73807  1.000 40.80759 ? 710 ARG A CG  1 
ATOM   446  C CD  . ARG A 1 68  ? -5.97162  2.70892   -9.42437  1.000 52.14660 ? 710 ARG A CD  1 
ATOM   447  N NE  . ARG A 1 68  ? -6.76747  1.83299   -10.28425 1.000 59.94196 ? 710 ARG A NE  1 
ATOM   448  C CZ  . ARG A 1 68  ? -7.45403  2.24702   -11.34570 1.000 59.65010 ? 710 ARG A CZ  1 
ATOM   449  N NH1 . ARG A 1 68  ? -7.44346  3.53192   -11.68595 1.000 65.05927 ? 710 ARG A NH1 1 
ATOM   450  N NH2 . ARG A 1 68  ? -8.15177  1.37673   -12.06470 1.000 58.20683 ? 710 ARG A NH2 1 
ATOM   451  N N   . SER A 1 69  ? -1.64687  5.44772   -9.81345  1.000 41.72518 ? 711 SER A N   1 
ATOM   452  C CA  . SER A 1 69  ? -1.37543  6.38110   -10.90401 1.000 45.79846 ? 711 SER A CA  1 
ATOM   453  C C   . SER A 1 69  ? 0.02388   6.18117   -11.47596 1.000 48.28101 ? 711 SER A C   1 
ATOM   454  O O   . SER A 1 69  ? 0.21628   6.28306   -12.69194 1.000 58.12744 ? 711 SER A O   1 
ATOM   455  C CB  . SER A 1 69  ? -1.56434  7.81771   -10.43086 1.000 38.84705 ? 711 SER A CB  1 
ATOM   456  O OG  . SER A 1 69  ? -0.41178  8.28125   -9.75184  1.000 53.07118 ? 711 SER A OG  1 
ATOM   457  N N   . HIS A 1 70  ? 1.01339   5.89981   -10.62036 1.000 44.00845 ? 712 HIS A N   1 
ATOM   458  C CA  . HIS A 1 70  ? 2.33341   5.51365   -11.11571 1.000 40.23472 ? 712 HIS A CA  1 
ATOM   459  C C   . HIS A 1 70  ? 2.24629   4.26337   -11.98308 1.000 49.60523 ? 712 HIS A C   1 
ATOM   460  O O   . HIS A 1 70  ? 2.96713   4.13554   -12.98033 1.000 49.85139 ? 712 HIS A O   1 
ATOM   461  C CB  . HIS A 1 70  ? 3.30096   5.27189   -9.95101  1.000 39.40301 ? 712 HIS A CB  1 
ATOM   462  C CG  . HIS A 1 70  ? 3.63769   6.50148   -9.15633  1.000 55.29179 ? 712 HIS A CG  1 
ATOM   463  N ND1 . HIS A 1 70  ? 4.24091   6.44257   -7.91511  1.000 49.02038 ? 712 HIS A ND1 1 
ATOM   464  C CD2 . HIS A 1 70  ? 3.46535   7.81831   -9.42603  1.000 58.66209 ? 712 HIS A CD2 1 
ATOM   465  C CE1 . HIS A 1 70  ? 4.42065   7.66747   -7.45369  1.000 55.56802 ? 712 HIS A CE1 1 
ATOM   466  N NE2 . HIS A 1 70  ? 3.95829   8.52109   -8.35089  1.000 63.04062 ? 712 HIS A NE2 1 
ATOM   467  N N   . MET A 1 71  ? 1.36841   3.32695   -11.61848 1.000 48.20758 ? 713 MET A N   1 
ATOM   468  C CA  . MET A 1 71  ? 1.27695   2.07196   -12.36190 1.000 49.10064 ? 713 MET A CA  1 
ATOM   469  C C   . MET A 1 71  ? 0.60646   2.27516   -13.71630 1.000 57.26792 ? 713 MET A C   1 
ATOM   470  O O   . MET A 1 71  ? 1.04701   1.70775   -14.72240 1.000 52.87541 ? 713 MET A O   1 
ATOM   471  C CB  . MET A 1 71  ? 0.52672   1.02348   -11.54006 1.000 42.91193 ? 713 MET A CB  1 
ATOM   472  C CG  . MET A 1 71  ? 0.34081   -0.29821  -12.26159 1.000 40.03995 ? 713 MET A CG  1 
ATOM   473  S SD  . MET A 1 71  ? -0.54380  -1.54888  -11.30891 1.000 41.77426 ? 713 MET A SD  1 
ATOM   474  C CE  . MET A 1 71  ? -2.14375  -0.76590  -11.10991 1.000 38.29046 ? 713 MET A CE  1 
ATOM   475  N N   . MET A 1 72  ? -0.46104  3.07844   -13.76244 1.000 57.03998 ? 714 MET A N   1 
ATOM   476  C CA  . MET A 1 72  ? -1.08970  3.39946   -15.03936 1.000 54.79029 ? 714 MET A CA  1 
ATOM   477  C C   . MET A 1 72  ? -0.15611  4.20608   -15.93381 1.000 57.92401 ? 714 MET A C   1 
ATOM   478  O O   . MET A 1 72  ? -0.24705  4.11818   -17.16276 1.000 62.18869 ? 714 MET A O   1 
ATOM   479  C CB  . MET A 1 72  ? -2.39731  4.15734   -14.80602 1.000 49.25249 ? 714 MET A CB  1 
ATOM   480  C CG  . MET A 1 72  ? -3.39116  3.39948   -13.94147 1.000 51.72681 ? 714 MET A CG  1 
ATOM   481  S SD  . MET A 1 72  ? -3.56649  1.66904   -14.44455 1.000 68.35136 ? 714 MET A SD  1 
ATOM   482  C CE  . MET A 1 72  ? -4.72358  1.06771   -13.21248 1.000 54.16683 ? 714 MET A CE  1 
ATOM   483  N N   . ALA A 1 73  ? 0.74550   4.98989   -15.34378 1.000 60.50366 ? 715 ALA A N   1 
ATOM   484  C CA  . ALA A 1 73  ? 1.76366   5.70783   -16.09533 1.000 57.75189 ? 715 ALA A CA  1 
ATOM   485  C C   . ALA A 1 73  ? 3.03044   4.88010   -16.30479 1.000 60.38790 ? 715 ALA A C   1 
ATOM   486  O O   . ALA A 1 73  ? 4.07926   5.44701   -16.63365 1.000 61.85773 ? 715 ALA A O   1 
ATOM   487  C CB  . ALA A 1 73  ? 2.10579   7.02822   -15.40120 1.000 50.92946 ? 715 ALA A CB  1 
ATOM   488  N N   . ASN A 1 74  ? 2.95850   3.56121   -16.09518 1.000 60.61558 ? 716 ASN A N   1 
ATOM   489  C CA  . ASN A 1 74  ? 4.05976   2.63209   -16.34934 1.000 59.15053 ? 716 ASN A CA  1 
ATOM   490  C C   . ASN A 1 74  ? 5.35867   3.01988   -15.65043 1.000 60.67121 ? 716 ASN A C   1 
ATOM   491  O O   . ASN A 1 74  ? 6.42330   2.49306   -15.98851 1.000 68.23944 ? 716 ASN A O   1 
ATOM   492  C CB  . ASN A 1 74  ? 4.31545   2.51405   -17.85162 1.000 55.01066 ? 716 ASN A CB  1 
ATOM   493  C CG  . ASN A 1 74  ? 3.04194   2.33213   -18.64279 1.000 57.91284 ? 716 ASN A CG  1 
ATOM   494  O OD1 . ASN A 1 74  ? 2.38244   3.30682   -19.00618 1.000 61.14667 ? 716 ASN A OD1 1 
ATOM   495  N ND2 . ASN A 1 74  ? 2.68945   1.07967   -18.92333 1.000 59.38122 ? 716 ASN A ND2 1 
ATOM   496  N N   . LYS A 1 75  ? 5.28827   3.92672   -14.67312 1.000 55.57024 ? 717 LYS A N   1 
ATOM   497  C CA  . LYS A 1 75  ? 6.47603   4.41911   -13.98293 1.000 53.08181 ? 717 LYS A CA  1 
ATOM   498  C C   . LYS A 1 75  ? 7.18443   3.35036   -13.15654 1.000 55.06315 ? 717 LYS A C   1 
ATOM   499  O O   . LYS A 1 75  ? 8.17025   3.67445   -12.48177 1.000 60.77461 ? 717 LYS A O   1 
ATOM   500  C CB  . LYS A 1 75  ? 6.10372   5.59692   -13.07884 1.000 51.43856 ? 717 LYS A CB  1 
ATOM   501  N N   . TYR A 1 76  ? 6.71940   2.10400   -13.17799 1.000 54.78952 ? 718 TYR A N   1 
ATOM   502  C CA  . TYR A 1 76  ? 7.33249   1.02603   -12.41175 1.000 54.16279 ? 718 TYR A CA  1 
ATOM   503  C C   . TYR A 1 76  ? 8.15976   0.16535   -13.35829 1.000 50.45510 ? 718 TYR A C   1 
ATOM   504  O O   . TYR A 1 76  ? 7.61129   -0.53970  -14.20904 1.000 46.74778 ? 718 TYR A O   1 
ATOM   505  C CB  . TYR A 1 76  ? 6.27495   0.20418   -11.67569 1.000 37.60758 ? 718 TYR A CB  1 
ATOM   506  C CG  . TYR A 1 76  ? 5.76826   0.90730   -10.43190 1.000 40.53303 ? 718 TYR A CG  1 
ATOM   507  C CD1 . TYR A 1 76  ? 6.64857   1.30982   -9.43605  1.000 36.91573 ? 718 TYR A CD1 1 
ATOM   508  C CD2 . TYR A 1 76  ? 4.41695   1.17062   -10.25440 1.000 40.17684 ? 718 TYR A CD2 1 
ATOM   509  C CE1 . TYR A 1 76  ? 6.19634   1.95844   -8.30582  1.000 40.45546 ? 718 TYR A CE1 1 
ATOM   510  C CE2 . TYR A 1 76  ? 3.95869   1.81112   -9.12741  1.000 34.66085 ? 718 TYR A CE2 1 
ATOM   511  C CZ  . TYR A 1 76  ? 4.85025   2.20246   -8.15993  1.000 32.78961 ? 718 TYR A CZ  1 
ATOM   512  O OH  . TYR A 1 76  ? 4.39294   2.84087   -7.04202  1.000 30.35655 ? 718 TYR A OH  1 
ATOM   513  N N   . GLN A 1 77  ? 9.48450   0.23239   -13.20541 1.000 55.45487 ? 719 GLN A N   1 
ATOM   514  C CA  . GLN A 1 77  ? 10.37293  -0.53428  -14.07060 1.000 47.92588 ? 719 GLN A CA  1 
ATOM   515  C C   . GLN A 1 77  ? 10.35147  -2.01593  -13.71168 1.000 50.37123 ? 719 GLN A C   1 
ATOM   516  O O   . GLN A 1 77  ? 10.41416  -2.87450  -14.59914 1.000 50.72268 ? 719 GLN A O   1 
ATOM   517  C CB  . GLN A 1 77  ? 11.79102  0.03160   -13.98686 1.000 47.44032 ? 719 GLN A CB  1 
ATOM   518  N N   . ASP A 1 78  ? 10.25256  -2.33726  -12.42085 1.000 45.44513 ? 720 ASP A N   1 
ATOM   519  C CA  . ASP A 1 78  ? 10.17186  -3.71898  -11.96249 1.000 47.72472 ? 720 ASP A CA  1 
ATOM   520  C C   . ASP A 1 78  ? 9.21138   -3.80136  -10.78424 1.000 41.56916 ? 720 ASP A C   1 
ATOM   521  O O   . ASP A 1 78  ? 8.63716   -2.79957  -10.34634 1.000 34.41405 ? 720 ASP A O   1 
ATOM   522  C CB  . ASP A 1 78  ? 11.54930  -4.27457  -11.57838 1.000 50.06118 ? 720 ASP A CB  1 
ATOM   523  C CG  . ASP A 1 78  ? 12.36175  -3.30438  -10.73461 1.000 50.47743 ? 720 ASP A CG  1 
ATOM   524  O OD1 . ASP A 1 78  ? 11.76349  -2.48680  -10.00097 1.000 47.23792 ? 720 ASP A OD1 1 
ATOM   525  O OD2 . ASP A 1 78  ? 13.60818  -3.36808  -10.80201 1.000 58.55997 ? 720 ASP A OD2 1 
ATOM   526  N N   . ILE A 1 79  ? 9.04295   -5.01843  -10.26669 1.000 42.42016 ? 721 ILE A N   1 
ATOM   527  C CA  . ILE A 1 79  ? 8.13217   -5.22730  -9.14654  1.000 40.67942 ? 721 ILE A CA  1 
ATOM   528  C C   . ILE A 1 79  ? 8.69222   -4.59729  -7.87923  1.000 32.03548 ? 721 ILE A C   1 
ATOM   529  O O   . ILE A 1 79  ? 7.95406   -3.97305  -7.10874  1.000 37.84690 ? 721 ILE A O   1 
ATOM   530  C CB  . ILE A 1 79  ? 7.84626   -6.72992  -8.97049  1.000 37.68358 ? 721 ILE A CB  1 
ATOM   531  C CG1 . ILE A 1 79  ? 7.15332   -7.25578  -10.21774 1.000 44.35812 ? 721 ILE A CG1 1 
ATOM   532  C CG2 . ILE A 1 79  ? 6.96420   -6.99122  -7.76083  1.000 30.23214 ? 721 ILE A CG2 1 
ATOM   533  C CD1 . ILE A 1 79  ? 5.80373   -6.64334  -10.42554 1.000 45.59165 ? 721 ILE A CD1 1 
ATOM   534  N N   . ASP A 1 80  ? 10.00599  -4.73016  -7.65768  1.000 32.24407 ? 722 ASP A N   1 
ATOM   535  C CA  . ASP A 1 80  ? 10.63796  -4.18303  -6.45702  1.000 38.68397 ? 722 ASP A CA  1 
ATOM   536  C C   . ASP A 1 80  ? 10.23539  -2.73244  -6.21709  1.000 33.65661 ? 722 ASP A C   1 
ATOM   537  O O   . ASP A 1 80  ? 9.98502   -2.33381  -5.07451  1.000 29.80683 ? 722 ASP A O   1 
ATOM   538  C CB  . ASP A 1 80  ? 12.16556  -4.29304  -6.55674  1.000 39.81634 ? 722 ASP A CB  1 
ATOM   539  C CG  . ASP A 1 80  ? 12.68438  -5.70533  -6.26918  1.000 43.99906 ? 722 ASP A CG  1 
ATOM   540  O OD1 . ASP A 1 80  ? 11.87189  -6.59944  -5.95323  1.000 44.31561 ? 722 ASP A OD1 1 
ATOM   541  O OD2 . ASP A 1 80  ? 13.91627  -5.91083  -6.34271  1.000 51.78838 ? 722 ASP A OD2 1 
ATOM   542  N N   . SER A 1 81  ? 10.14497  -1.93650  -7.28828  1.000 31.93701 ? 723 SER A N   1 
ATOM   543  C CA  . SER A 1 81  ? 9.83895   -0.51592  -7.14518  1.000 35.67597 ? 723 SER A CA  1 
ATOM   544  C C   . SER A 1 81  ? 8.42905   -0.29987  -6.61009  1.000 30.99609 ? 723 SER A C   1 
ATOM   545  O O   . SER A 1 81  ? 8.19420   0.63542   -5.83372  1.000 30.36542 ? 723 SER A O   1 
ATOM   546  C CB  . SER A 1 81  ? 10.01673  0.19386   -8.48589  1.000 37.89987 ? 723 SER A CB  1 
ATOM   547  O OG  . SER A 1 81  ? 11.23522  -0.19790  -9.09404  1.000 44.34906 ? 723 SER A OG  1 
ATOM   548  N N   . MET A 1 82  ? 7.47770   -1.15110  -7.01787  1.000 29.19557 ? 724 MET A N   1 
ATOM   549  C CA  . MET A 1 82  ? 6.11566   -1.03939  -6.50270  1.000 29.62660 ? 724 MET A CA  1 
ATOM   550  C C   . MET A 1 82  ? 6.04655   -1.45940  -5.04308  1.000 29.68292 ? 724 MET A C   1 
ATOM   551  O O   . MET A 1 82  ? 5.40544   -0.78348  -4.22909  1.000 22.51933 ? 724 MET A O   1 
ATOM   552  C CB  . MET A 1 82  ? 5.15094   -1.88401  -7.33635  1.000 30.23532 ? 724 MET A CB  1 
ATOM   553  C CG  . MET A 1 82  ? 3.80954   -2.10302  -6.64881  1.000 31.01240 ? 724 MET A CG  1 
ATOM   554  S SD  . MET A 1 82  ? 2.52451   -2.85989  -7.68754  1.000 33.24557 ? 724 MET A SD  1 
ATOM   555  C CE  . MET A 1 82  ? 2.10697   -1.46087  -8.71278  1.000 23.76901 ? 724 MET A CE  1 
ATOM   556  N N   . VAL A 1 83  ? 6.70256   -2.57289  -4.69828  1.000 29.33001 ? 725 VAL A N   1 
ATOM   557  C CA  . VAL A 1 83  ? 6.71668   -3.05245  -3.31696  1.000 24.98361 ? 725 VAL A CA  1 
ATOM   558  C C   . VAL A 1 83  ? 7.31232   -2.00016  -2.38250  1.000 23.22434 ? 725 VAL A C   1 
ATOM   559  O O   . VAL A 1 83  ? 6.83218   -1.80115  -1.25949  1.000 23.85613 ? 725 VAL A O   1 
ATOM   560  C CB  . VAL A 1 83  ? 7.47166   -4.39195  -3.24123  1.000 22.31535 ? 725 VAL A CB  1 
ATOM   561  C CG1 . VAL A 1 83  ? 7.65455   -4.84011  -1.80860  1.000 26.08860 ? 725 VAL A CG1 1 
ATOM   562  C CG2 . VAL A 1 83  ? 6.70212   -5.46387  -4.01902  1.000 27.56323 ? 725 VAL A CG2 1 
ATOM   563  N N   . GLU A 1 84  ? 8.35522   -1.30359  -2.83333  1.000 21.66231 ? 726 GLU A N   1 
ATOM   564  C CA  . GLU A 1 84  ? 8.96592   -0.26308  -2.00678  1.000 22.74263 ? 726 GLU A CA  1 
ATOM   565  C C   . GLU A 1 84  ? 7.97568   0.84402   -1.66361  1.000 21.05614 ? 726 GLU A C   1 
ATOM   566  O O   . GLU A 1 84  ? 7.94705   1.33608   -0.52537  1.000 19.08221 ? 726 GLU A O   1 
ATOM   567  C CB  . GLU A 1 84  ? 10.19314  0.30317   -2.71607  1.000 25.95306 ? 726 GLU A CB  1 
ATOM   568  C CG  . GLU A 1 84  ? 11.34167  -0.67674  -2.75233  1.000 32.87529 ? 726 GLU A CG  1 
ATOM   569  C CD  . GLU A 1 84  ? 12.60538  -0.09074  -3.33917  1.000 40.24475 ? 726 GLU A CD  1 
ATOM   570  O OE1 . GLU A 1 84  ? 13.39256  -0.86187  -3.93332  1.000 48.75023 ? 726 GLU A OE1 1 
ATOM   571  O OE2 . GLU A 1 84  ? 12.81625  1.13209   -3.19741  1.000 40.56569 ? 726 GLU A OE2 1 
ATOM   572  N N   . ASP A 1 85  ? 7.14799   1.24824   -2.62502  1.000 22.48823 ? 727 ASP A N   1 
ATOM   573  C CA  . ASP A 1 85  ? 6.12572   2.24955   -2.32532  1.000 23.57481 ? 727 ASP A CA  1 
ATOM   574  C C   . ASP A 1 85  ? 5.08143   1.70720   -1.35527  1.000 21.77119 ? 727 ASP A C   1 
ATOM   575  O O   . ASP A 1 85  ? 4.64979   2.42190   -0.44231  1.000 20.45179 ? 727 ASP A O   1 
ATOM   576  C CB  . ASP A 1 85  ? 5.47167   2.72704   -3.62336  1.000 26.34413 ? 727 ASP A CB  1 
ATOM   577  C CG  . ASP A 1 85  ? 6.37236   3.65963   -4.41173  1.000 29.91427 ? 727 ASP A CG  1 
ATOM   578  O OD1 . ASP A 1 85  ? 7.25481   4.27584   -3.79144  1.000 24.22230 ? 727 ASP A OD1 1 
ATOM   579  O OD2 . ASP A 1 85  ? 6.19992   3.78241   -5.63992  1.000 37.77916 ? 727 ASP A OD2 1 
ATOM   580  N N   . PHE A 1 86  ? 4.65881   0.44809   -1.54318  1.000 17.56860 ? 728 PHE A N   1 
ATOM   581  C CA  . PHE A 1 86  ? 3.73236   -0.17844  -0.60589  1.000 18.38853 ? 728 PHE A CA  1 
ATOM   582  C C   . PHE A 1 86  ? 4.34197   -0.28186  0.79332   1.000 16.63158 ? 728 PHE A C   1 
ATOM   583  O O   . PHE A 1 86  ? 3.71036   0.09164   1.78639   1.000 23.97540 ? 728 PHE A O   1 
ATOM   584  C CB  . PHE A 1 86  ? 3.32264   -1.56458  -1.11869  1.000 19.62256 ? 728 PHE A CB  1 
ATOM   585  C CG  . PHE A 1 86  ? 2.08561   -1.55937  -1.98698  1.000 18.22661 ? 728 PHE A CG  1 
ATOM   586  C CD1 . PHE A 1 86  ? 0.84354   -1.24675  -1.45356  1.000 15.97420 ? 728 PHE A CD1 1 
ATOM   587  C CD2 . PHE A 1 86  ? 2.16822   -1.87646  -3.32984  1.000 19.77892 ? 728 PHE A CD2 1 
ATOM   588  C CE1 . PHE A 1 86  ? -0.29953  -1.25475  -2.24604  1.000 21.52305 ? 728 PHE A CE1 1 
ATOM   589  C CE2 . PHE A 1 86  ? 1.03322   -1.87673  -4.13241  1.000 20.30326 ? 728 PHE A CE2 1 
ATOM   590  C CZ  . PHE A 1 86  ? -0.20337  -1.56960  -3.58786  1.000 19.30778 ? 728 PHE A CZ  1 
ATOM   591  N N   . VAL A 1 87  ? 5.57025   -0.79143  0.89464   1.000 16.44156 ? 729 VAL A N   1 
ATOM   592  C CA  . VAL A 1 87  ? 6.20352   -0.93912  2.20513   1.000 16.48279 ? 729 VAL A CA  1 
ATOM   593  C C   . VAL A 1 87  ? 6.37477   0.42710   2.85949   1.000 18.94045 ? 729 VAL A C   1 
ATOM   594  O O   . VAL A 1 87  ? 6.17858   0.58793   4.07104   1.000 17.76408 ? 729 VAL A O   1 
ATOM   595  C CB  . VAL A 1 87  ? 7.54535   -1.68782  2.06641   1.000 20.23907 ? 729 VAL A CB  1 
ATOM   596  C CG1 . VAL A 1 87  ? 8.36091   -1.61068  3.37042   1.000 21.51322 ? 729 VAL A CG1 1 
ATOM   597  C CG2 . VAL A 1 87  ? 7.29923   -3.16553  1.66022   1.000 19.88940 ? 729 VAL A CG2 1 
ATOM   598  N N   A MET A 1 88  ? 6.73924   1.43215   2.06247   0.526 19.95404 ? 730 MET A N   1 
ATOM   599  N N   B MET A 1 88  ? 6.73238   1.43523   2.06833   0.474 20.09868 ? 730 MET A N   1 
ATOM   600  C CA  A MET A 1 88  ? 6.79333   2.80068   2.56209   0.526 18.81669 ? 730 MET A CA  1 
ATOM   601  C CA  B MET A 1 88  ? 6.79330   2.79217   2.59586   0.474 18.90660 ? 730 MET A CA  1 
ATOM   602  C C   A MET A 1 88  ? 5.44431   3.23075   3.12573   0.526 20.05503 ? 730 MET A C   1 
ATOM   603  C C   B MET A 1 88  ? 5.43781   3.23218   3.13579   0.474 19.91799 ? 730 MET A C   1 
ATOM   604  O O   A MET A 1 88  ? 5.37063   3.82008   4.21340   0.526 18.89475 ? 730 MET A O   1 
ATOM   605  O O   B MET A 1 88  ? 5.35289   3.83426   4.21550   0.474 18.57667 ? 730 MET A O   1 
ATOM   606  C CB  A MET A 1 88  ? 7.22873   3.73926   1.43811   0.526 19.30937 ? 730 MET A CB  1 
ATOM   607  C CB  B MET A 1 88  ? 7.27230   3.74176   1.50487   0.474 19.28692 ? 730 MET A CB  1 
ATOM   608  C CG  A MET A 1 88  ? 7.16333   5.20294   1.80880   0.526 20.39938 ? 730 MET A CG  1 
ATOM   609  C CG  B MET A 1 88  ? 7.07701   5.20564   1.82318   0.474 20.36995 ? 730 MET A CG  1 
ATOM   610  S SD  A MET A 1 88  ? 8.35071   5.53648   3.10264   0.526 20.32692 ? 730 MET A SD  1 
ATOM   611  S SD  B MET A 1 88  ? 8.43215   6.13129   1.11525   0.474 24.82315 ? 730 MET A SD  1 
ATOM   612  C CE  A MET A 1 88  ? 9.88674   5.26884   2.21920   0.526 26.70821 ? 730 MET A CE  1 
ATOM   613  C CE  B MET A 1 88  ? 9.79813   5.43011   2.04241   0.474 26.67706 ? 730 MET A CE  1 
ATOM   614  N N   . MET A 1 89  ? 4.36338   2.93081   2.40015   1.000 20.21576 ? 731 MET A N   1 
ATOM   615  C CA  . MET A 1 89  ? 3.03121   3.30357   2.85558   1.000 18.23217 ? 731 MET A CA  1 
ATOM   616  C C   . MET A 1 89  ? 2.68187   2.59891   4.15235   1.000 14.48658 ? 731 MET A C   1 
ATOM   617  O O   . MET A 1 89  ? 2.13859   3.21449   5.07285   1.000 13.76703 ? 731 MET A O   1 
ATOM   618  C CB  . MET A 1 89  ? 1.99451   2.96990   1.78327   1.000 18.87108 ? 731 MET A CB  1 
ATOM   619  C CG  . MET A 1 89  ? 0.58020   3.38703   2.15273   1.000 9.53719  ? 731 MET A CG  1 
ATOM   620  S SD  . MET A 1 89  ? -0.55974  2.83473   0.87560   1.000 15.37421 ? 731 MET A SD  1 
ATOM   621  C CE  . MET A 1 89  ? -0.72683  1.10413   1.27762   1.000 13.89212 ? 731 MET A CE  1 
ATOM   622  N N   . PHE A 1 90  ? 2.98348   1.30571   4.24740   1.000 15.09058 ? 732 PHE A N   1 
ATOM   623  C CA  . PHE A 1 90  ? 2.60014   0.57233   5.44661   1.000 16.89406 ? 732 PHE A CA  1 
ATOM   624  C C   . PHE A 1 90  ? 3.47232   0.96496   6.63387   1.000 11.71777 ? 732 PHE A C   1 
ATOM   625  O O   . PHE A 1 90  ? 2.99837   0.99713   7.77134   1.000 15.03015 ? 732 PHE A O   1 
ATOM   626  C CB  . PHE A 1 90  ? 2.68053   -0.93777  5.20645   1.000 16.28785 ? 732 PHE A CB  1 
ATOM   627  C CG  . PHE A 1 90  ? 1.66936   -1.46459  4.19538   1.000 16.61919 ? 732 PHE A CG  1 
ATOM   628  C CD1 . PHE A 1 90  ? 0.31963   -1.12810  4.28627   1.000 15.75414 ? 732 PHE A CD1 1 
ATOM   629  C CD2 . PHE A 1 90  ? 2.08216   -2.30165  3.17055   1.000 12.65259 ? 732 PHE A CD2 1 
ATOM   630  C CE1 . PHE A 1 90  ? -0.60772  -1.62885  3.36640   1.000 14.26705 ? 732 PHE A CE1 1 
ATOM   631  C CE2 . PHE A 1 90  ? 1.16283   -2.80702  2.24114   1.000 18.18827 ? 732 PHE A CE2 1 
ATOM   632  C CZ  . PHE A 1 90  ? -0.17397  -2.46369  2.33665   1.000 16.97430 ? 732 PHE A CZ  1 
ATOM   633  N N   . ASN A 1 91  ? 4.75826   1.20293   6.39996   1.000 12.99343 ? 733 ASN A N   1 
ATOM   634  C CA  . ASN A 1 91  ? 5.60774   1.72822   7.45990   1.000 15.01599 ? 733 ASN A CA  1 
ATOM   635  C C   . ASN A 1 91  ? 5.10441   3.08469   7.92690   1.000 13.87809 ? 733 ASN A C   1 
ATOM   636  O O   . ASN A 1 91  ? 5.12777   3.38266   9.12777   1.000 12.54367 ? 733 ASN A O   1 
ATOM   637  C CB  . ASN A 1 91  ? 7.05176   1.82789   6.97322   1.000 13.29491 ? 733 ASN A CB  1 
ATOM   638  C CG  . ASN A 1 91  ? 7.72360   0.46717   6.88511   1.000 18.18739 ? 733 ASN A CG  1 
ATOM   639  O OD1 . ASN A 1 91  ? 7.20617   -0.53446  7.40373   1.000 15.17090 ? 733 ASN A OD1 1 
ATOM   640  N ND2 . ASN A 1 91  ? 8.89386   0.42660   6.25078   1.000 18.90597 ? 733 ASN A ND2 1 
ATOM   641  N N   . ASN A 1 92  ? 4.62230   3.90795   6.99228   1.000 12.32492 ? 734 ASN A N   1 
ATOM   642  C CA  . ASN A 1 92  ? 4.06862   5.20911   7.37025   1.000 13.80256 ? 734 ASN A CA  1 
ATOM   643  C C   . ASN A 1 92  ? 2.89540   5.03648   8.31857   1.000 15.08730 ? 734 ASN A C   1 
ATOM   644  O O   . ASN A 1 92  ? 2.85361   5.64836   9.39449   1.000 14.85734 ? 734 ASN A O   1 
ATOM   645  C CB  . ASN A 1 92  ? 3.63809   5.99886   6.12371   1.000 18.49437 ? 734 ASN A CB  1 
ATOM   646  C CG  . ASN A 1 92  ? 4.82446   6.56089   5.33186   1.000 17.96146 ? 734 ASN A CG  1 
ATOM   647  O OD1 . ASN A 1 92  ? 5.95857   6.56620   5.81266   1.000 14.27738 ? 734 ASN A OD1 1 
ATOM   648  N ND2 . ASN A 1 92  ? 4.55848   7.02939   4.11120   1.000 18.21687 ? 734 ASN A ND2 1 
ATOM   649  N N   . ALA A 1 93  ? 1.93629   4.17477   7.94350   1.000 12.19276 ? 735 ALA A N   1 
ATOM   650  C CA  . ALA A 1 93  ? 0.78827   3.92686   8.80251   1.000 9.67029  ? 735 ALA A CA  1 
ATOM   651  C C   . ALA A 1 93  ? 1.20927   3.42765   10.17606  1.000 9.66550  ? 735 ALA A C   1 
ATOM   652  O O   . ALA A 1 93  ? 0.58935   3.78035   11.18195  1.000 10.20965 ? 735 ALA A O   1 
ATOM   653  C CB  . ALA A 1 93  ? -0.15348  2.91201   8.14362   1.000 13.36382 ? 735 ALA A CB  1 
ATOM   654  N N   . CYS A 1 94  ? 2.22030   2.55156   10.24000  1.000 9.46672  ? 736 CYS A N   1 
ATOM   655  C CA  . CYS A 1 94  ? 2.66961   2.02662   11.52217  1.000 8.71861  ? 736 CYS A CA  1 
ATOM   656  C C   . CYS A 1 94  ? 3.51485   3.02345   12.30792  1.000 15.36965 ? 736 CYS A C   1 
ATOM   657  O O   . CYS A 1 94  ? 3.83071   2.76655   13.47843  1.000 17.18842 ? 736 CYS A O   1 
ATOM   658  C CB  . CYS A 1 94  ? 3.46168   0.74362   11.30703  1.000 12.26590 ? 736 CYS A CB  1 
ATOM   659  S SG  . CYS A 1 94  ? 2.36117   -0.58647  10.75075  1.000 13.35268 ? 736 CYS A SG  1 
ATOM   660  N N   . THR A 1 95  ? 3.90180   4.13226   11.68831  1.000 11.21930 ? 737 THR A N   1 
ATOM   661  C CA  . THR A 1 95  ? 4.54153   5.23009   12.40922  1.000 13.07937 ? 737 THR A CA  1 
ATOM   662  C C   . THR A 1 95  ? 3.50235   6.17003   13.00380  1.000 15.28509 ? 737 THR A C   1 
ATOM   663  O O   . THR A 1 95  ? 3.63288   6.59623   14.15582  1.000 16.96781 ? 737 THR A O   1 
ATOM   664  C CB  . THR A 1 95  ? 5.47116   5.97836   11.45750  1.000 13.15614 ? 737 THR A CB  1 
ATOM   665  O OG1 . THR A 1 95  ? 6.43200   5.06261   10.92760  1.000 14.58744 ? 737 THR A OG1 1 
ATOM   666  C CG2 . THR A 1 95  ? 6.20984   7.18339   12.16762  1.000 12.89668 ? 737 THR A CG2 1 
ATOM   667  N N   . TYR A 1 96  ? 2.42840   6.43816   12.26242  1.000 14.34264 ? 738 TYR A N   1 
ATOM   668  C CA  . TYR A 1 96  ? 1.48108   7.45948   12.68546  1.000 13.06817 ? 738 TYR A CA  1 
ATOM   669  C C   . TYR A 1 96  ? 0.50657   6.93017   13.73155  1.000 20.01377 ? 738 TYR A C   1 
ATOM   670  O O   . TYR A 1 96  ? 0.14705   7.66103   14.65499  1.000 12.40814 ? 738 TYR A O   1 
ATOM   671  C CB  . TYR A 1 96  ? 0.75391   8.01328   11.46136  1.000 12.41471 ? 738 TYR A CB  1 
ATOM   672  C CG  . TYR A 1 96  ? -0.25616  9.09230   11.74585  1.000 19.04787 ? 738 TYR A CG  1 
ATOM   673  C CD1 . TYR A 1 96  ? 0.14633   10.41975  11.93053  1.000 20.59003 ? 738 TYR A CD1 1 
ATOM   674  C CD2 . TYR A 1 96  ? -1.61084  8.80091   11.81506  1.000 22.15423 ? 738 TYR A CD2 1 
ATOM   675  C CE1 . TYR A 1 96  ? -0.77063  11.41435  12.18210  1.000 20.32189 ? 738 TYR A CE1 1 
ATOM   676  C CE2 . TYR A 1 96  ? -2.54919  9.79944   12.07387  1.000 20.09578 ? 738 TYR A CE2 1 
ATOM   677  C CZ  . TYR A 1 96  ? -2.11445  11.10644  12.25274  1.000 23.04346 ? 738 TYR A CZ  1 
ATOM   678  O OH  . TYR A 1 96  ? -3.02524  12.10180  12.50438  1.000 21.61738 ? 738 TYR A OH  1 
ATOM   679  N N   . ASN A 1 97  ? 0.09201   5.66112   13.62588  1.000 15.77283 ? 739 ASN A N   1 
ATOM   680  C CA  . ASN A 1 97  ? -0.81413  5.02394   14.57707  1.000 16.50691 ? 739 ASN A CA  1 
ATOM   681  C C   . ASN A 1 97  ? -0.07391  4.08093   15.53083  1.000 14.55462 ? 739 ASN A C   1 
ATOM   682  O O   . ASN A 1 97  ? 0.96173   3.50979   15.18482  1.000 16.01698 ? 739 ASN A O   1 
ATOM   683  C CB  . ASN A 1 97  ? -1.89941  4.22547   13.82955  1.000 11.59448 ? 739 ASN A CB  1 
ATOM   684  C CG  . ASN A 1 97  ? -2.55739  5.02554   12.71901  1.000 16.55093 ? 739 ASN A CG  1 
ATOM   685  O OD1 . ASN A 1 97  ? -3.57426  5.67999   12.93445  1.000 22.93680 ? 739 ASN A OD1 1 
ATOM   686  N ND2 . ASN A 1 97  ? -1.97318  4.98355   11.52333  1.000 12.08647 ? 739 ASN A ND2 1 
ATOM   687  N N   . GLU A 1 98  ? -0.64691  3.87210   16.72181  1.000 15.14102 ? 740 GLU A N   1 
ATOM   688  C CA  . GLU A 1 98  ? -0.04432  3.00277   17.73134  1.000 15.42691 ? 740 GLU A CA  1 
ATOM   689  C C   . GLU A 1 98  ? -0.29089  1.52204   17.42565  1.000 20.63933 ? 740 GLU A C   1 
ATOM   690  O O   . GLU A 1 98  ? -1.26062  1.17030   16.74783  1.000 19.17726 ? 740 GLU A O   1 
ATOM   691  C CB  . GLU A 1 98  ? -0.60711  3.32939   19.11218  1.000 21.68136 ? 740 GLU A CB  1 
ATOM   692  C CG  . GLU A 1 98  ? -0.46189  4.81035   19.51258  1.000 39.34612 ? 740 GLU A CG  1 
ATOM   693  C CD  . GLU A 1 98  ? 0.75676   5.11167   20.38522  1.000 36.89720 ? 740 GLU A CD  1 
ATOM   694  O OE1 . GLU A 1 98  ? 0.81073   6.23544   20.93818  1.000 52.76036 ? 740 GLU A OE1 1 
ATOM   695  O OE2 . GLU A 1 98  ? 1.65305   4.24274   20.52342  1.000 45.43540 ? 740 GLU A OE2 1 
ATOM   696  N N   . PRO A 1 99  ? 0.55980   0.62647   17.94627  1.000 17.05404 ? 741 PRO A N   1 
ATOM   697  C CA  . PRO A 1 99  ? 0.42575   -0.80169  17.58518  1.000 18.43793 ? 741 PRO A CA  1 
ATOM   698  C C   . PRO A 1 99  ? -0.93914  -1.40037  17.90003  1.000 24.58899 ? 741 PRO A C   1 
ATOM   699  O O   . PRO A 1 99  ? -1.41322  -2.26024  17.14898  1.000 21.47578 ? 741 PRO A O   1 
ATOM   700  C CB  . PRO A 1 99  ? 1.52998   -1.47879  18.40376  1.000 13.42772 ? 741 PRO A CB  1 
ATOM   701  C CG  . PRO A 1 99  ? 2.59598   -0.37397  18.59450  1.000 15.53086 ? 741 PRO A CG  1 
ATOM   702  C CD  . PRO A 1 99  ? 1.78464   0.90416   18.71989  1.000 18.08890 ? 741 PRO A CD  1 
ATOM   703  N N   . GLU A 1 100 ? -1.59243  -0.98204  18.98167  1.000 18.45466 ? 742 GLU A N   1 
ATOM   704  C CA  . GLU A 1 100 ? -2.88892  -1.55571  19.31147  1.000 23.36459 ? 742 GLU A CA  1 
ATOM   705  C C   . GLU A 1 100 ? -4.01631  -1.10013  18.37987  1.000 20.99809 ? 742 GLU A C   1 
ATOM   706  O O   . GLU A 1 100 ? -5.12409  -1.66016  18.44900  1.000 16.80867 ? 742 GLU A O   1 
ATOM   707  C CB  . GLU A 1 100 ? -3.22359  -1.22981  20.76817  1.000 27.00973 ? 742 GLU A CB  1 
ATOM   708  C CG  . GLU A 1 100 ? -2.24943  -1.87304  21.76478  1.000 30.08761 ? 742 GLU A CG  1 
ATOM   709  C CD  . GLU A 1 100 ? -0.97585  -1.05121  21.98074  1.000 38.90807 ? 742 GLU A CD  1 
ATOM   710  O OE1 . GLU A 1 100 ? -0.87685  0.07896   21.43100  1.000 35.09638 ? 742 GLU A OE1 1 
ATOM   711  O OE2 . GLU A 1 100 ? -0.06469  -1.53467  22.69866  1.000 45.06891 ? 742 GLU A OE2 1 
ATOM   712  N N   . SER A 1 101 ? -3.77595  -0.14421  17.48807  1.000 16.80995 ? 743 SER A N   1 
ATOM   713  C CA  . SER A 1 101 ? -4.90421  0.37099   16.72404  1.000 18.25417 ? 743 SER A CA  1 
ATOM   714  C C   . SER A 1 101 ? -5.24889  -0.54122  15.54102  1.000 16.96666 ? 743 SER A C   1 
ATOM   715  O O   . SER A 1 101 ? -4.42317  -1.30589  15.04834  1.000 17.07507 ? 743 SER A O   1 
ATOM   716  C CB  . SER A 1 101 ? -4.61456  1.77283   16.21777  1.000 16.76512 ? 743 SER A CB  1 
ATOM   717  O OG  . SER A 1 101 ? -3.59399  1.75593   15.25208  1.000 15.63625 ? 743 SER A OG  1 
ATOM   718  N N   . LEU A 1 102 ? -6.48385  -0.40777  15.05137  1.000 18.21354 ? 744 LEU A N   1 
ATOM   719  C CA  . LEU A 1 102 ? -6.90827  -1.17915  13.88327  1.000 14.91086 ? 744 LEU A CA  1 
ATOM   720  C C   . LEU A 1 102 ? -6.08546  -0.84810  12.63755  1.000 16.15121 ? 744 LEU A C   1 
ATOM   721  O O   . LEU A 1 102 ? -5.72979  -1.74621  11.87410  1.000 14.67891 ? 744 LEU A O   1 
ATOM   722  C CB  . LEU A 1 102 ? -8.38373  -0.93028  13.61194  1.000 14.15921 ? 744 LEU A CB  1 
ATOM   723  C CG  . LEU A 1 102 ? -8.99774  -1.87326  12.57956  1.000 16.75012 ? 744 LEU A CG  1 
ATOM   724  C CD1 . LEU A 1 102 ? -9.09041  -3.30488  13.14725  1.000 18.21877 ? 744 LEU A CD1 1 
ATOM   725  C CD2 . LEU A 1 102 ? -10.37156 -1.34714  12.14544  1.000 16.17501 ? 744 LEU A CD2 1 
ATOM   726  N N   . ILE A 1 103 ? -5.77241  0.43329   12.40457  1.000 14.47552 ? 745 ILE A N   1 
ATOM   727  C CA  . ILE A 1 103 ? -5.06926  0.79690   11.17192  1.000 13.75161 ? 745 ILE A CA  1 
ATOM   728  C C   . ILE A 1 103 ? -3.66094  0.20043   11.15702  1.000 11.65991 ? 745 ILE A C   1 
ATOM   729  O O   . ILE A 1 103 ? -3.19431  -0.28854  10.12130  1.000 16.75934 ? 745 ILE A O   1 
ATOM   730  C CB  . ILE A 1 103 ? -5.08365  2.32888   10.98840  1.000 17.57869 ? 745 ILE A CB  1 
ATOM   731  C CG1 . ILE A 1 103 ? -6.51177  2.79768   10.66363  1.000 20.25455 ? 745 ILE A CG1 1 
ATOM   732  C CG2 . ILE A 1 103 ? -4.09532  2.80394   9.89691   1.000 19.19119 ? 745 ILE A CG2 1 
ATOM   733  C CD1 . ILE A 1 103 ? -6.65969  4.31411   10.50470  1.000 22.86198 ? 745 ILE A CD1 1 
ATOM   734  N N   . TYR A 1 104 ? -2.97974  0.20118   12.30689  1.000 13.70898 ? 746 TYR A N   1 
ATOM   735  C CA  . TYR A 1 104 ? -1.66883  -0.43097  12.42993  1.000 9.49367  ? 746 TYR A CA  1 
ATOM   736  C C   . TYR A 1 104 ? -1.76154  -1.92125  12.11888  1.000 14.87967 ? 746 TYR A C   1 
ATOM   737  O O   . TYR A 1 104 ? -0.98618  -2.45150  11.31690  1.000 17.32936 ? 746 TYR A O   1 
ATOM   738  C CB  . TYR A 1 104 ? -1.12689  -0.20872  13.85345  1.000 13.20335 ? 746 TYR A CB  1 
ATOM   739  C CG  . TYR A 1 104 ? 0.31114   -0.64697  14.12882  1.000 16.38690 ? 746 TYR A CG  1 
ATOM   740  C CD1 . TYR A 1 104 ? 0.64611   -1.99270  14.29847  1.000 21.32435 ? 746 TYR A CD1 1 
ATOM   741  C CD2 . TYR A 1 104 ? 1.33323   0.29500   14.26045  1.000 19.28275 ? 746 TYR A CD2 1 
ATOM   742  C CE1 . TYR A 1 104 ? 1.96531   -2.38277  14.56426  1.000 18.25127 ? 746 TYR A CE1 1 
ATOM   743  C CE2 . TYR A 1 104 ? 2.64795   -0.08866  14.51836  1.000 14.33478 ? 746 TYR A CE2 1 
ATOM   744  C CZ  . TYR A 1 104 ? 2.95718   -1.42093  14.67370  1.000 19.82884 ? 746 TYR A CZ  1 
ATOM   745  O OH  . TYR A 1 104 ? 4.26514   -1.78916  14.92414  1.000 16.49737 ? 746 TYR A OH  1 
ATOM   746  N N   . LYS A 1 105 ? -2.71882  -2.61107  12.74190  1.000 11.93975 ? 747 LYS A N   1 
ATOM   747  C CA  . LYS A 1 105 ? -2.90361  -4.03522  12.45719  1.000 22.46324 ? 747 LYS A CA  1 
ATOM   748  C C   . LYS A 1 105 ? -3.29252  -4.27917  10.99894  1.000 16.17757 ? 747 LYS A C   1 
ATOM   749  O O   . LYS A 1 105 ? -2.78738  -5.21113  10.36514  1.000 16.27421 ? 747 LYS A O   1 
ATOM   750  C CB  . LYS A 1 105 ? -3.94450  -4.62043  13.40868  1.000 18.88347 ? 747 LYS A CB  1 
ATOM   751  C CG  . LYS A 1 105 ? -3.45962  -4.71503  14.85153  1.000 18.80439 ? 747 LYS A CG  1 
ATOM   752  C CD  . LYS A 1 105 ? -4.59184  -5.00168  15.80303  1.000 17.18486 ? 747 LYS A CD  1 
ATOM   753  C CE  . LYS A 1 105 ? -4.15400  -4.84232  17.24616  1.000 24.89524 ? 747 LYS A CE  1 
ATOM   754  N NZ  . LYS A 1 105 ? -3.03162  -5.75853  17.59251  1.000 30.76234 ? 747 LYS A NZ  1 
ATOM   755  N N   . ASP A 1 106 ? -4.17788  -3.45389  10.43961  1.000 18.53757 ? 748 ASP A N   1 
ATOM   756  C CA  . ASP A 1 106 ? -4.50829  -3.61267  9.02285   1.000 16.33179 ? 748 ASP A CA  1 
ATOM   757  C C   . ASP A 1 106 ? -3.27511  -3.41142  8.14324   1.000 16.33163 ? 748 ASP A C   1 
ATOM   758  O O   . ASP A 1 106 ? -3.07754  -4.14101  7.16256   1.000 16.31648 ? 748 ASP A O   1 
ATOM   759  C CB  . ASP A 1 106 ? -5.61907  -2.64117  8.61330   1.000 15.44397 ? 748 ASP A CB  1 
ATOM   760  C CG  . ASP A 1 106 ? -6.99874  -3.03014  9.16337   1.000 16.67459 ? 748 ASP A CG  1 
ATOM   761  O OD1 . ASP A 1 106 ? -7.13366  -4.09966  9.78336   1.000 21.79004 ? 748 ASP A OD1 1 
ATOM   762  O OD2 . ASP A 1 106 ? -7.95791  -2.25220  8.96727   1.000 17.03904 ? 748 ASP A OD2 1 
ATOM   763  N N   . ALA A 1 107 ? -2.41980  -2.43136  8.48191   1.000 10.57764 ? 749 ALA A N   1 
ATOM   764  C CA  . ALA A 1 107 ? -1.19425  -2.24285  7.71682   1.000 9.35803  ? 749 ALA A CA  1 
ATOM   765  C C   . ALA A 1 107 ? -0.30116  -3.47571  7.81218   1.000 11.53186 ? 749 ALA A C   1 
ATOM   766  O O   . ALA A 1 107 ? 0.25310   -3.92305  6.80133   1.000 9.44868  ? 749 ALA A O   1 
ATOM   767  C CB  . ALA A 1 107 ? -0.43517  -0.99083  8.19702   1.000 9.28246  ? 749 ALA A CB  1 
ATOM   768  N N   . LEU A 1 108 ? -0.16494  -4.05117  9.01357   1.000 9.81431  ? 750 LEU A N   1 
ATOM   769  C CA  . LEU A 1 108 ? 0.68739   -5.23053  9.16774   1.000 12.56556 ? 750 LEU A CA  1 
ATOM   770  C C   . LEU A 1 108 ? 0.16618   -6.39106  8.32756   1.000 12.16762 ? 750 LEU A C   1 
ATOM   771  O O   . LEU A 1 108 ? 0.94704   -7.13445  7.72217   1.000 14.03478 ? 750 LEU A O   1 
ATOM   772  C CB  . LEU A 1 108 ? 0.75358   -5.64683  10.63769  1.000 15.47958 ? 750 LEU A CB  1 
ATOM   773  C CG  . LEU A 1 108 ? 1.49679   -4.80930  11.67392  1.000 21.98270 ? 750 LEU A CG  1 
ATOM   774  C CD1 . LEU A 1 108 ? 1.47756   -5.52310  13.01807  1.000 21.07055 ? 750 LEU A CD1 1 
ATOM   775  C CD2 . LEU A 1 108 ? 2.92486   -4.51355  11.22821  1.000 22.69860 ? 750 LEU A CD2 1 
ATOM   776  N N   . VAL A 1 109 ? -1.15314  -6.54206  8.25740   1.000 10.97064 ? 751 VAL A N   1 
ATOM   777  C CA  . VAL A 1 109 ? -1.71521  -7.68124  7.51815   1.000 15.51359 ? 751 VAL A CA  1 
ATOM   778  C C   . VAL A 1 109 ? -1.54784  -7.47805  6.02022   1.000 16.89763 ? 751 VAL A C   1 
ATOM   779  O O   . VAL A 1 109 ? -1.12845  -8.39202  5.30927   1.000 16.42277 ? 751 VAL A O   1 
ATOM   780  C CB  . VAL A 1 109 ? -3.18764  -7.89374  7.91206   1.000 15.10464 ? 751 VAL A CB  1 
ATOM   781  C CG1 . VAL A 1 109 ? -3.86705  -8.93411  6.99078   1.000 20.07876 ? 751 VAL A CG1 1 
ATOM   782  C CG2 . VAL A 1 109 ? -3.24867  -8.33855  9.34419   1.000 18.82911 ? 751 VAL A CG2 1 
ATOM   783  N N   . LEU A 1 110 ? -1.81937  -6.26212  5.51960   1.000 14.89684 ? 752 LEU A N   1 
ATOM   784  C CA  . LEU A 1 110 ? -1.67470  -6.00923  4.08746   1.000 16.21265 ? 752 LEU A CA  1 
ATOM   785  C C   . LEU A 1 110 ? -0.21202  -6.04603  3.65822   1.000 19.49355 ? 752 LEU A C   1 
ATOM   786  O O   . LEU A 1 110 ? 0.09547   -6.39640  2.50771   1.000 17.61251 ? 752 LEU A O   1 
ATOM   787  C CB  . LEU A 1 110 ? -2.31751  -4.67190  3.72787   1.000 15.91668 ? 752 LEU A CB  1 
ATOM   788  C CG  . LEU A 1 110 ? -3.83937  -4.61334  3.69151   1.000 17.05624 ? 752 LEU A CG  1 
ATOM   789  C CD1 . LEU A 1 110 ? -4.30205  -3.25582  3.16796   1.000 15.63307 ? 752 LEU A CD1 1 
ATOM   790  C CD2 . LEU A 1 110 ? -4.39329  -5.76071  2.83013   1.000 17.62393 ? 752 LEU A CD2 1 
ATOM   791  N N   . HIS A 1 111 ? 0.69547   -5.70985  4.57524   1.000 15.07969 ? 753 HIS A N   1 
ATOM   792  C CA  . HIS A 1 111 ? 2.12371   -5.84291  4.31781   1.000 16.61067 ? 753 HIS A CA  1 
ATOM   793  C C   . HIS A 1 111 ? 2.49344   -7.30674  4.11412   1.000 17.93194 ? 753 HIS A C   1 
ATOM   794  O O   . HIS A 1 111 ? 3.26126   -7.64385  3.20666   1.000 20.91797 ? 753 HIS A O   1 
ATOM   795  C CB  . HIS A 1 111 ? 2.89800   -5.23809  5.49577   1.000 16.32747 ? 753 HIS A CB  1 
ATOM   796  C CG  . HIS A 1 111 ? 4.36610   -5.05640  5.25223   1.000 24.59771 ? 753 HIS A CG  1 
ATOM   797  N ND1 . HIS A 1 111 ? 5.16208   -4.30649  6.09210   1.000 32.16558 ? 753 HIS A ND1 1 
ATOM   798  C CD2 . HIS A 1 111 ? 5.18086   -5.51019  4.26959   1.000 21.80273 ? 753 HIS A CD2 1 
ATOM   799  C CE1 . HIS A 1 111 ? 6.40584   -4.31726  5.64365   1.000 29.94716 ? 753 HIS A CE1 1 
ATOM   800  N NE2 . HIS A 1 111 ? 6.44587   -5.04560  4.54382   1.000 19.97078 ? 753 HIS A NE2 1 
ATOM   801  N N   . LYS A 1 112 ? 1.95872   -8.18512  4.96317   1.000 19.53985 ? 754 LYS A N   1 
ATOM   802  C CA  . LYS A 1 112 ? 2.18703   -9.62308  4.82057   1.000 25.31865 ? 754 LYS A CA  1 
ATOM   803  C C   . LYS A 1 112 ? 1.58723   -10.15209 3.51947   1.000 24.44989 ? 754 LYS A C   1 
ATOM   804  O O   . LYS A 1 112 ? 2.21162   -10.96240 2.82265   1.000 25.65420 ? 754 LYS A O   1 
ATOM   805  C CB  . LYS A 1 112 ? 1.59684   -10.35443 6.03343   1.000 23.38163 ? 754 LYS A CB  1 
ATOM   806  C CG  . LYS A 1 112 ? 1.83309   -11.87186 6.08751   1.000 30.34990 ? 754 LYS A CG  1 
ATOM   807  C CD  . LYS A 1 112 ? 0.62537   -12.62714 6.70039   1.000 31.61073 ? 754 LYS A CD  1 
ATOM   808  C CE  . LYS A 1 112 ? -0.62017  -12.59474 5.76580   1.000 46.74342 ? 754 LYS A CE  1 
ATOM   809  N NZ  . LYS A 1 112 ? -1.82898  -13.39695 6.19294   1.000 25.15100 ? 754 LYS A NZ  1 
ATOM   810  N N   . VAL A 1 113 ? 0.37278   -9.70901  3.17909   1.000 20.78186 ? 755 VAL A N   1 
ATOM   811  C CA  . VAL A 1 113 ? -0.25411  -10.08728 1.90612   1.000 19.17217 ? 755 VAL A CA  1 
ATOM   812  C C   . VAL A 1 113 ? 0.61282   -9.66541  0.72809   1.000 20.79949 ? 755 VAL A C   1 
ATOM   813  O O   . VAL A 1 113 ? 0.76656   -10.40574 -0.25271  1.000 21.90266 ? 755 VAL A O   1 
ATOM   814  C CB  . VAL A 1 113 ? -1.65796  -9.45818  1.80068   1.000 23.27120 ? 755 VAL A CB  1 
ATOM   815  C CG1 . VAL A 1 113 ? -2.25428  -9.66491  0.40488   1.000 19.68348 ? 755 VAL A CG1 1 
ATOM   816  C CG2 . VAL A 1 113 ? -2.57670  -9.97754  2.89665   1.000 17.40513 ? 755 VAL A CG2 1 
ATOM   817  N N   . LEU A 1 114 ? 1.15295   -8.44665  0.78524   1.000 18.42309 ? 756 LEU A N   1 
ATOM   818  C CA  . LEU A 1 114 ? 1.99213   -7.93368  -0.29049  1.000 20.46499 ? 756 LEU A CA  1 
ATOM   819  C C   . LEU A 1 114 ? 3.18392   -8.84484  -0.53690  1.000 23.83260 ? 756 LEU A C   1 
ATOM   820  O O   . LEU A 1 114 ? 3.45361   -9.24582  -1.67529  1.000 23.76919 ? 756 LEU A O   1 
ATOM   821  C CB  . LEU A 1 114 ? 2.47408   -6.52242  0.05834   1.000 20.31981 ? 756 LEU A CB  1 
ATOM   822  C CG  . LEU A 1 114 ? 3.62064   -5.97576  -0.79454  1.000 21.57708 ? 756 LEU A CG  1 
ATOM   823  C CD1 . LEU A 1 114 ? 3.14355   -5.51770  -2.16337  1.000 21.55487 ? 756 LEU A CD1 1 
ATOM   824  C CD2 . LEU A 1 114 ? 4.30854   -4.83664  -0.06983  1.000 21.92884 ? 756 LEU A CD2 1 
ATOM   825  N N   . LEU A 1 115 ? 3.91264   -9.17514  0.52774   1.000 19.00274 ? 757 LEU A N   1 
ATOM   826  C CA  . LEU A 1 115 ? 5.10651   -9.99971  0.38549   1.000 22.26875 ? 757 LEU A CA  1 
ATOM   827  C C   . LEU A 1 115 ? 4.75258   -11.41387 -0.05599  1.000 24.35619 ? 757 LEU A C   1 
ATOM   828  O O   . LEU A 1 115 ? 5.45274   -11.99648 -0.88928  1.000 24.64060 ? 757 LEU A O   1 
ATOM   829  C CB  . LEU A 1 115 ? 5.87712   -10.02658 1.70149   1.000 24.27740 ? 757 LEU A CB  1 
ATOM   830  C CG  . LEU A 1 115 ? 6.28422   -8.63420  2.18908   1.000 28.93082 ? 757 LEU A CG  1 
ATOM   831  C CD1 . LEU A 1 115 ? 6.88761   -8.72503  3.57807   1.000 25.54233 ? 757 LEU A CD1 1 
ATOM   832  C CD2 . LEU A 1 115 ? 7.24852   -7.96304  1.20550   1.000 27.89801 ? 757 LEU A CD2 1 
ATOM   833  N N   . GLU A 1 116 ? 3.68130   -11.98446 0.50135   1.000 22.02876 ? 758 GLU A N   1 
ATOM   834  C CA  . GLU A 1 116 ? 3.23945   -13.31142 0.06920   1.000 26.15141 ? 758 GLU A CA  1 
ATOM   835  C C   . GLU A 1 116 ? 2.82646   -13.30882 -1.39552  1.000 29.42686 ? 758 GLU A C   1 
ATOM   836  O O   . GLU A 1 116 ? 3.01786   -14.30480 -2.10211  1.000 31.75092 ? 758 GLU A O   1 
ATOM   837  C CB  . GLU A 1 116 ? 2.08392   -13.80643 0.94236   1.000 23.03239 ? 758 GLU A CB  1 
ATOM   838  C CG  . GLU A 1 116 ? 2.50996   -14.25990 2.33417   1.000 25.40191 ? 758 GLU A CG  1 
ATOM   839  C CD  . GLU A 1 116 ? 1.32752   -14.54805 3.25074   1.000 38.26953 ? 758 GLU A CD  1 
ATOM   840  O OE1 . GLU A 1 116 ? 0.17144   -14.37822 2.80030   1.000 44.43081 ? 758 GLU A OE1 1 
ATOM   841  O OE2 . GLU A 1 116 ? 1.55038   -14.94589 4.41948   1.000 38.51803 ? 758 GLU A OE2 1 
ATOM   842  N N   . THR A 1 117 ? 2.25065   -12.20159 -1.87154  1.000 33.18033 ? 759 THR A N   1 
ATOM   843  C CA  . THR A 1 117 ? 1.87752   -12.11949 -3.27828  1.000 26.76396 ? 759 THR A CA  1 
ATOM   844  C C   . THR A 1 117 ? 3.10745   -12.02753 -4.17415  1.000 35.11055 ? 759 THR A C   1 
ATOM   845  O O   . THR A 1 117 ? 3.17905   -12.70547 -5.20419  1.000 41.07825 ? 759 THR A O   1 
ATOM   846  C CB  . THR A 1 117 ? 0.95882   -10.92913 -3.52363  1.000 22.38925 ? 759 THR A CB  1 
ATOM   847  O OG1 . THR A 1 117 ? -0.22038  -11.06159 -2.72617  1.000 22.40083 ? 759 THR A OG1 1 
ATOM   848  C CG2 . THR A 1 117 ? 0.54828   -10.88785 -4.98930  1.000 28.32559 ? 759 THR A CG2 1 
ATOM   849  N N   . ARG A 1 118 ? 4.08367   -11.19452 -3.80781  1.000 30.57628 ? 760 ARG A N   1 
ATOM   850  C CA  . ARG A 1 118 ? 5.30962   -11.12679 -4.59543  1.000 36.29929 ? 760 ARG A CA  1 
ATOM   851  C C   . ARG A 1 118 ? 6.02569   -12.47211 -4.61243  1.000 41.71618 ? 760 ARG A C   1 
ATOM   852  O O   . ARG A 1 118 ? 6.52952   -12.90010 -5.65849  1.000 39.67663 ? 760 ARG A O   1 
ATOM   853  C CB  . ARG A 1 118 ? 6.23882   -10.04276 -4.05494  1.000 35.25215 ? 760 ARG A CB  1 
ATOM   854  C CG  . ARG A 1 118 ? 7.55915   -9.95621  -4.82258  1.000 40.20921 ? 760 ARG A CG  1 
ATOM   855  C CD  . ARG A 1 118 ? 8.56435   -9.04511  -4.13492  1.000 50.52111 ? 760 ARG A CD  1 
ATOM   856  N NE  . ARG A 1 118 ? 8.95156   -9.55099  -2.81959  1.000 55.54597 ? 760 ARG A NE  1 
ATOM   857  C CZ  . ARG A 1 118 ? 9.60390   -8.83662  -1.90576  1.000 60.85792 ? 760 ARG A CZ  1 
ATOM   858  N NH1 . ARG A 1 118 ? 9.94202   -7.57405  -2.15996  1.000 53.77174 ? 760 ARG A NH1 1 
ATOM   859  N NH2 . ARG A 1 118 ? 9.91405   -9.38309  -0.73443  1.000 59.58312 ? 760 ARG A NH2 1 
ATOM   860  N N   . ARG A 1 119 ? 6.07651   -13.15385 -3.46068  1.000 35.83040 ? 761 ARG A N   1 
ATOM   861  C CA  . ARG A 1 119 ? 6.73108   -14.45610 -3.39626  1.000 41.97967 ? 761 ARG A CA  1 
ATOM   862  C C   . ARG A 1 119 ? 6.04319   -15.46492 -4.30787  1.000 43.01592 ? 761 ARG A C   1 
ATOM   863  O O   . ARG A 1 119 ? 6.71174   -16.20952 -5.03524  1.000 43.88583 ? 761 ARG A O   1 
ATOM   864  C CB  . ARG A 1 119 ? 6.75744   -14.97032 -1.95660  1.000 32.55592 ? 761 ARG A CB  1 
ATOM   865  N N   . ASP A 1 120 ? 4.70567   -15.50153 -4.28928  1.000 45.68628 ? 762 ASP A N   1 
ATOM   866  C CA  . ASP A 1 120 ? 3.97976   -16.47862 -5.09686  1.000 40.37243 ? 762 ASP A CA  1 
ATOM   867  C C   . ASP A 1 120 ? 4.16693   -16.25107 -6.58847  1.000 44.34535 ? 762 ASP A C   1 
ATOM   868  O O   . ASP A 1 120 ? 3.99804   -17.19057 -7.37045  1.000 56.38747 ? 762 ASP A O   1 
ATOM   869  C CB  . ASP A 1 120 ? 2.48411   -16.46187 -4.76604  1.000 36.70590 ? 762 ASP A CB  1 
ATOM   870  C CG  . ASP A 1 120 ? 2.17189   -17.10851 -3.43200  1.000 37.94278 ? 762 ASP A CG  1 
ATOM   871  O OD1 . ASP A 1 120 ? 3.08274   -17.72487 -2.84595  1.000 49.18048 ? 762 ASP A OD1 1 
ATOM   872  O OD2 . ASP A 1 120 ? 1.01420   -17.00796 -2.97074  1.000 43.60965 ? 762 ASP A OD2 1 
ATOM   873  N N   . LEU A 1 121 ? 4.50350   -15.03762 -7.00265  1.000 38.93710 ? 763 LEU A N   1 
ATOM   874  C CA  . LEU A 1 121 ? 4.75425   -14.74276 -8.40568  1.000 48.62653 ? 763 LEU A CA  1 
ATOM   875  C C   . LEU A 1 121 ? 6.20710   -14.95377 -8.80666  1.000 54.37422 ? 763 LEU A C   1 
ATOM   876  O O   . LEU A 1 121 ? 6.55760   -14.68601 -9.95995  1.000 59.51696 ? 763 LEU A O   1 
ATOM   877  C CB  . LEU A 1 121 ? 4.34619   -13.29940 -8.73309  1.000 39.13087 ? 763 LEU A CB  1 
ATOM   878  C CG  . LEU A 1 121 ? 2.88294   -12.94530 -8.46566  1.000 44.07745 ? 763 LEU A CG  1 
ATOM   879  C CD1 . LEU A 1 121 ? 2.52541   -11.58290 -9.04441  1.000 41.06126 ? 763 LEU A CD1 1 
ATOM   880  C CD2 . LEU A 1 121 ? 1.97571   -14.02503 -9.01317  1.000 49.23068 ? 763 LEU A CD2 1 
ATOM   881  N N   . GLU A 1 122 ? 7.06083   -15.40277 -7.89327  1.000 53.02712 ? 764 GLU A N   1 
ATOM   882  C CA  . GLU A 1 122 ? 8.45389   -15.66029 -8.23886  1.000 60.49487 ? 764 GLU A CA  1 
ATOM   883  C C   . GLU A 1 122 ? 8.54679   -16.84920 -9.18010  1.000 60.02937 ? 764 GLU A C   1 
ATOM   884  O O   . GLU A 1 122 ? 8.39787   -17.98820 -8.74554  1.000 59.42687 ? 764 GLU A O   1 
ATOM   885  C CB  . GLU A 1 122 ? 9.29410   -15.92922 -6.99310  1.000 54.53233 ? 764 GLU A CB  1 
ATOM   886  C CG  . GLU A 1 122 ? 9.71444   -14.69782 -6.21235  1.000 58.88168 ? 764 GLU A CG  1 
ATOM   887  C CD  . GLU A 1 122 ? 10.69804  -15.04975 -5.10678  1.000 65.22806 ? 764 GLU A CD  1 
ATOM   888  O OE1 . GLU A 1 122 ? 11.26582  -16.16575 -5.15476  1.000 71.09327 ? 764 GLU A OE1 1 
ATOM   889  O OE2 . GLU A 1 122 ? 10.90965  -14.22093 -4.19753  1.000 60.61465 ? 764 GLU A OE2 1 
HETATM 890  C C4  . QP8 B 2 .   ? -3.78868  6.62733   4.64571   1.000 12.53520 ? 801 QP8 A C4  1 
HETATM 891  C C5  . QP8 B 2 .   ? -3.24082  6.29816   3.41779   1.000 14.68411 ? 801 QP8 A C5  1 
HETATM 892  C C6  . QP8 B 2 .   ? -3.66495  6.83597   7.13083   1.000 9.91822  ? 801 QP8 A C6  1 
HETATM 893  N N1  . QP8 B 2 .   ? -3.48871  6.64850   9.44641   1.000 13.49122 ? 801 QP8 A N1  1 
HETATM 894  C C7  . QP8 B 2 .   ? -4.60697  7.35035   9.62020   1.000 13.25441 ? 801 QP8 A C7  1 
HETATM 895  C C8  . QP8 B 2 .   ? -5.30451  7.88160   8.50792   1.000 12.03762 ? 801 QP8 A C8  1 
HETATM 896  N N2  . QP8 B 2 .   ? -6.40432  8.72174   8.74935   1.000 18.75071 ? 801 QP8 A N2  1 
HETATM 897  C C9  . QP8 B 2 .   ? -4.83106  7.59819   7.23154   1.000 12.18839 ? 801 QP8 A C9  1 
HETATM 898  C C10 . QP8 B 2 .   ? -7.29209  8.99234   7.62089   1.000 12.83145 ? 801 QP8 A C10 1 
HETATM 899  C C11 . QP8 B 2 .   ? -8.61010  9.54538   8.11643   1.000 13.17221 ? 801 QP8 A C11 1 
HETATM 900  C C12 . QP8 B 2 .   ? -7.39461  10.55792  10.02191  1.000 13.53200 ? 801 QP8 A C12 1 
HETATM 901  N N3  . QP8 B 2 .   ? -8.39788  10.72589  8.96673   1.000 19.81108 ? 801 QP8 A N3  1 
HETATM 902  C C13 . QP8 B 2 .   ? -6.11601  9.97938   9.44411   1.000 16.73114 ? 801 QP8 A C13 1 
HETATM 903  C C14 . QP8 B 2 .   ? -9.19229  11.80875  8.84788   1.000 21.10527 ? 801 QP8 A C14 1 
HETATM 904  C C15 . QP8 B 2 .   ? -9.58429  14.03910  9.84136   1.000 28.19376 ? 801 QP8 A C15 1 
HETATM 905  N N4  . QP8 B 2 .   ? -5.05002  7.42742   10.88484  1.000 9.45368  ? 801 QP8 A N4  1 
HETATM 906  O O   . QP8 B 2 .   ? -10.05272 11.90677  8.00576   1.000 22.75881 ? 801 QP8 A O   1 
HETATM 907  O O1  . QP8 B 2 .   ? -8.85650  12.74402  9.75325   1.000 24.14205 ? 801 QP8 A O1  1 
HETATM 908  C C18 . QP8 B 2 .   ? -9.46180  14.74560  8.50766   1.000 18.82888 ? 801 QP8 A C18 1 
HETATM 909  C C17 . QP8 B 2 .   ? -8.89639  14.82179  10.93831  1.000 21.53618 ? 801 QP8 A C17 1 
HETATM 910  C C16 . QP8 B 2 .   ? -11.03118 13.76741  10.19839  1.000 26.22951 ? 801 QP8 A C16 1 
HETATM 911  N N   . QP8 B 2 .   ? -3.01905  6.39237   8.21356   1.000 15.86595 ? 801 QP8 A N   1 
HETATM 912  C C3  . QP8 B 2 .   ? -3.05624  6.47973   5.82370   1.000 11.51596 ? 801 QP8 A C3  1 
HETATM 913  C C2  . QP8 B 2 .   ? -1.74198  5.99661   5.72733   1.000 16.69704 ? 801 QP8 A C2  1 
HETATM 914  O O2  . QP8 B 2 .   ? -0.96910  5.86943   6.84168   1.000 15.82914 ? 801 QP8 A O2  1 
HETATM 915  C C1  . QP8 B 2 .   ? -1.19793  5.66685   4.49018   1.000 15.97527 ? 801 QP8 A C1  1 
HETATM 916  C C   . QP8 B 2 .   ? -1.95445  5.81475   3.34036   1.000 18.93854 ? 801 QP8 A C   1 
HETATM 917  C C1  . EDO C 3 .   ? -10.98672 -13.25470 16.09697  1.000 44.47276 ? 802 EDO A C1  1 
HETATM 918  O O1  . EDO C 3 .   ? -12.05858 -14.13706 15.74804  1.000 51.78147 ? 802 EDO A O1  1 
HETATM 919  C C2  . EDO C 3 .   ? -11.13093 -11.93713 15.34031  1.000 54.70645 ? 802 EDO A C2  1 
HETATM 920  O O2  . EDO C 3 .   ? -11.96248 -11.03038 16.07465  1.000 46.56849 ? 802 EDO A O2  1 
HETATM 921  O O   . HOH D 4 .   ? 1.56450   7.68763   3.86091   1.000 17.31379 ? 901 HOH A O   1 
HETATM 922  O O   . HOH D 4 .   ? 10.27300  1.73509   -11.46563 1.000 53.56844 ? 902 HOH A O   1 
HETATM 923  O O   . HOH D 4 .   ? 10.05811  1.72032   0.73573   1.000 19.71812 ? 903 HOH A O   1 
HETATM 924  O O   . HOH D 4 .   ? -3.14019  20.68327  1.17901   1.000 28.67056 ? 904 HOH A O   1 
HETATM 925  O O   . HOH D 4 .   ? -7.69081  -5.01396  1.23576   1.000 15.60048 ? 905 HOH A O   1 
HETATM 926  O O   . HOH D 4 .   ? 0.94662   9.94907   15.44079  1.000 27.34485 ? 906 HOH A O   1 
HETATM 927  O O   . HOH D 4 .   ? -0.09234  -4.40607  16.76956  1.000 31.52752 ? 907 HOH A O   1 
HETATM 928  O O   . HOH D 4 .   ? -6.61520  17.39780  11.15727  1.000 25.11867 ? 908 HOH A O   1 
HETATM 929  O O   . HOH D 4 .   ? -8.63528  10.87574  2.30288   1.000 27.53611 ? 909 HOH A O   1 
HETATM 930  O O   . HOH D 4 .   ? 15.22721  -4.72436  -9.26743  1.000 50.79449 ? 910 HOH A O   1 
HETATM 931  O O   . HOH D 4 .   ? 4.23836   8.62583   15.69726  1.000 29.29062 ? 911 HOH A O   1 
HETATM 932  O O   . HOH D 4 .   ? -9.49118  -7.94439  10.67937  1.000 28.98908 ? 912 HOH A O   1 
HETATM 933  O O   . HOH D 4 .   ? -7.23541  7.57041   4.35118   1.000 15.89968 ? 913 HOH A O   1 
HETATM 934  O O   . HOH D 4 .   ? -13.41463 -7.30531  10.24410  1.000 19.99226 ? 914 HOH A O   1 
HETATM 935  O O   . HOH D 4 .   ? -5.93592  -10.44283 -2.16622  1.000 23.30423 ? 915 HOH A O   1 
HETATM 936  O O   . HOH D 4 .   ? -9.39566  18.14023  8.91814   1.000 31.62306 ? 916 HOH A O   1 
HETATM 937  O O   . HOH D 4 .   ? -12.34381 -7.33969  -2.41068  1.000 36.22501 ? 917 HOH A O   1 
HETATM 938  O O   . HOH D 4 .   ? -3.84993  16.65172  12.05057  1.000 24.44705 ? 918 HOH A O   1 
HETATM 939  O O   . HOH D 4 .   ? -14.58218 -11.38135 1.01291   1.000 20.19858 ? 919 HOH A O   1 
HETATM 940  O O   . HOH D 4 .   ? -4.05606  -10.11919 -7.74375  1.000 35.63767 ? 920 HOH A O   1 
HETATM 941  O O   . HOH D 4 .   ? -9.40186  -3.32109  -7.94645  1.000 40.20770 ? 921 HOH A O   1 
HETATM 942  O O   . HOH D 4 .   ? -5.14110  6.66653   -8.73376  1.000 38.35098 ? 922 HOH A O   1 
HETATM 943  O O   . HOH D 4 .   ? 1.77432   20.03761  8.41106   1.000 16.06953 ? 923 HOH A O   1 
HETATM 944  O O   . HOH D 4 .   ? 4.97061   -1.91890  8.16211   1.000 18.79089 ? 924 HOH A O   1 
HETATM 945  O O   . HOH D 4 .   ? -9.43954  -0.17215  6.04705   1.000 17.15424 ? 925 HOH A O   1 
HETATM 946  O O   . HOH D 4 .   ? -6.69289  -10.72651 8.10180   1.000 23.46967 ? 926 HOH A O   1 
HETATM 947  O O   . HOH D 4 .   ? -9.10342  -12.54717 9.09024   1.000 30.77320 ? 927 HOH A O   1 
HETATM 948  O O   . HOH D 4 .   ? -1.65549  -13.97938 0.76139   1.000 33.03288 ? 928 HOH A O   1 
HETATM 949  O O   . HOH D 4 .   ? -10.60514 -0.70028  -1.07688  1.000 17.52479 ? 929 HOH A O   1 
HETATM 950  O O   . HOH D 4 .   ? -5.42808  5.03552   14.88818  1.000 21.81942 ? 930 HOH A O   1 
HETATM 951  O O   . HOH D 4 .   ? -16.40895 -9.10188  1.31677   1.000 32.27046 ? 931 HOH A O   1 
HETATM 952  O O   . HOH D 4 .   ? 6.26295   0.01296   15.70478  1.000 23.13101 ? 932 HOH A O   1 
HETATM 953  O O   . HOH D 4 .   ? 3.87100   3.14224   16.26000  1.000 25.90848 ? 933 HOH A O   1 
HETATM 954  O O   . HOH D 4 .   ? 8.65291   6.00112   9.46968   1.000 23.09980 ? 934 HOH A O   1 
HETATM 955  O O   . HOH D 4 .   ? -16.86588 -15.32974 8.41849   1.000 28.08985 ? 935 HOH A O   1 
HETATM 956  O O   . HOH D 4 .   ? -0.20107  3.73810   -20.14109 1.000 46.35520 ? 936 HOH A O   1 
HETATM 957  O O   . HOH D 4 .   ? -6.44496  -6.62994  10.94679  1.000 28.38152 ? 937 HOH A O   1 
HETATM 958  O O   . HOH D 4 .   ? 2.18570   22.84633  4.59887   1.000 29.50635 ? 938 HOH A O   1 
HETATM 959  O O   . HOH D 4 .   ? 8.13018   8.28674   5.00149   1.000 23.40801 ? 939 HOH A O   1 
HETATM 960  O O   . HOH D 4 .   ? -8.89937  6.15428   1.73425   1.000 20.72248 ? 940 HOH A O   1 
HETATM 961  O O   . HOH D 4 .   ? -5.72663  -3.95806  20.11467  1.000 26.70853 ? 941 HOH A O   1 
HETATM 962  O O   . HOH D 4 .   ? -7.63058  20.18286  1.06715   1.000 39.59110 ? 942 HOH A O   1 
HETATM 963  O O   . HOH D 4 .   ? 8.13774   5.03518   6.97750   1.000 23.31257 ? 943 HOH A O   1 
HETATM 964  O O   . HOH D 4 .   ? 3.91321   18.20945  2.49142   1.000 27.08375 ? 944 HOH A O   1 
HETATM 965  O O   . HOH D 4 .   ? 7.32569   20.22827  5.84157   1.000 31.77166 ? 945 HOH A O   1 
HETATM 966  O O   . HOH D 4 .   ? -15.16988 -3.63265  3.78307   1.000 30.73240 ? 946 HOH A O   1 
HETATM 967  O O   . HOH D 4 .   ? -6.35787  -1.95297  -11.41429 1.000 43.34238 ? 947 HOH A O   1 
HETATM 968  O O   . HOH D 4 .   ? -0.34172  11.21742  -8.88183  1.000 46.50835 ? 948 HOH A O   1 
HETATM 969  O O   . HOH D 4 .   ? -6.97986  -9.74755  -6.52146  1.000 37.47851 ? 949 HOH A O   1 
HETATM 970  O O   . HOH D 4 .   ? -5.98556  11.48101  13.11454  1.000 29.47899 ? 950 HOH A O   1 
HETATM 971  O O   . HOH D 4 .   ? -2.78900  10.02778  -4.82254  1.000 40.18331 ? 951 HOH A O   1 
HETATM 972  O O   . HOH D 4 .   ? -3.22778  1.95456   22.21455  1.000 30.82654 ? 952 HOH A O   1 
HETATM 973  O O   . HOH D 4 .   ? -3.27909  -5.03027  20.60435  1.000 29.44865 ? 953 HOH A O   1 
HETATM 974  O O   . HOH D 4 .   ? -8.13269  -0.03124  -8.13530  1.000 49.72062 ? 954 HOH A O   1 
HETATM 975  O O   . HOH D 4 .   ? 9.73607   3.44689   5.70970   1.000 30.00532 ? 955 HOH A O   1 
HETATM 976  O O   . HOH D 4 .   ? -2.73122  8.93994   15.19189  1.000 34.30793 ? 956 HOH A O   1 
HETATM 977  O O   . HOH D 4 .   ? -3.53327  5.24409   16.71176  1.000 27.07584 ? 957 HOH A O   1 
HETATM 978  O O   . HOH D 4 .   ? -7.38355  2.58535   14.15574  1.000 23.23037 ? 958 HOH A O   1 
HETATM 979  O O   . HOH D 4 .   ? -11.92947 -1.20290  6.23183   1.000 23.64865 ? 959 HOH A O   1 
HETATM 980  O O   . HOH D 4 .   ? -8.76127  13.38278  1.09004   1.000 38.96890 ? 960 HOH A O   1 
HETATM 981  O O   . HOH D 4 .   ? 0.35252   -13.87207 -14.23752 1.000 49.06571 ? 961 HOH A O   1 
HETATM 982  O O   . HOH D 4 .   ? -1.16405  17.84136  0.39660   1.000 30.71185 ? 962 HOH A O   1 
HETATM 983  O O   . HOH D 4 .   ? 11.12368  -4.20624  -2.58333  1.000 35.05092 ? 963 HOH A O   1 
HETATM 984  O O   . HOH D 4 .   ? 9.01522   8.45683   7.92660   1.000 37.20480 ? 964 HOH A O   1 
HETATM 985  O O   . HOH D 4 .   ? -4.64447  5.43956   -11.34116 1.000 47.85824 ? 965 HOH A O   1 
HETATM 986  O O   . HOH D 4 .   ? 6.60141   -18.17941 -11.63176 1.000 58.96770 ? 966 HOH A O   1 
HETATM 987  O O   . HOH D 4 .   ? 10.14392  3.40521   -6.27170  1.000 36.16545 ? 967 HOH A O   1 
HETATM 988  O O   . HOH D 4 .   ? -2.56021  10.07478  -7.19637  1.000 43.26408 ? 968 HOH A O   1 
HETATM 989  O O   . HOH D 4 .   ? 0.35004   -3.49419  25.71026  1.000 35.33772 ? 969 HOH A O   1 
HETATM 990  O O   . HOH D 4 .   ? 1.82321   1.33626   24.08424  1.000 41.43255 ? 970 HOH A O   1 
HETATM 991  O O   . HOH D 4 .   ? -10.91362 13.60253  3.93703   1.000 39.23659 ? 971 HOH A O   1 
HETATM 992  O O   . HOH D 4 .   ? 10.69439  3.90600   -0.55197  1.000 35.22286 ? 972 HOH A O   1 
HETATM 993  O O   . HOH D 4 .   ? -15.12436 -15.10976 11.30419  1.000 43.41641 ? 973 HOH A O   1 
HETATM 994  O O   . HOH D 4 .   ? -8.36731  17.91324  -0.56530  1.000 36.05927 ? 974 HOH A O   1 
HETATM 995  O O   . HOH D 4 .   ? 3.53919   16.04278  14.74408  1.000 37.08702 ? 975 HOH A O   1 
HETATM 996  O O   . HOH D 4 .   ? -7.94884  -14.93204 10.10904  1.000 40.53257 ? 976 HOH A O   1 
HETATM 997  O O   . HOH D 4 .   ? 0.59663   -5.32730  19.23180  1.000 25.45051 ? 977 HOH A O   1 
HETATM 998  O O   . HOH D 4 .   ? -1.18986  23.64749  4.13641   1.000 44.47859 ? 978 HOH A O   1 
HETATM 999  O O   . HOH D 4 .   ? -13.32916 -0.53224  0.08779   1.000 30.79788 ? 979 HOH A O   1 
HETATM 1000 O O   . HOH D 4 .   ? -9.83222  -10.86761 11.59141  1.000 28.93439 ? 980 HOH A O   1 
HETATM 1001 O O   . HOH D 4 .   ? 16.86486  8.32992   6.94304   1.000 48.22261 ? 981 HOH A O   1 
HETATM 1002 O O   . HOH D 4 .   ? 10.62406  7.40672   4.42325   1.000 36.72235 ? 982 HOH A O   1 
# 
